data_8EUR
#
_entry.id   8EUR
#
_cell.length_a   136.332
_cell.length_b   178.952
_cell.length_c   180.571
_cell.angle_alpha   90.000
_cell.angle_beta   90.000
_cell.angle_gamma   90.000
#
_symmetry.space_group_name_H-M   'I 2 2 2'
#
loop_
_entity.id
_entity.type
_entity.pdbx_description
1 polymer 'Chaetomium alpha glucosidase'
2 non-polymer '2-{[2-nitro-4-(triazan-1-yl)phenyl]amino}ethyl (2-{[(1S,2S,3R,4S,5S)-2,3,4,5-tetrahydroxy-5-(hydroxymethyl)cyclohexyl]amino}ethyl)carbamate'
3 non-polymer GLYCEROL
4 non-polymer 'SULFATE ION'
5 non-polymer 2-[BIS-(2-HYDROXY-ETHYL)-AMINO]-2-HYDROXYMETHYL-PROPANE-1,3-DIOL
6 water water
#
_entity_poly.entity_id   1
_entity_poly.type   'polypeptide(L)'
_entity_poly.pdbx_seq_one_letter_code
;MGILPSPGMPALLSLVSLLSVLLMGCVAETGVEGESILHSEIGRLNNQSLLWGPYRPNIYFGTRPRIGKSLMTGLMWGKI
ESYTDFQHTVRYTCEQNEGMKGYGWDEYDPRRGGIQSIHDIQNGLDITTSFVKIPGGAHGGSWAARIKGTLNDDAPKDQK
TIVVFYVSQEGENSELEAVPSENEFGYEGDVILKGRSEALGNYKLVVTKGKGVIPQSDHDLSRLRGPGQTVVQSLTYPDE
VLWQAKPILFQQLKAGIDWLVENKYDVADPPPPWQVYLLANKPGSGNVHIVQKVFEGDFEFDILFSSESAGKEVTSKDLE
REVKQATEVFGERFARVFDLKAPFQGDNYKKFGKSMFSNLIGGIGYFYGHSLVDRSYAPEYDEENEGFWEDAAEARARHQ
EALEGPYELFTSIPSRPFFPRGFLWDEGFHLLPIADWDIDLALEIIKSWYNLMDEDGWIAREQILGAEARSKVPKEFQTQ
YPHYANPPTLFLVLDNFVERLRKNNASQPVVKDNLSLDETLSTASVDNPEVGLEYLRRLYPLLRRQFDWFRKTQAGDIKS
YDREAYSTKEAYRWRGRTVSHCLTSGLDDYPRPQPPHPGELHVDLMSWVGVMVKSLISIGSLLGATEDVEFYTKVLDAIE
HNLDDLHWSEKEGCYCDATIDEFEEHKLVCHKGYISLFPFLTGLLKPDSPKLGKLLALIGDESELWSPYGLRSLSKKDEF
YGTAENYWRSPVWININYLAIVQLYNIATQDGPYKETARDLYTRLRKNIVETVYRNWEETGFAWEQYNPETGKGQRTQHF
TGWTSLVVKIMSGHHHHHH
;
_entity_poly.pdbx_strand_id   A,B
#
loop_
_chem_comp.id
_chem_comp.type
_chem_comp.name
_chem_comp.formula
BTB non-polymer 2-[BIS-(2-HYDROXY-ETHYL)-AMINO]-2-HYDROXYMETHYL-PROPANE-1,3-DIOL 'C8 H19 N O5'
GOL non-polymer GLYCEROL 'C3 H8 O3'
SO4 non-polymer 'SULFATE ION' 'O4 S -2'
WAS non-polymer '2-{[2-nitro-4-(triazan-1-yl)phenyl]amino}ethyl (2-{[(1S,2S,3R,4S,5S)-2,3,4,5-tetrahydroxy-5-(hydroxymethyl)cyclohexyl]amino}ethyl)carbamate' 'C18 H31 N7 O9'
#
# COMPACT_ATOMS: atom_id res chain seq x y z
N LEU A 38 12.63 -17.01 28.56
CA LEU A 38 12.58 -18.41 27.97
C LEU A 38 11.72 -18.45 26.70
N HIS A 39 10.77 -17.51 26.56
CA HIS A 39 10.02 -17.37 25.32
C HIS A 39 10.96 -17.01 24.18
N SER A 40 11.81 -15.98 24.40
CA SER A 40 12.81 -15.50 23.46
C SER A 40 13.85 -16.58 23.15
N GLU A 41 14.15 -17.42 24.15
CA GLU A 41 15.07 -18.52 23.98
C GLU A 41 14.52 -19.54 22.96
N ILE A 42 13.24 -19.91 23.11
CA ILE A 42 12.61 -20.91 22.26
C ILE A 42 12.46 -20.38 20.83
N GLY A 43 12.08 -19.11 20.71
CA GLY A 43 12.03 -18.42 19.44
C GLY A 43 13.35 -18.47 18.66
N ARG A 44 14.49 -18.27 19.35
CA ARG A 44 15.81 -18.30 18.73
C ARG A 44 16.17 -19.74 18.31
N LEU A 45 15.74 -20.73 19.11
CA LEU A 45 16.06 -22.12 18.82
C LEU A 45 15.27 -22.59 17.60
N ASN A 46 14.03 -22.09 17.49
CA ASN A 46 13.12 -22.39 16.39
C ASN A 46 13.65 -21.76 15.11
N ASN A 47 14.14 -20.52 15.24
CA ASN A 47 14.72 -19.77 14.12
C ASN A 47 15.84 -20.61 13.53
N GLN A 48 16.71 -21.14 14.41
CA GLN A 48 17.94 -21.81 14.03
C GLN A 48 17.61 -23.18 13.44
N SER A 49 16.57 -23.80 13.99
CA SER A 49 16.13 -25.12 13.56
C SER A 49 15.54 -25.10 12.15
N LEU A 50 14.75 -24.05 11.83
CA LEU A 50 13.93 -24.08 10.64
C LEU A 50 14.57 -23.36 9.46
N LEU A 51 15.80 -22.84 9.63
CA LEU A 51 16.31 -21.82 8.72
C LEU A 51 16.52 -22.41 7.32
N TRP A 52 17.15 -23.56 7.24
CA TRP A 52 17.43 -24.22 5.97
C TRP A 52 16.31 -25.21 5.65
N GLY A 53 16.01 -25.33 4.36
CA GLY A 53 15.05 -26.32 3.90
C GLY A 53 15.04 -26.41 2.38
N PRO A 54 14.33 -27.38 1.80
CA PRO A 54 14.08 -27.39 0.36
C PRO A 54 12.83 -26.55 0.18
N TYR A 55 12.93 -25.27 0.53
CA TYR A 55 11.77 -24.38 0.63
C TYR A 55 11.42 -23.77 -0.72
N ARG A 56 11.61 -24.55 -1.79
CA ARG A 56 11.29 -24.12 -3.14
C ARG A 56 10.31 -25.09 -3.77
N PRO A 57 9.12 -25.29 -3.16
CA PRO A 57 8.19 -26.27 -3.70
C PRO A 57 7.81 -26.11 -5.17
N ASN A 58 8.05 -24.94 -5.77
CA ASN A 58 7.67 -24.70 -7.16
C ASN A 58 8.60 -25.45 -8.11
N ILE A 59 9.72 -25.99 -7.58
CA ILE A 59 10.61 -26.75 -8.45
C ILE A 59 10.80 -28.15 -7.88
N TYR A 60 11.17 -29.10 -8.78
CA TYR A 60 11.32 -30.49 -8.36
C TYR A 60 12.26 -30.52 -7.17
N PHE A 61 13.39 -29.83 -7.29
CA PHE A 61 14.38 -29.90 -6.24
C PHE A 61 15.28 -28.67 -6.19
N GLY A 62 15.42 -28.14 -4.97
CA GLY A 62 16.18 -26.94 -4.72
C GLY A 62 16.08 -26.58 -3.25
N THR A 63 17.07 -25.81 -2.78
CA THR A 63 17.13 -25.34 -1.40
C THR A 63 17.26 -23.82 -1.39
N ARG A 64 16.73 -23.20 -0.31
CA ARG A 64 16.98 -21.82 0.06
C ARG A 64 16.69 -21.69 1.56
N PRO A 65 17.29 -20.73 2.26
CA PRO A 65 17.03 -20.51 3.67
C PRO A 65 15.92 -19.49 3.85
N ARG A 66 15.34 -19.37 5.06
CA ARG A 66 14.34 -18.36 5.29
C ARG A 66 15.02 -17.00 5.47
N ILE A 67 15.57 -16.48 4.36
CA ILE A 67 16.14 -15.14 4.25
C ILE A 67 15.82 -14.64 2.84
N GLY A 68 15.21 -13.46 2.75
CA GLY A 68 14.82 -12.92 1.46
C GLY A 68 15.91 -12.93 0.38
N LYS A 69 17.12 -12.43 0.70
CA LYS A 69 18.17 -12.27 -0.29
C LYS A 69 19.42 -13.02 0.17
N SER A 70 19.63 -14.22 -0.41
CA SER A 70 20.58 -15.20 0.09
C SER A 70 20.94 -16.24 -1.00
N LEU A 71 21.39 -17.41 -0.56
CA LEU A 71 21.88 -18.46 -1.44
C LEU A 71 20.71 -19.38 -1.79
N MET A 72 20.58 -19.72 -3.09
CA MET A 72 19.55 -20.62 -3.60
C MET A 72 20.14 -21.65 -4.57
N THR A 73 19.63 -22.88 -4.51
CA THR A 73 20.12 -23.94 -5.39
C THR A 73 18.94 -24.51 -6.17
N GLY A 74 19.22 -25.11 -7.34
CA GLY A 74 18.19 -25.80 -8.11
C GLY A 74 18.74 -26.96 -8.95
N LEU A 75 17.92 -28.01 -9.12
CA LEU A 75 18.29 -29.17 -9.92
C LEU A 75 17.61 -29.13 -11.29
N MET A 76 18.37 -29.38 -12.36
CA MET A 76 17.82 -29.59 -13.68
C MET A 76 18.40 -30.88 -14.27
N TRP A 77 17.60 -31.59 -15.07
CA TRP A 77 18.07 -32.78 -15.77
C TRP A 77 17.25 -32.94 -17.05
N GLY A 78 17.82 -33.65 -18.03
CA GLY A 78 17.10 -34.03 -19.23
C GLY A 78 17.95 -34.98 -20.08
N LYS A 79 17.33 -35.98 -20.73
CA LYS A 79 18.04 -36.81 -21.68
C LYS A 79 18.39 -35.96 -22.90
N ILE A 80 19.47 -36.33 -23.61
CA ILE A 80 19.85 -35.73 -24.87
C ILE A 80 20.12 -36.82 -25.92
N GLU A 81 19.32 -36.82 -26.98
CA GLU A 81 19.32 -37.89 -27.97
C GLU A 81 19.59 -37.29 -29.35
N SER A 82 19.40 -35.97 -29.49
CA SER A 82 19.49 -35.29 -30.77
C SER A 82 20.01 -33.88 -30.55
N TYR A 83 20.06 -33.10 -31.63
CA TYR A 83 20.67 -31.79 -31.60
C TYR A 83 19.66 -30.76 -31.05
N THR A 84 18.38 -31.16 -30.94
CA THR A 84 17.35 -30.17 -30.65
C THR A 84 16.37 -30.63 -29.56
N ASP A 85 16.66 -31.74 -28.89
CA ASP A 85 15.71 -32.37 -28.00
C ASP A 85 15.84 -31.82 -26.56
N PHE A 86 17.07 -31.54 -26.12
CA PHE A 86 17.30 -31.20 -24.71
C PHE A 86 16.39 -30.07 -24.26
N GLN A 87 16.24 -29.02 -25.09
CA GLN A 87 15.41 -27.88 -24.71
C GLN A 87 13.97 -28.32 -24.39
N HIS A 88 13.49 -29.43 -24.94
CA HIS A 88 12.15 -29.90 -24.65
C HIS A 88 12.16 -30.94 -23.52
N THR A 89 13.32 -31.51 -23.22
CA THR A 89 13.33 -32.63 -22.31
C THR A 89 13.64 -32.17 -20.89
N VAL A 90 14.35 -31.04 -20.77
CA VAL A 90 14.96 -30.65 -19.51
C VAL A 90 13.85 -30.31 -18.49
N ARG A 91 14.05 -30.73 -17.25
CA ARG A 91 13.11 -30.53 -16.17
C ARG A 91 13.66 -29.51 -15.18
N TYR A 92 12.77 -28.63 -14.65
CA TYR A 92 13.10 -27.66 -13.62
C TYR A 92 11.90 -27.32 -12.75
N THR A 93 10.97 -26.50 -13.24
CA THR A 93 9.80 -26.19 -12.44
C THR A 93 8.81 -27.35 -12.51
N CYS A 94 8.02 -27.54 -11.44
CA CYS A 94 7.03 -28.61 -11.35
C CYS A 94 5.89 -28.50 -12.36
N GLU A 95 5.54 -29.63 -12.99
CA GLU A 95 4.43 -29.71 -13.93
C GLU A 95 3.75 -31.06 -13.75
N GLN A 96 2.61 -31.23 -14.41
CA GLN A 96 1.97 -32.54 -14.44
C GLN A 96 1.33 -32.70 -15.80
N ASN A 97 1.89 -33.63 -16.60
CA ASN A 97 1.39 -34.00 -17.92
C ASN A 97 1.66 -35.49 -18.15
N GLU A 98 1.39 -35.98 -19.38
CA GLU A 98 1.47 -37.40 -19.71
C GLU A 98 2.90 -37.93 -19.61
N GLY A 99 3.89 -37.03 -19.70
CA GLY A 99 5.31 -37.38 -19.68
C GLY A 99 5.90 -37.62 -18.29
N MET A 100 5.18 -37.18 -17.24
CA MET A 100 5.61 -37.33 -15.86
C MET A 100 4.63 -38.24 -15.14
N LYS A 101 5.07 -39.44 -14.75
CA LYS A 101 4.20 -40.38 -14.07
C LYS A 101 3.78 -39.85 -12.69
N GLY A 102 4.77 -39.44 -11.88
CA GLY A 102 4.48 -38.97 -10.55
C GLY A 102 5.74 -38.48 -9.85
N TYR A 103 5.54 -37.82 -8.69
CA TYR A 103 6.62 -37.30 -7.88
C TYR A 103 6.03 -36.84 -6.55
N GLY A 104 6.88 -36.79 -5.52
CA GLY A 104 6.49 -36.42 -4.18
C GLY A 104 7.46 -36.95 -3.12
N TRP A 105 7.23 -36.54 -1.87
CA TRP A 105 8.13 -36.84 -0.77
C TRP A 105 7.67 -38.13 -0.11
N ASP A 106 8.59 -39.06 0.08
CA ASP A 106 8.27 -40.32 0.73
C ASP A 106 8.25 -40.11 2.25
N GLU A 107 9.22 -39.35 2.75
CA GLU A 107 9.25 -38.91 4.13
C GLU A 107 9.73 -37.47 4.13
N TYR A 108 9.24 -36.68 5.06
CA TYR A 108 9.79 -35.34 5.19
C TYR A 108 9.44 -34.77 6.56
N ASP A 109 10.45 -34.14 7.19
CA ASP A 109 10.28 -33.30 8.36
C ASP A 109 11.18 -32.09 8.13
N PRO A 110 10.62 -30.88 8.12
CA PRO A 110 11.38 -29.69 7.77
C PRO A 110 12.56 -29.45 8.69
N ARG A 111 12.53 -30.03 9.91
CA ARG A 111 13.63 -29.88 10.88
C ARG A 111 14.79 -30.81 10.53
N ARG A 112 14.52 -31.92 9.85
CA ARG A 112 15.50 -32.97 9.62
C ARG A 112 15.79 -33.14 8.13
N GLY A 113 14.74 -33.04 7.28
CA GLY A 113 14.83 -33.32 5.86
C GLY A 113 13.99 -34.52 5.45
N GLY A 114 14.35 -35.18 4.35
CA GLY A 114 13.65 -36.39 3.91
C GLY A 114 14.10 -36.87 2.53
N ILE A 115 13.21 -37.61 1.85
CA ILE A 115 13.50 -38.27 0.59
C ILE A 115 12.36 -38.03 -0.39
N GLN A 116 12.72 -37.72 -1.64
CA GLN A 116 11.73 -37.43 -2.68
C GLN A 116 11.96 -38.39 -3.86
N SER A 117 10.87 -38.84 -4.46
CA SER A 117 10.85 -39.76 -5.61
C SER A 117 10.23 -39.07 -6.80
N ILE A 118 10.99 -39.05 -7.89
CA ILE A 118 10.51 -38.49 -9.14
C ILE A 118 10.51 -39.60 -10.19
N HIS A 119 9.35 -39.80 -10.84
CA HIS A 119 9.15 -40.83 -11.85
C HIS A 119 8.84 -40.15 -13.17
N ASP A 120 9.86 -40.09 -14.04
CA ASP A 120 9.83 -39.30 -15.26
C ASP A 120 9.80 -40.25 -16.47
N ILE A 121 8.63 -40.34 -17.14
CA ILE A 121 8.51 -41.24 -18.27
C ILE A 121 9.31 -40.69 -19.44
N GLN A 122 9.09 -39.40 -19.76
CA GLN A 122 9.75 -38.73 -20.87
C GLN A 122 11.25 -38.98 -20.86
N ASN A 123 11.89 -38.86 -19.70
CA ASN A 123 13.34 -38.90 -19.69
C ASN A 123 13.84 -40.26 -19.23
N GLY A 124 12.89 -41.21 -19.08
CA GLY A 124 13.10 -42.62 -18.78
C GLY A 124 13.84 -42.85 -17.47
N LEU A 125 13.57 -41.98 -16.49
CA LEU A 125 14.41 -41.89 -15.32
C LEU A 125 13.55 -41.93 -14.07
N ASP A 126 14.02 -42.68 -13.07
CA ASP A 126 13.53 -42.62 -11.71
C ASP A 126 14.59 -41.95 -10.85
N ILE A 127 14.22 -40.80 -10.26
CA ILE A 127 15.16 -39.97 -9.52
C ILE A 127 14.83 -39.93 -8.03
N THR A 128 15.90 -39.99 -7.23
CA THR A 128 15.83 -39.87 -5.79
C THR A 128 16.57 -38.61 -5.37
N THR A 129 15.97 -37.82 -4.46
CA THR A 129 16.68 -36.67 -3.92
C THR A 129 16.55 -36.74 -2.40
N SER A 130 17.67 -36.97 -1.71
CA SER A 130 17.65 -37.09 -0.26
C SER A 130 18.24 -35.81 0.27
N PHE A 131 17.65 -35.28 1.34
CA PHE A 131 18.10 -34.00 1.84
C PHE A 131 18.11 -34.06 3.35
N VAL A 132 19.18 -33.54 3.94
CA VAL A 132 19.33 -33.74 5.36
C VAL A 132 20.03 -32.53 5.98
N LYS A 133 19.63 -32.22 7.21
CA LYS A 133 20.15 -31.06 7.90
C LYS A 133 21.05 -31.50 9.06
N ILE A 134 22.23 -30.88 9.15
CA ILE A 134 23.10 -31.19 10.27
C ILE A 134 23.23 -29.91 11.08
N PRO A 135 22.58 -29.86 12.27
CA PRO A 135 22.68 -28.67 13.14
C PRO A 135 24.12 -28.45 13.57
N GLY A 136 24.40 -27.19 13.98
CA GLY A 136 25.73 -26.78 14.41
C GLY A 136 26.06 -25.37 13.92
N GLY A 137 26.92 -24.67 14.68
CA GLY A 137 27.41 -23.35 14.28
C GLY A 137 26.46 -22.23 14.70
N ALA A 138 26.54 -21.09 14.01
CA ALA A 138 25.72 -19.97 14.44
C ALA A 138 24.78 -19.51 13.33
N HIS A 139 24.72 -20.25 12.22
CA HIS A 139 24.18 -19.67 11.00
C HIS A 139 23.04 -20.53 10.44
N GLY A 140 22.56 -21.47 11.26
CA GLY A 140 21.37 -22.23 10.92
C GLY A 140 21.76 -23.60 10.42
N GLY A 141 23.03 -23.96 10.59
CA GLY A 141 23.41 -25.35 10.42
C GLY A 141 23.96 -25.59 9.02
N SER A 142 24.15 -26.87 8.74
CA SER A 142 24.64 -27.40 7.48
C SER A 142 23.51 -28.25 6.88
N TRP A 143 23.74 -28.70 5.63
CA TRP A 143 22.85 -29.64 4.98
C TRP A 143 23.59 -30.40 3.89
N ALA A 144 22.97 -31.48 3.43
CA ALA A 144 23.49 -32.22 2.29
C ALA A 144 22.35 -32.84 1.49
N ALA A 145 22.62 -33.06 0.20
CA ALA A 145 21.67 -33.76 -0.63
C ALA A 145 22.41 -34.80 -1.46
N ARG A 146 21.72 -35.91 -1.71
CA ARG A 146 22.15 -36.90 -2.67
C ARG A 146 21.12 -36.91 -3.78
N ILE A 147 21.62 -36.83 -5.02
CA ILE A 147 20.78 -36.94 -6.21
C ILE A 147 21.11 -38.26 -6.89
N LYS A 148 20.14 -39.15 -7.01
CA LYS A 148 20.38 -40.47 -7.61
C LYS A 148 19.43 -40.70 -8.80
N GLY A 149 20.00 -41.03 -9.97
CA GLY A 149 19.17 -41.26 -11.14
C GLY A 149 19.31 -42.69 -11.67
N THR A 150 18.19 -43.39 -11.85
CA THR A 150 18.18 -44.80 -12.25
C THR A 150 17.36 -44.93 -13.52
N LEU A 151 17.95 -45.41 -14.63
CA LEU A 151 17.18 -45.56 -15.85
C LEU A 151 16.06 -46.59 -15.62
N ASN A 152 14.85 -46.33 -16.14
CA ASN A 152 13.81 -47.34 -16.04
C ASN A 152 14.06 -48.39 -17.12
N ASP A 153 13.14 -49.35 -17.23
CA ASP A 153 13.27 -50.47 -18.16
C ASP A 153 13.17 -50.05 -19.63
N ASP A 154 12.47 -48.95 -19.94
CA ASP A 154 12.21 -48.56 -21.32
C ASP A 154 13.41 -47.83 -21.92
N ALA A 155 14.27 -47.29 -21.05
CA ALA A 155 15.35 -46.40 -21.47
C ALA A 155 16.44 -47.18 -22.21
N PRO A 156 16.98 -46.64 -23.31
CA PRO A 156 18.22 -47.17 -23.89
C PRO A 156 19.29 -47.24 -22.80
N LYS A 157 19.99 -48.39 -22.69
CA LYS A 157 20.95 -48.64 -21.61
C LYS A 157 22.07 -47.59 -21.60
N ASP A 158 22.20 -46.87 -22.70
CA ASP A 158 23.32 -45.95 -22.90
C ASP A 158 22.81 -44.51 -23.07
N GLN A 159 21.59 -44.24 -22.59
CA GLN A 159 21.07 -42.89 -22.58
C GLN A 159 22.07 -41.89 -21.99
N LYS A 160 22.18 -40.76 -22.69
CA LYS A 160 22.89 -39.61 -22.17
C LYS A 160 21.91 -38.66 -21.49
N THR A 161 22.22 -38.33 -20.24
CA THR A 161 21.41 -37.45 -19.42
C THR A 161 22.31 -36.30 -18.98
N ILE A 162 21.87 -35.05 -19.22
CA ILE A 162 22.48 -33.84 -18.70
C ILE A 162 21.90 -33.51 -17.34
N VAL A 163 22.80 -33.23 -16.39
CA VAL A 163 22.38 -32.88 -15.04
C VAL A 163 23.06 -31.57 -14.68
N VAL A 164 22.29 -30.64 -14.11
CA VAL A 164 22.80 -29.32 -13.80
C VAL A 164 22.40 -29.02 -12.36
N PHE A 165 23.38 -28.54 -11.61
CA PHE A 165 23.10 -27.95 -10.32
C PHE A 165 23.38 -26.45 -10.44
N TYR A 166 22.35 -25.64 -10.15
CA TYR A 166 22.38 -24.19 -10.37
C TYR A 166 22.45 -23.49 -9.01
N VAL A 167 23.34 -22.50 -8.88
CA VAL A 167 23.56 -21.87 -7.59
C VAL A 167 23.58 -20.36 -7.79
N SER A 168 22.76 -19.65 -6.99
CA SER A 168 22.73 -18.21 -7.08
C SER A 168 22.80 -17.63 -5.68
N GLN A 169 23.28 -16.40 -5.60
CA GLN A 169 23.33 -15.63 -4.37
C GLN A 169 23.02 -14.16 -4.64
N GLU A 170 21.96 -13.68 -3.97
CA GLU A 170 21.60 -12.28 -3.93
C GLU A 170 22.15 -11.64 -2.65
N GLY A 171 22.37 -10.33 -2.72
CA GLY A 171 23.01 -9.55 -1.67
C GLY A 171 24.01 -8.56 -2.25
N GLU A 172 24.12 -7.38 -1.62
CA GLU A 172 25.08 -6.37 -2.07
C GLU A 172 26.52 -6.73 -1.66
N ASN A 173 26.71 -7.25 -0.44
CA ASN A 173 28.02 -7.38 0.17
C ASN A 173 28.41 -8.85 0.37
N SER A 174 28.10 -9.71 -0.61
CA SER A 174 28.32 -11.13 -0.42
C SER A 174 29.16 -11.66 -1.58
N GLU A 175 29.75 -12.86 -1.39
CA GLU A 175 30.69 -13.35 -2.38
C GLU A 175 30.57 -14.87 -2.49
N LEU A 176 30.88 -15.37 -3.71
CA LEU A 176 30.80 -16.78 -4.02
C LEU A 176 31.77 -17.11 -5.15
N GLU A 177 32.60 -18.14 -4.94
CA GLU A 177 33.67 -18.43 -5.89
C GLU A 177 33.88 -19.93 -6.07
N ALA A 178 33.94 -20.35 -7.33
CA ALA A 178 34.41 -21.69 -7.70
C ALA A 178 35.94 -21.76 -7.64
N VAL A 179 36.47 -22.62 -6.78
CA VAL A 179 37.89 -22.96 -6.83
C VAL A 179 38.13 -23.64 -8.16
N PRO A 180 39.04 -23.12 -9.02
CA PRO A 180 39.34 -23.74 -10.32
C PRO A 180 39.95 -25.14 -10.23
N SER A 181 39.90 -25.89 -11.33
CA SER A 181 40.32 -27.28 -11.30
C SER A 181 41.80 -27.39 -11.66
N GLU A 182 42.44 -28.50 -11.27
CA GLU A 182 43.81 -28.78 -11.70
C GLU A 182 43.83 -28.95 -13.23
N ASN A 183 42.84 -29.68 -13.77
CA ASN A 183 42.83 -30.12 -15.16
C ASN A 183 42.36 -28.99 -16.08
N GLU A 184 42.57 -29.17 -17.39
CA GLU A 184 42.51 -28.06 -18.32
C GLU A 184 41.06 -27.60 -18.54
N PHE A 185 40.15 -28.57 -18.66
CA PHE A 185 38.93 -28.39 -19.43
C PHE A 185 37.69 -28.53 -18.55
N GLY A 186 37.93 -28.82 -17.26
CA GLY A 186 36.91 -29.12 -16.29
C GLY A 186 37.42 -29.93 -15.12
N TYR A 187 36.55 -30.72 -14.49
CA TYR A 187 36.85 -31.32 -13.20
C TYR A 187 36.83 -32.85 -13.30
N GLU A 188 37.91 -33.47 -12.79
CA GLU A 188 37.99 -34.92 -12.62
C GLU A 188 37.30 -35.31 -11.32
N GLY A 189 37.34 -34.41 -10.31
CA GLY A 189 36.77 -34.66 -8.99
C GLY A 189 35.67 -33.67 -8.57
N ASP A 190 35.75 -33.23 -7.31
CA ASP A 190 34.69 -32.47 -6.69
C ASP A 190 34.82 -31.00 -7.07
N VAL A 191 33.69 -30.29 -7.10
CA VAL A 191 33.65 -28.86 -7.34
C VAL A 191 33.38 -28.15 -6.00
N ILE A 192 34.24 -27.19 -5.65
CA ILE A 192 34.14 -26.52 -4.37
C ILE A 192 33.80 -25.07 -4.64
N LEU A 193 32.69 -24.61 -4.06
CA LEU A 193 32.41 -23.18 -4.12
C LEU A 193 32.59 -22.63 -2.71
N LYS A 194 33.35 -21.51 -2.64
CA LYS A 194 33.59 -20.78 -1.42
C LYS A 194 32.82 -19.46 -1.46
N GLY A 195 32.01 -19.22 -0.43
CA GLY A 195 31.20 -18.02 -0.36
C GLY A 195 31.18 -17.43 1.06
N ARG A 196 30.60 -16.23 1.15
CA ARG A 196 30.46 -15.53 2.40
C ARG A 196 29.30 -14.54 2.23
N SER A 197 28.52 -14.36 3.31
CA SER A 197 27.57 -13.28 3.42
C SER A 197 27.34 -12.93 4.91
N GLU A 198 26.69 -11.76 5.17
CA GLU A 198 26.32 -11.36 6.52
C GLU A 198 25.34 -12.34 7.14
N ALA A 199 24.39 -12.86 6.35
CA ALA A 199 23.37 -13.81 6.81
C ALA A 199 23.98 -15.18 7.17
N LEU A 200 24.92 -15.66 6.34
CA LEU A 200 25.34 -17.05 6.41
C LEU A 200 26.75 -17.20 6.95
N GLY A 201 27.49 -16.08 7.13
CA GLY A 201 28.91 -16.16 7.46
C GLY A 201 29.70 -16.84 6.34
N ASN A 202 30.75 -17.58 6.75
CA ASN A 202 31.59 -18.29 5.80
C ASN A 202 30.97 -19.68 5.55
N TYR A 203 31.00 -20.12 4.27
CA TYR A 203 30.50 -21.47 3.99
C TYR A 203 31.20 -22.04 2.76
N LYS A 204 31.09 -23.36 2.60
CA LYS A 204 31.49 -24.01 1.37
C LYS A 204 30.40 -24.99 0.93
N LEU A 205 30.15 -25.00 -0.38
CA LEU A 205 29.19 -25.84 -1.08
C LEU A 205 29.96 -26.71 -2.06
N VAL A 206 29.90 -28.03 -1.87
CA VAL A 206 30.68 -28.95 -2.68
C VAL A 206 29.71 -29.78 -3.54
N VAL A 207 29.99 -29.89 -4.85
CA VAL A 207 29.29 -30.84 -5.69
C VAL A 207 30.26 -31.97 -6.04
N THR A 208 29.99 -33.17 -5.50
CA THR A 208 30.95 -34.26 -5.54
C THR A 208 31.05 -34.82 -6.95
N LYS A 209 32.07 -35.68 -7.16
CA LYS A 209 32.40 -36.25 -8.45
C LYS A 209 31.28 -37.22 -8.85
N GLY A 210 30.91 -38.09 -7.90
CA GLY A 210 29.77 -38.97 -8.07
C GLY A 210 30.13 -40.27 -8.79
N LYS A 211 29.21 -41.25 -8.71
CA LYS A 211 29.33 -42.52 -9.40
C LYS A 211 28.57 -42.43 -10.73
N GLY A 212 29.15 -42.99 -11.79
CA GLY A 212 28.49 -43.22 -13.06
C GLY A 212 29.41 -42.98 -14.25
N VAL A 213 29.06 -43.58 -15.38
CA VAL A 213 29.90 -43.51 -16.56
C VAL A 213 29.77 -42.11 -17.12
N ILE A 214 30.93 -41.46 -17.30
CA ILE A 214 30.94 -40.18 -17.95
C ILE A 214 31.44 -40.36 -19.39
N PRO A 215 30.58 -40.11 -20.40
CA PRO A 215 30.91 -40.40 -21.80
C PRO A 215 32.08 -39.58 -22.32
N GLN A 216 32.78 -40.11 -23.34
CA GLN A 216 34.00 -39.52 -23.87
C GLN A 216 33.85 -39.36 -25.38
N SER A 217 34.32 -38.24 -25.92
CA SER A 217 34.17 -37.95 -27.33
C SER A 217 35.52 -38.08 -28.02
N ASP A 218 35.49 -38.64 -29.23
CA ASP A 218 36.68 -38.72 -30.03
C ASP A 218 36.75 -37.54 -31.00
N HIS A 219 35.89 -36.54 -30.83
CA HIS A 219 35.83 -35.50 -31.84
C HIS A 219 37.07 -34.58 -31.76
N ASP A 220 37.41 -33.98 -32.91
CA ASP A 220 38.32 -32.85 -32.95
C ASP A 220 38.07 -31.88 -31.81
N LEU A 221 36.79 -31.56 -31.58
CA LEU A 221 36.40 -30.57 -30.59
C LEU A 221 37.01 -30.84 -29.21
N SER A 222 37.27 -32.12 -28.89
CA SER A 222 37.82 -32.50 -27.59
C SER A 222 39.20 -31.88 -27.35
N ARG A 223 39.88 -31.46 -28.43
CA ARG A 223 41.18 -30.82 -28.30
C ARG A 223 40.97 -29.43 -27.67
N LEU A 224 39.81 -28.79 -27.88
CA LEU A 224 39.58 -27.47 -27.30
C LEU A 224 38.63 -27.53 -26.10
N ARG A 225 37.75 -28.53 -26.04
CA ARG A 225 36.72 -28.55 -25.00
C ARG A 225 36.89 -29.74 -24.04
N GLY A 226 37.96 -30.52 -24.23
CA GLY A 226 38.13 -31.75 -23.46
C GLY A 226 37.26 -32.89 -24.01
N PRO A 227 37.58 -34.15 -23.66
CA PRO A 227 36.81 -35.30 -24.13
C PRO A 227 35.48 -35.51 -23.42
N GLY A 228 35.28 -34.82 -22.29
CA GLY A 228 34.05 -34.90 -21.51
C GLY A 228 34.35 -35.01 -20.02
N GLN A 229 33.80 -34.07 -19.23
CA GLN A 229 34.12 -33.88 -17.82
C GLN A 229 33.13 -32.87 -17.23
N THR A 230 33.00 -32.89 -15.89
CA THR A 230 32.19 -31.94 -15.17
C THR A 230 32.72 -30.54 -15.42
N VAL A 231 31.81 -29.58 -15.62
CA VAL A 231 32.21 -28.21 -15.91
C VAL A 231 31.43 -27.22 -15.05
N VAL A 232 32.02 -26.04 -14.86
CA VAL A 232 31.47 -24.96 -14.07
C VAL A 232 31.59 -23.68 -14.86
N GLN A 233 30.47 -22.93 -14.95
CA GLN A 233 30.52 -21.53 -15.39
C GLN A 233 30.02 -20.64 -14.26
N SER A 234 30.84 -19.62 -13.96
CA SER A 234 30.56 -18.60 -12.96
C SER A 234 30.22 -17.29 -13.64
N LEU A 235 29.06 -16.69 -13.35
CA LEU A 235 28.55 -15.52 -14.06
C LEU A 235 28.02 -14.53 -13.05
N THR A 236 27.64 -13.34 -13.54
CA THR A 236 26.96 -12.34 -12.73
CA THR A 236 26.96 -12.35 -12.73
C THR A 236 25.85 -11.66 -13.54
N TYR A 237 24.66 -11.59 -12.92
CA TYR A 237 23.50 -10.87 -13.45
C TYR A 237 23.00 -9.92 -12.37
N PRO A 238 22.20 -8.89 -12.73
CA PRO A 238 21.55 -8.06 -11.71
C PRO A 238 20.72 -9.01 -10.84
N ASP A 239 20.87 -8.87 -9.53
CA ASP A 239 20.24 -9.71 -8.53
C ASP A 239 18.80 -10.15 -8.88
N GLU A 240 17.97 -9.26 -9.42
CA GLU A 240 16.55 -9.53 -9.48
C GLU A 240 16.19 -10.58 -10.51
N VAL A 241 17.13 -10.98 -11.38
CA VAL A 241 16.84 -11.99 -12.40
C VAL A 241 17.52 -13.33 -12.15
N LEU A 242 18.22 -13.49 -11.02
CA LEU A 242 18.97 -14.70 -10.70
C LEU A 242 18.04 -15.93 -10.69
N TRP A 243 16.75 -15.73 -10.46
CA TRP A 243 15.80 -16.82 -10.20
C TRP A 243 15.46 -17.48 -11.52
N GLN A 244 15.75 -16.80 -12.66
CA GLN A 244 15.38 -17.33 -13.96
C GLN A 244 16.46 -18.28 -14.50
N ALA A 245 16.58 -19.43 -13.82
CA ALA A 245 17.66 -20.36 -14.07
C ALA A 245 17.61 -20.93 -15.49
N LYS A 246 16.39 -21.16 -16.02
CA LYS A 246 16.32 -21.88 -17.28
C LYS A 246 16.85 -21.00 -18.41
N PRO A 247 16.32 -19.77 -18.54
CA PRO A 247 16.86 -18.84 -19.56
C PRO A 247 18.35 -18.54 -19.37
N ILE A 248 18.80 -18.38 -18.12
CA ILE A 248 20.21 -18.11 -17.91
C ILE A 248 21.02 -19.27 -18.47
N LEU A 249 20.64 -20.50 -18.10
CA LEU A 249 21.36 -21.66 -18.60
C LEU A 249 21.32 -21.71 -20.13
N PHE A 250 20.13 -21.56 -20.71
CA PHE A 250 20.02 -21.64 -22.16
C PHE A 250 20.83 -20.55 -22.88
N GLN A 251 20.96 -19.38 -22.26
CA GLN A 251 21.71 -18.31 -22.90
C GLN A 251 23.17 -18.73 -23.03
N GLN A 252 23.66 -19.48 -22.03
CA GLN A 252 25.01 -20.04 -22.07
C GLN A 252 25.17 -21.15 -23.12
N LEU A 253 24.20 -22.05 -23.23
CA LEU A 253 24.26 -23.13 -24.20
C LEU A 253 24.27 -22.53 -25.60
N LYS A 254 23.42 -21.52 -25.79
CA LYS A 254 23.34 -20.93 -27.10
C LYS A 254 24.69 -20.33 -27.47
N ALA A 255 25.36 -19.68 -26.50
CA ALA A 255 26.61 -19.01 -26.82
C ALA A 255 27.71 -20.03 -27.15
N GLY A 256 27.68 -21.18 -26.44
CA GLY A 256 28.50 -22.33 -26.76
C GLY A 256 28.33 -22.82 -28.20
N ILE A 257 27.08 -22.99 -28.64
CA ILE A 257 26.77 -23.42 -29.99
C ILE A 257 27.20 -22.36 -31.00
N ASP A 258 26.96 -21.07 -30.69
CA ASP A 258 27.36 -19.98 -31.56
C ASP A 258 28.86 -20.10 -31.84
N TRP A 259 29.61 -20.40 -30.78
CA TRP A 259 31.04 -20.54 -30.82
C TRP A 259 31.45 -21.69 -31.75
N LEU A 260 30.72 -22.82 -31.69
CA LEU A 260 30.94 -23.92 -32.62
C LEU A 260 30.84 -23.43 -34.06
N VAL A 261 29.73 -22.73 -34.36
CA VAL A 261 29.44 -22.32 -35.72
C VAL A 261 30.55 -21.39 -36.21
N GLU A 262 30.97 -20.47 -35.35
CA GLU A 262 32.03 -19.52 -35.62
C GLU A 262 33.34 -20.24 -35.95
N ASN A 263 33.67 -21.29 -35.16
CA ASN A 263 34.99 -21.92 -35.22
C ASN A 263 34.97 -23.14 -36.13
N LYS A 264 34.03 -23.19 -37.08
CA LYS A 264 34.02 -24.10 -38.23
C LYS A 264 33.67 -25.54 -37.82
N TYR A 265 32.91 -25.75 -36.73
CA TYR A 265 32.34 -27.08 -36.50
C TYR A 265 30.94 -27.18 -37.10
N ASP A 266 30.72 -28.15 -38.00
CA ASP A 266 29.53 -28.15 -38.83
C ASP A 266 29.02 -29.56 -39.13
N VAL A 267 28.14 -29.67 -40.13
CA VAL A 267 27.41 -30.90 -40.39
C VAL A 267 28.22 -31.80 -41.32
N ALA A 268 29.30 -31.26 -41.89
CA ALA A 268 30.28 -32.13 -42.52
C ALA A 268 30.65 -33.27 -41.57
N ASP A 269 30.74 -32.95 -40.26
CA ASP A 269 31.34 -33.81 -39.25
C ASP A 269 31.01 -33.27 -37.86
N PRO A 270 29.76 -33.39 -37.35
CA PRO A 270 29.37 -32.71 -36.10
C PRO A 270 29.80 -33.49 -34.87
N PRO A 271 30.16 -32.82 -33.77
CA PRO A 271 30.42 -33.54 -32.52
C PRO A 271 29.09 -34.16 -32.10
N PRO A 272 29.13 -35.13 -31.17
CA PRO A 272 27.89 -35.74 -30.67
C PRO A 272 27.03 -34.74 -29.86
N PRO A 273 25.69 -34.90 -29.86
CA PRO A 273 24.78 -33.93 -29.25
C PRO A 273 25.22 -33.52 -27.86
N TRP A 274 25.54 -34.51 -27.03
CA TRP A 274 25.84 -34.22 -25.64
C TRP A 274 27.05 -33.31 -25.51
N GLN A 275 27.98 -33.38 -26.47
CA GLN A 275 29.18 -32.57 -26.40
C GLN A 275 28.84 -31.14 -26.83
N VAL A 276 27.93 -30.99 -27.79
CA VAL A 276 27.45 -29.71 -28.26
C VAL A 276 26.73 -28.97 -27.12
N TYR A 277 26.09 -29.69 -26.20
CA TYR A 277 25.44 -29.05 -25.06
C TYR A 277 26.24 -29.09 -23.76
N LEU A 278 27.55 -29.32 -23.85
CA LEU A 278 28.41 -29.24 -22.68
C LEU A 278 29.11 -27.89 -22.72
N LEU A 279 28.93 -27.11 -21.64
CA LEU A 279 29.48 -25.76 -21.57
C LEU A 279 31.00 -25.81 -21.52
N ALA A 280 31.63 -24.78 -22.09
CA ALA A 280 33.05 -24.53 -21.92
C ALA A 280 33.28 -24.18 -20.45
N ASN A 281 34.31 -24.77 -19.83
CA ASN A 281 34.59 -24.58 -18.42
C ASN A 281 35.16 -23.18 -18.21
N LYS A 282 34.54 -22.37 -17.32
CA LYS A 282 35.03 -21.01 -17.00
C LYS A 282 34.67 -20.69 -15.56
N PRO A 283 35.31 -21.35 -14.56
CA PRO A 283 34.99 -21.08 -13.17
C PRO A 283 35.59 -19.74 -12.79
N GLY A 284 35.02 -19.13 -11.76
CA GLY A 284 35.51 -17.86 -11.28
C GLY A 284 34.63 -17.38 -10.13
N SER A 285 34.45 -16.07 -10.09
CA SER A 285 33.56 -15.56 -9.09
C SER A 285 32.39 -14.90 -9.80
N GLY A 286 31.22 -14.94 -9.15
CA GLY A 286 30.02 -14.25 -9.59
C GLY A 286 28.88 -14.60 -8.65
N ASN A 287 27.66 -14.23 -9.05
CA ASN A 287 26.47 -14.44 -8.22
C ASN A 287 25.64 -15.59 -8.83
N VAL A 288 26.12 -16.14 -9.96
CA VAL A 288 25.55 -17.36 -10.56
C VAL A 288 26.64 -18.40 -10.85
N HIS A 289 26.42 -19.65 -10.43
CA HIS A 289 27.36 -20.73 -10.76
C HIS A 289 26.59 -21.93 -11.33
N ILE A 290 26.96 -22.33 -12.54
CA ILE A 290 26.32 -23.46 -13.22
C ILE A 290 27.28 -24.64 -13.21
N VAL A 291 26.90 -25.69 -12.47
CA VAL A 291 27.66 -26.93 -12.47
C VAL A 291 26.96 -27.94 -13.37
N GLN A 292 27.67 -28.44 -14.38
CA GLN A 292 27.06 -29.35 -15.35
C GLN A 292 27.83 -30.68 -15.38
N LYS A 293 27.08 -31.76 -15.46
CA LYS A 293 27.61 -33.12 -15.59
C LYS A 293 26.83 -33.84 -16.69
N VAL A 294 27.52 -34.70 -17.44
CA VAL A 294 26.84 -35.60 -18.34
C VAL A 294 27.09 -37.02 -17.90
N PHE A 295 26.02 -37.82 -17.86
CA PHE A 295 26.11 -39.20 -17.46
C PHE A 295 25.57 -40.10 -18.57
N GLU A 296 26.24 -41.26 -18.72
CA GLU A 296 25.74 -42.36 -19.53
C GLU A 296 25.34 -43.50 -18.60
N GLY A 297 24.09 -43.94 -18.71
CA GLY A 297 23.59 -44.88 -17.73
C GLY A 297 23.17 -44.22 -16.43
N ASP A 298 23.16 -45.00 -15.34
CA ASP A 298 22.75 -44.57 -14.03
C ASP A 298 23.80 -43.65 -13.41
N PHE A 299 23.35 -42.76 -12.53
CA PHE A 299 24.25 -41.82 -11.87
C PHE A 299 23.82 -41.53 -10.43
N GLU A 300 24.75 -40.95 -9.68
CA GLU A 300 24.50 -40.33 -8.39
C GLU A 300 25.63 -39.36 -8.09
N PHE A 301 25.28 -38.29 -7.37
CA PHE A 301 26.24 -37.32 -6.86
C PHE A 301 25.65 -36.66 -5.62
N ASP A 302 26.50 -35.94 -4.89
CA ASP A 302 26.08 -35.37 -3.62
C ASP A 302 26.34 -33.86 -3.63
N ILE A 303 25.51 -33.13 -2.89
CA ILE A 303 25.81 -31.74 -2.60
C ILE A 303 25.98 -31.64 -1.09
N LEU A 304 27.12 -31.08 -0.68
CA LEU A 304 27.43 -30.85 0.72
C LEU A 304 27.64 -29.35 0.98
N PHE A 305 26.76 -28.78 1.82
CA PHE A 305 26.85 -27.40 2.28
C PHE A 305 27.39 -27.43 3.71
N SER A 306 28.54 -26.77 3.90
CA SER A 306 29.26 -26.78 5.16
C SER A 306 29.32 -25.38 5.74
N SER A 307 28.59 -25.15 6.82
CA SER A 307 28.68 -23.87 7.52
C SER A 307 30.04 -23.82 8.20
N GLU A 308 30.81 -22.75 7.96
CA GLU A 308 32.15 -22.77 8.50
C GLU A 308 32.13 -22.61 10.03
N SER A 309 31.15 -21.84 10.53
CA SER A 309 30.97 -21.64 11.95
C SER A 309 30.70 -22.93 12.73
N ALA A 310 30.44 -24.08 12.07
CA ALA A 310 30.12 -25.32 12.78
C ALA A 310 31.38 -26.13 13.04
N GLY A 311 31.21 -27.41 13.39
CA GLY A 311 32.32 -28.36 13.50
C GLY A 311 33.18 -28.41 12.24
N LYS A 312 33.69 -29.61 11.93
CA LYS A 312 34.42 -29.86 10.69
C LYS A 312 33.40 -29.88 9.56
N GLU A 313 33.89 -29.88 8.31
CA GLU A 313 32.97 -29.79 7.20
C GLU A 313 32.24 -31.12 6.98
N VAL A 314 31.10 -31.04 6.30
CA VAL A 314 30.19 -32.16 6.08
C VAL A 314 30.76 -33.09 5.01
N THR A 315 30.62 -34.40 5.22
CA THR A 315 31.15 -35.38 4.27
C THR A 315 30.01 -36.21 3.72
N SER A 316 30.30 -36.99 2.66
CA SER A 316 29.33 -37.93 2.12
C SER A 316 28.95 -39.00 3.15
N LYS A 317 29.90 -39.42 3.99
CA LYS A 317 29.65 -40.48 4.97
C LYS A 317 28.68 -39.93 6.02
N ASP A 318 28.79 -38.61 6.29
CA ASP A 318 27.84 -37.89 7.13
C ASP A 318 26.41 -38.04 6.58
N LEU A 319 26.25 -37.76 5.29
CA LEU A 319 24.96 -37.71 4.61
C LEU A 319 24.24 -39.05 4.80
N GLU A 320 24.93 -40.16 4.52
CA GLU A 320 24.34 -41.48 4.59
C GLU A 320 23.82 -41.75 6.00
N ARG A 321 24.62 -41.35 7.00
CA ARG A 321 24.27 -41.59 8.39
C ARG A 321 22.99 -40.84 8.72
N GLU A 322 22.97 -39.55 8.40
CA GLU A 322 21.84 -38.71 8.74
C GLU A 322 20.57 -39.15 7.99
N VAL A 323 20.70 -39.49 6.71
CA VAL A 323 19.56 -40.05 5.97
C VAL A 323 18.96 -41.24 6.72
N LYS A 324 19.78 -42.23 7.09
CA LYS A 324 19.30 -43.42 7.81
C LYS A 324 18.64 -43.00 9.13
N GLN A 325 19.26 -42.06 9.85
CA GLN A 325 18.80 -41.65 11.16
C GLN A 325 17.45 -40.96 11.04
N ALA A 326 17.32 -40.06 10.05
CA ALA A 326 16.10 -39.32 9.77
C ALA A 326 14.90 -40.24 9.54
N THR A 327 15.12 -41.29 8.72
CA THR A 327 14.08 -42.28 8.45
C THR A 327 13.53 -42.88 9.73
N GLU A 328 14.42 -43.38 10.60
CA GLU A 328 14.03 -44.00 11.86
C GLU A 328 13.17 -43.02 12.66
N VAL A 329 13.64 -41.77 12.78
CA VAL A 329 12.97 -40.74 13.57
C VAL A 329 11.58 -40.46 12.99
N PHE A 330 11.48 -40.33 11.65
CA PHE A 330 10.22 -40.10 10.99
C PHE A 330 9.25 -41.26 11.31
N GLY A 331 9.74 -42.49 11.13
CA GLY A 331 8.95 -43.70 11.32
C GLY A 331 8.26 -43.72 12.69
N GLU A 332 9.05 -43.46 13.74
CA GLU A 332 8.60 -43.57 15.12
C GLU A 332 7.56 -42.49 15.42
N ARG A 333 7.78 -41.27 14.91
CA ARG A 333 6.88 -40.15 15.13
C ARG A 333 5.54 -40.42 14.44
N PHE A 334 5.63 -40.97 13.23
CA PHE A 334 4.42 -41.27 12.47
C PHE A 334 3.50 -42.19 13.26
N ALA A 335 4.07 -43.23 13.89
CA ALA A 335 3.27 -44.24 14.55
C ALA A 335 2.61 -43.66 15.82
N ARG A 336 3.25 -42.70 16.48
CA ARG A 336 2.69 -42.08 17.69
C ARG A 336 1.62 -41.08 17.29
N VAL A 337 1.93 -40.21 16.30
CA VAL A 337 1.12 -39.05 15.98
C VAL A 337 -0.03 -39.42 15.04
N PHE A 338 0.24 -40.31 14.08
CA PHE A 338 -0.77 -40.74 13.11
C PHE A 338 -0.96 -42.25 13.21
N ASP A 339 -1.58 -42.63 14.33
CA ASP A 339 -1.88 -44.00 14.68
C ASP A 339 -3.23 -44.35 14.06
N LEU A 340 -3.17 -44.99 12.89
CA LEU A 340 -4.39 -45.15 12.10
C LEU A 340 -5.26 -46.21 12.75
N LYS A 341 -6.56 -45.90 12.89
CA LYS A 341 -7.50 -46.78 13.55
C LYS A 341 -8.34 -47.56 12.52
N ALA A 342 -9.06 -48.59 12.98
CA ALA A 342 -9.77 -49.51 12.10
C ALA A 342 -10.75 -48.75 11.19
N PRO A 343 -11.05 -49.25 9.96
CA PRO A 343 -10.35 -50.41 9.38
C PRO A 343 -9.12 -50.08 8.56
N PHE A 344 -8.33 -49.09 9.03
CA PHE A 344 -7.21 -48.63 8.23
C PHE A 344 -5.88 -48.91 8.91
N GLN A 345 -5.78 -50.01 9.69
CA GLN A 345 -4.56 -50.26 10.42
C GLN A 345 -3.51 -50.86 9.48
N GLY A 346 -3.97 -51.47 8.38
CA GLY A 346 -3.12 -52.21 7.46
C GLY A 346 -1.98 -51.36 6.88
N ASP A 347 -0.94 -52.05 6.38
CA ASP A 347 0.31 -51.44 5.94
C ASP A 347 0.09 -50.63 4.66
N ASN A 348 -0.91 -51.02 3.86
CA ASN A 348 -1.29 -50.34 2.63
C ASN A 348 -1.76 -48.90 2.94
N TYR A 349 -2.61 -48.78 3.96
CA TYR A 349 -3.12 -47.49 4.38
C TYR A 349 -2.03 -46.70 5.11
N LYS A 350 -1.04 -47.40 5.67
CA LYS A 350 0.06 -46.73 6.33
C LYS A 350 0.95 -46.08 5.27
N LYS A 351 1.27 -46.80 4.20
CA LYS A 351 2.06 -46.20 3.13
C LYS A 351 1.30 -44.99 2.59
N PHE A 352 -0.04 -45.14 2.46
CA PHE A 352 -0.92 -44.13 1.90
C PHE A 352 -0.90 -42.86 2.78
N GLY A 353 -1.11 -43.04 4.09
CA GLY A 353 -0.98 -41.96 5.07
C GLY A 353 0.35 -41.21 5.04
N LYS A 354 1.47 -41.94 5.02
CA LYS A 354 2.81 -41.35 4.96
C LYS A 354 2.99 -40.53 3.67
N SER A 355 2.36 -41.01 2.60
CA SER A 355 2.47 -40.29 1.34
C SER A 355 1.64 -39.01 1.38
N MET A 356 0.43 -39.06 1.91
CA MET A 356 -0.39 -37.87 2.00
C MET A 356 0.25 -36.89 2.98
N PHE A 357 0.77 -37.39 4.11
CA PHE A 357 1.33 -36.46 5.07
C PHE A 357 2.62 -35.84 4.54
N SER A 358 3.55 -36.67 4.06
CA SER A 358 4.86 -36.14 3.68
C SER A 358 4.72 -35.09 2.59
N ASN A 359 3.75 -35.26 1.70
CA ASN A 359 3.63 -34.35 0.57
C ASN A 359 3.00 -33.03 0.97
N LEU A 360 2.15 -33.04 2.00
CA LEU A 360 1.57 -31.82 2.54
C LEU A 360 2.66 -31.02 3.26
N ILE A 361 3.45 -31.67 4.11
CA ILE A 361 4.39 -30.91 4.91
C ILE A 361 5.58 -30.55 4.06
N GLY A 362 5.84 -31.40 3.06
CA GLY A 362 6.94 -31.14 2.13
C GLY A 362 6.62 -30.04 1.11
N GLY A 363 5.36 -29.57 1.10
CA GLY A 363 5.04 -28.42 0.28
C GLY A 363 5.53 -27.10 0.88
N ILE A 364 5.96 -27.12 2.15
CA ILE A 364 6.21 -25.88 2.87
C ILE A 364 7.25 -25.07 2.09
N GLY A 365 6.91 -23.82 1.82
CA GLY A 365 7.84 -23.00 1.06
C GLY A 365 8.15 -21.71 1.81
N TYR A 366 9.20 -21.01 1.35
CA TYR A 366 9.54 -19.67 1.79
C TYR A 366 9.45 -18.76 0.57
N PHE A 367 8.67 -17.69 0.68
CA PHE A 367 8.56 -16.75 -0.41
C PHE A 367 8.96 -15.36 0.06
N TYR A 368 9.47 -14.54 -0.87
CA TYR A 368 9.92 -13.18 -0.59
C TYR A 368 9.73 -12.28 -1.82
N GLY A 369 9.25 -11.05 -1.59
CA GLY A 369 9.12 -10.09 -2.70
C GLY A 369 7.89 -9.19 -2.57
N HIS A 370 7.62 -8.48 -3.66
CA HIS A 370 6.50 -7.55 -3.74
C HIS A 370 5.22 -8.29 -4.15
N SER A 371 4.07 -7.72 -3.76
CA SER A 371 2.73 -8.11 -4.16
C SER A 371 2.14 -6.99 -5.00
N LEU A 372 1.05 -7.32 -5.69
CA LEU A 372 0.36 -6.37 -6.54
C LEU A 372 -1.03 -6.11 -5.96
N VAL A 373 -1.17 -4.93 -5.31
CA VAL A 373 -2.37 -4.56 -4.59
C VAL A 373 -3.01 -3.32 -5.23
N ASP A 374 -4.34 -3.35 -5.41
CA ASP A 374 -5.08 -2.13 -5.70
C ASP A 374 -5.32 -1.40 -4.38
N ARG A 375 -4.67 -0.24 -4.19
CA ARG A 375 -4.83 0.48 -2.93
C ARG A 375 -5.68 1.74 -3.16
N SER A 376 -6.34 1.86 -4.33
CA SER A 376 -7.27 2.93 -4.63
C SER A 376 -8.47 2.97 -3.67
N TYR A 377 -8.92 1.83 -3.14
CA TYR A 377 -10.15 1.85 -2.36
C TYR A 377 -11.26 2.62 -3.09
N ALA A 378 -11.36 2.44 -4.41
CA ALA A 378 -12.42 3.07 -5.19
C ALA A 378 -13.73 2.88 -4.46
N PRO A 379 -14.60 3.91 -4.42
CA PRO A 379 -15.88 3.80 -3.73
C PRO A 379 -16.77 2.70 -4.31
N GLU A 380 -16.51 2.27 -5.56
CA GLU A 380 -17.33 1.26 -6.21
C GLU A 380 -17.15 -0.11 -5.56
N TYR A 381 -16.05 -0.31 -4.84
CA TYR A 381 -15.77 -1.54 -4.13
C TYR A 381 -16.67 -1.68 -2.91
N ASP A 382 -17.39 -0.60 -2.55
CA ASP A 382 -18.23 -0.61 -1.37
C ASP A 382 -19.44 -1.50 -1.64
N GLU A 383 -19.83 -1.59 -2.92
CA GLU A 383 -20.85 -2.50 -3.44
C GLU A 383 -22.19 -2.20 -2.78
N GLU A 384 -22.69 -0.97 -2.96
CA GLU A 384 -23.86 -0.55 -2.20
C GLU A 384 -25.06 -0.43 -3.13
N ASN A 385 -24.79 -0.49 -4.43
CA ASN A 385 -25.80 -0.28 -5.45
C ASN A 385 -26.28 -1.61 -6.02
N GLU A 386 -27.50 -1.65 -6.53
CA GLU A 386 -27.89 -2.72 -7.43
C GLU A 386 -26.98 -2.65 -8.66
N GLY A 387 -26.50 -3.81 -9.13
CA GLY A 387 -25.69 -3.85 -10.35
C GLY A 387 -24.22 -3.56 -10.06
N PHE A 388 -23.83 -3.60 -8.77
CA PHE A 388 -22.52 -3.19 -8.32
C PHE A 388 -21.39 -3.86 -9.10
N TRP A 389 -21.62 -5.06 -9.62
CA TRP A 389 -20.54 -5.80 -10.25
C TRP A 389 -20.01 -5.05 -11.47
N GLU A 390 -20.89 -4.28 -12.16
CA GLU A 390 -20.50 -3.54 -13.36
C GLU A 390 -19.67 -2.32 -12.97
N ASP A 391 -20.08 -1.67 -11.88
CA ASP A 391 -19.29 -0.63 -11.28
C ASP A 391 -17.88 -1.14 -10.99
N ALA A 392 -17.79 -2.22 -10.22
CA ALA A 392 -16.49 -2.65 -9.70
C ALA A 392 -15.57 -3.11 -10.83
N ALA A 393 -16.13 -3.65 -11.92
CA ALA A 393 -15.35 -3.92 -13.11
C ALA A 393 -14.75 -2.63 -13.69
N GLU A 394 -15.54 -1.53 -13.73
CA GLU A 394 -15.07 -0.23 -14.15
C GLU A 394 -13.92 0.26 -13.26
N ALA A 395 -14.04 0.07 -11.94
CA ALA A 395 -12.98 0.46 -11.04
C ALA A 395 -11.71 -0.35 -11.30
N ARG A 396 -11.86 -1.64 -11.57
CA ARG A 396 -10.74 -2.51 -11.88
C ARG A 396 -10.08 -2.07 -13.20
N ALA A 397 -10.88 -1.51 -14.10
CA ALA A 397 -10.37 -1.14 -15.41
C ALA A 397 -9.52 0.11 -15.30
N ARG A 398 -9.40 0.68 -14.10
CA ARG A 398 -8.59 1.89 -13.94
C ARG A 398 -7.12 1.47 -13.81
N HIS A 399 -6.89 0.28 -13.22
CA HIS A 399 -5.57 -0.31 -13.03
C HIS A 399 -4.67 0.59 -12.19
N GLN A 400 -5.06 0.84 -10.94
CA GLN A 400 -4.33 1.67 -10.01
C GLN A 400 -3.46 0.78 -9.16
N GLU A 401 -3.42 -0.51 -9.50
CA GLU A 401 -2.66 -1.45 -8.69
C GLU A 401 -1.18 -1.09 -8.82
N ALA A 402 -0.40 -1.29 -7.75
CA ALA A 402 1.03 -1.04 -7.70
C ALA A 402 1.71 -2.17 -6.96
N LEU A 403 2.99 -2.43 -7.24
CA LEU A 403 3.72 -3.39 -6.43
C LEU A 403 3.94 -2.77 -5.05
N GLU A 404 3.92 -3.56 -4.00
CA GLU A 404 4.28 -3.04 -2.70
C GLU A 404 4.96 -4.19 -1.96
N GLY A 405 5.63 -3.88 -0.84
CA GLY A 405 6.42 -4.86 -0.10
C GLY A 405 7.83 -4.34 0.19
N PRO A 406 8.87 -5.20 0.28
CA PRO A 406 8.71 -6.63 0.01
C PRO A 406 8.07 -7.28 1.22
N TYR A 407 7.51 -8.47 1.03
CA TYR A 407 6.94 -9.26 2.11
C TYR A 407 7.61 -10.63 2.12
N GLU A 408 7.46 -11.33 3.24
CA GLU A 408 7.91 -12.70 3.29
C GLU A 408 6.80 -13.60 3.85
N LEU A 409 6.77 -14.86 3.40
CA LEU A 409 5.83 -15.81 3.95
C LEU A 409 6.46 -17.20 3.96
N PHE A 410 6.25 -17.90 5.07
CA PHE A 410 6.60 -19.29 5.27
C PHE A 410 5.28 -20.07 5.39
N THR A 411 5.00 -20.94 4.43
CA THR A 411 3.67 -21.51 4.36
C THR A 411 3.67 -22.81 3.54
N SER A 412 2.72 -23.70 3.85
CA SER A 412 2.45 -24.83 3.00
C SER A 412 1.51 -24.39 1.86
N ILE A 413 1.34 -25.20 0.80
CA ILE A 413 0.74 -24.78 -0.46
C ILE A 413 -0.28 -25.84 -0.92
N PRO A 414 -1.30 -25.46 -1.71
CA PRO A 414 -2.27 -26.44 -2.18
C PRO A 414 -1.75 -27.45 -3.20
N SER A 415 -0.84 -27.03 -4.08
CA SER A 415 -0.38 -27.88 -5.17
C SER A 415 0.96 -27.39 -5.73
N ARG A 416 1.98 -28.27 -5.75
CA ARG A 416 3.29 -27.90 -6.24
C ARG A 416 3.20 -27.44 -7.69
N PRO A 417 2.58 -28.22 -8.62
CA PRO A 417 2.55 -27.83 -10.03
C PRO A 417 1.54 -26.74 -10.40
N PHE A 418 0.45 -26.59 -9.64
CA PHE A 418 -0.57 -25.62 -10.07
C PHE A 418 -0.75 -24.44 -9.13
N PHE A 419 -0.43 -24.60 -7.84
CA PHE A 419 -0.72 -23.52 -6.90
C PHE A 419 0.43 -23.33 -5.89
N PRO A 420 1.68 -23.05 -6.31
CA PRO A 420 2.79 -23.03 -5.35
C PRO A 420 2.92 -21.68 -4.66
N ARG A 421 1.87 -21.31 -3.90
CA ARG A 421 1.93 -20.09 -3.09
C ARG A 421 0.90 -20.20 -1.97
N GLY A 422 0.93 -19.22 -1.07
CA GLY A 422 0.07 -19.23 0.12
C GLY A 422 -1.35 -18.89 -0.28
N PHE A 423 -2.33 -19.66 0.23
CA PHE A 423 -3.75 -19.35 0.13
C PHE A 423 -4.41 -19.34 1.51
N LEU A 424 -5.10 -18.25 1.84
CA LEU A 424 -5.49 -17.99 3.20
C LEU A 424 -6.30 -19.15 3.79
N TRP A 425 -7.50 -19.43 3.24
CA TRP A 425 -8.33 -20.43 3.92
C TRP A 425 -7.81 -21.85 3.75
N ASP A 426 -7.03 -22.12 2.68
CA ASP A 426 -6.38 -23.41 2.53
C ASP A 426 -5.47 -23.65 3.73
N GLU A 427 -4.78 -22.60 4.19
CA GLU A 427 -3.72 -22.85 5.16
C GLU A 427 -4.31 -23.34 6.48
N GLY A 428 -5.53 -22.83 6.76
CA GLY A 428 -6.31 -23.30 7.89
C GLY A 428 -6.39 -24.83 7.90
N PHE A 429 -6.63 -25.44 6.72
CA PHE A 429 -6.74 -26.89 6.63
C PHE A 429 -5.36 -27.54 6.60
N HIS A 430 -4.39 -26.96 5.87
CA HIS A 430 -3.08 -27.60 5.82
C HIS A 430 -2.52 -27.74 7.24
N LEU A 431 -2.80 -26.76 8.14
CA LEU A 431 -2.09 -26.76 9.41
C LEU A 431 -2.67 -27.73 10.43
N LEU A 432 -3.85 -28.30 10.11
CA LEU A 432 -4.47 -29.19 11.07
C LEU A 432 -3.62 -30.45 11.26
N PRO A 433 -3.13 -31.13 10.22
CA PRO A 433 -2.30 -32.32 10.46
C PRO A 433 -0.89 -31.89 10.83
N ILE A 434 -0.47 -30.75 10.28
CA ILE A 434 0.88 -30.29 10.55
C ILE A 434 1.04 -30.01 12.03
N ALA A 435 -0.03 -29.44 12.64
CA ALA A 435 -0.05 -29.10 14.05
C ALA A 435 0.11 -30.35 14.91
N ASP A 436 -0.52 -31.45 14.50
CA ASP A 436 -0.39 -32.68 15.25
C ASP A 436 1.08 -33.05 15.28
N TRP A 437 1.77 -32.83 14.16
CA TRP A 437 3.09 -33.39 13.98
C TRP A 437 4.11 -32.54 14.73
N ASP A 438 3.92 -31.21 14.69
CA ASP A 438 4.92 -30.24 15.12
C ASP A 438 4.20 -28.92 15.36
N ILE A 439 3.62 -28.79 16.55
CA ILE A 439 2.81 -27.63 16.90
C ILE A 439 3.60 -26.33 16.73
N ASP A 440 4.90 -26.35 17.06
CA ASP A 440 5.72 -25.15 17.00
C ASP A 440 5.89 -24.72 15.55
N LEU A 441 5.94 -25.71 14.66
CA LEU A 441 6.01 -25.41 13.25
C LEU A 441 4.71 -24.75 12.79
N ALA A 442 3.55 -25.26 13.23
CA ALA A 442 2.30 -24.69 12.77
C ALA A 442 2.18 -23.23 13.23
N LEU A 443 2.59 -22.98 14.49
CA LEU A 443 2.52 -21.66 15.09
C LEU A 443 3.44 -20.69 14.35
N GLU A 444 4.63 -21.17 13.95
CA GLU A 444 5.51 -20.41 13.07
C GLU A 444 4.78 -19.95 11.81
N ILE A 445 4.01 -20.85 11.20
CA ILE A 445 3.39 -20.50 9.93
C ILE A 445 2.23 -19.54 10.18
N ILE A 446 1.54 -19.69 11.32
CA ILE A 446 0.50 -18.73 11.65
C ILE A 446 1.15 -17.37 11.87
N LYS A 447 2.25 -17.35 12.65
CA LYS A 447 2.89 -16.07 12.92
C LYS A 447 3.25 -15.44 11.58
N SER A 448 3.85 -16.23 10.72
CA SER A 448 4.22 -15.73 9.41
C SER A 448 3.01 -15.10 8.71
N TRP A 449 1.84 -15.76 8.77
CA TRP A 449 0.68 -15.29 8.04
C TRP A 449 0.19 -13.99 8.68
N TYR A 450 0.11 -14.01 10.01
CA TYR A 450 -0.42 -12.85 10.70
C TYR A 450 0.50 -11.63 10.51
N ASN A 451 1.82 -11.83 10.34
CA ASN A 451 2.75 -10.72 10.13
C ASN A 451 2.49 -10.00 8.81
N LEU A 452 1.57 -10.51 7.98
CA LEU A 452 1.32 -9.88 6.69
C LEU A 452 0.21 -8.85 6.80
N MET A 453 -0.52 -8.87 7.94
CA MET A 453 -1.79 -8.15 7.99
C MET A 453 -1.49 -6.66 7.99
N ASP A 454 -2.23 -5.90 7.16
CA ASP A 454 -2.08 -4.46 7.05
C ASP A 454 -2.73 -3.75 8.26
N GLU A 455 -2.65 -2.42 8.30
CA GLU A 455 -3.13 -1.66 9.46
C GLU A 455 -4.64 -1.83 9.63
N ASP A 456 -5.37 -2.00 8.51
CA ASP A 456 -6.82 -2.18 8.53
C ASP A 456 -7.26 -3.53 9.12
N GLY A 457 -6.37 -4.55 9.06
CA GLY A 457 -6.71 -5.92 9.44
C GLY A 457 -6.95 -6.87 8.26
N TRP A 458 -6.43 -6.52 7.07
CA TRP A 458 -6.60 -7.30 5.86
C TRP A 458 -5.36 -8.15 5.57
N ILE A 459 -5.59 -9.41 5.20
CA ILE A 459 -4.56 -10.26 4.60
C ILE A 459 -5.13 -10.73 3.28
N ALA A 460 -4.35 -10.57 2.19
CA ALA A 460 -4.80 -11.01 0.87
C ALA A 460 -4.97 -12.53 0.87
N ARG A 461 -5.98 -13.00 0.15
CA ARG A 461 -6.35 -14.40 0.18
C ARG A 461 -5.35 -15.24 -0.62
N GLU A 462 -4.60 -14.61 -1.53
CA GLU A 462 -3.56 -15.30 -2.27
C GLU A 462 -2.25 -14.51 -2.17
N GLN A 463 -1.16 -15.15 -1.74
CA GLN A 463 0.08 -14.43 -1.50
C GLN A 463 1.06 -14.71 -2.63
N ILE A 464 1.07 -13.85 -3.65
CA ILE A 464 2.00 -14.00 -4.76
C ILE A 464 3.19 -13.07 -4.56
N LEU A 465 4.26 -13.54 -3.92
CA LEU A 465 5.41 -12.71 -3.53
C LEU A 465 6.59 -12.92 -4.48
N GLY A 466 6.98 -11.84 -5.19
CA GLY A 466 8.21 -11.88 -5.97
C GLY A 466 7.96 -12.27 -7.41
N ALA A 467 8.90 -11.93 -8.29
CA ALA A 467 8.81 -12.20 -9.72
C ALA A 467 8.72 -13.70 -10.00
N GLU A 468 9.44 -14.51 -9.21
CA GLU A 468 9.40 -15.95 -9.43
C GLU A 468 7.97 -16.45 -9.19
N ALA A 469 7.32 -16.04 -8.09
CA ALA A 469 5.95 -16.50 -7.86
C ALA A 469 5.00 -15.97 -8.92
N ARG A 470 5.26 -14.74 -9.38
CA ARG A 470 4.39 -14.06 -10.33
C ARG A 470 4.49 -14.75 -11.68
N SER A 471 5.58 -15.50 -11.89
CA SER A 471 5.89 -15.99 -13.22
C SER A 471 4.87 -17.03 -13.70
N LYS A 472 4.15 -17.68 -12.77
CA LYS A 472 3.23 -18.76 -13.10
C LYS A 472 1.76 -18.29 -13.06
N VAL A 473 1.53 -17.01 -12.85
CA VAL A 473 0.20 -16.47 -12.66
C VAL A 473 -0.03 -15.40 -13.73
N PRO A 474 -1.07 -15.54 -14.59
CA PRO A 474 -1.33 -14.51 -15.60
C PRO A 474 -1.64 -13.15 -14.94
N LYS A 475 -1.24 -12.05 -15.60
CA LYS A 475 -1.27 -10.69 -15.05
C LYS A 475 -2.66 -10.39 -14.48
N GLU A 476 -3.69 -10.73 -15.27
CA GLU A 476 -5.10 -10.51 -14.96
C GLU A 476 -5.51 -11.07 -13.61
N PHE A 477 -4.67 -11.88 -12.96
CA PHE A 477 -5.13 -12.58 -11.77
C PHE A 477 -4.20 -12.32 -10.59
N GLN A 478 -3.24 -11.39 -10.75
CA GLN A 478 -2.24 -11.19 -9.71
C GLN A 478 -2.72 -10.23 -8.63
N THR A 479 -3.60 -9.30 -9.02
CA THR A 479 -3.94 -8.14 -8.20
C THR A 479 -4.79 -8.58 -7.00
N GLN A 480 -4.40 -8.21 -5.79
CA GLN A 480 -5.26 -8.45 -4.66
C GLN A 480 -6.05 -7.17 -4.36
N TYR A 481 -7.17 -7.34 -3.66
CA TYR A 481 -8.10 -6.26 -3.38
C TYR A 481 -8.36 -6.19 -1.87
N PRO A 482 -8.13 -5.04 -1.19
CA PRO A 482 -8.33 -4.98 0.27
C PRO A 482 -9.76 -5.16 0.75
N HIS A 483 -10.76 -5.23 -0.16
CA HIS A 483 -12.11 -5.60 0.28
C HIS A 483 -12.41 -7.11 0.21
N TYR A 484 -11.53 -7.91 -0.41
CA TYR A 484 -11.73 -9.35 -0.56
C TYR A 484 -11.32 -10.15 0.69
N ALA A 485 -12.28 -10.80 1.34
CA ALA A 485 -11.98 -11.62 2.51
C ALA A 485 -11.76 -13.07 2.06
N ASN A 486 -11.71 -13.97 3.05
CA ASN A 486 -11.51 -15.39 2.83
C ASN A 486 -11.77 -16.06 4.18
N PRO A 487 -12.37 -17.26 4.21
CA PRO A 487 -12.70 -17.88 5.49
C PRO A 487 -11.53 -17.88 6.45
N PRO A 488 -11.74 -17.47 7.71
CA PRO A 488 -10.69 -17.47 8.72
C PRO A 488 -10.44 -18.84 9.33
N THR A 489 -10.01 -19.79 8.48
CA THR A 489 -9.82 -21.18 8.88
C THR A 489 -8.61 -21.34 9.81
N LEU A 490 -7.77 -20.30 9.88
CA LEU A 490 -6.61 -20.41 10.74
C LEU A 490 -7.04 -20.40 12.20
N PHE A 491 -8.24 -19.87 12.48
CA PHE A 491 -8.75 -19.92 13.85
C PHE A 491 -8.95 -21.37 14.31
N LEU A 492 -9.29 -22.27 13.38
CA LEU A 492 -9.50 -23.66 13.74
C LEU A 492 -8.21 -24.22 14.33
N VAL A 493 -7.07 -23.84 13.75
CA VAL A 493 -5.81 -24.44 14.18
C VAL A 493 -5.49 -23.90 15.56
N LEU A 494 -5.80 -22.62 15.76
CA LEU A 494 -5.59 -21.95 17.04
C LEU A 494 -6.44 -22.61 18.12
N ASP A 495 -7.64 -23.07 17.75
CA ASP A 495 -8.52 -23.75 18.69
C ASP A 495 -7.85 -25.02 19.21
N ASN A 496 -7.21 -25.77 18.29
CA ASN A 496 -6.58 -27.05 18.60
C ASN A 496 -5.40 -26.78 19.53
N PHE A 497 -4.78 -25.61 19.34
CA PHE A 497 -3.64 -25.25 20.16
C PHE A 497 -4.10 -24.95 21.58
N VAL A 498 -5.16 -24.11 21.70
CA VAL A 498 -5.75 -23.74 22.98
C VAL A 498 -6.10 -24.98 23.79
N GLU A 499 -6.79 -25.97 23.19
CA GLU A 499 -7.25 -27.15 23.91
C GLU A 499 -6.07 -28.02 24.33
N ARG A 500 -4.96 -27.95 23.57
CA ARG A 500 -3.79 -28.75 23.91
C ARG A 500 -3.07 -28.07 25.08
N LEU A 501 -3.07 -26.73 25.04
CA LEU A 501 -2.48 -25.89 26.07
C LEU A 501 -3.26 -26.05 27.39
N ARG A 502 -4.60 -26.11 27.31
CA ARG A 502 -5.47 -26.43 28.44
C ARG A 502 -5.10 -27.78 29.07
N LYS A 503 -5.25 -28.91 28.35
CA LYS A 503 -4.95 -30.23 28.93
C LYS A 503 -3.49 -30.64 28.72
N LEU A 517 16.38 -33.17 20.79
CA LEU A 517 16.15 -31.70 20.84
C LEU A 517 15.04 -31.30 19.87
N ASP A 518 14.89 -32.08 18.78
CA ASP A 518 13.86 -31.80 17.79
C ASP A 518 12.50 -32.19 18.36
N GLU A 519 12.45 -33.34 19.07
CA GLU A 519 11.23 -33.70 19.77
C GLU A 519 10.82 -32.55 20.70
N THR A 520 11.81 -32.01 21.43
CA THR A 520 11.57 -30.99 22.45
C THR A 520 11.04 -29.71 21.79
N LEU A 521 11.72 -29.26 20.74
CA LEU A 521 11.35 -28.04 20.04
C LEU A 521 9.93 -28.14 19.49
N SER A 522 9.60 -29.29 18.90
CA SER A 522 8.34 -29.44 18.19
C SER A 522 7.18 -29.20 19.12
N THR A 523 7.33 -29.51 20.44
CA THR A 523 6.21 -29.32 21.36
C THR A 523 6.45 -28.24 22.42
N ALA A 524 7.57 -27.53 22.32
CA ALA A 524 7.96 -26.54 23.32
C ALA A 524 6.81 -25.59 23.65
N SER A 525 5.89 -25.35 22.72
CA SER A 525 4.96 -24.25 22.91
C SER A 525 3.76 -24.69 23.73
N VAL A 526 3.67 -26.00 24.01
CA VAL A 526 2.62 -26.55 24.85
C VAL A 526 3.20 -27.10 26.16
N ASP A 527 4.49 -27.46 26.15
CA ASP A 527 5.15 -27.99 27.34
C ASP A 527 5.51 -26.85 28.30
N ASN A 528 5.70 -25.64 27.75
CA ASN A 528 6.15 -24.47 28.47
C ASN A 528 5.03 -23.43 28.41
N PRO A 529 4.08 -23.44 29.39
CA PRO A 529 2.81 -22.72 29.23
C PRO A 529 3.02 -21.22 29.15
N GLU A 530 4.13 -20.75 29.72
CA GLU A 530 4.48 -19.33 29.70
C GLU A 530 4.79 -18.93 28.25
N VAL A 531 5.43 -19.85 27.53
CA VAL A 531 5.76 -19.68 26.13
C VAL A 531 4.47 -19.64 25.28
N GLY A 532 3.57 -20.61 25.50
CA GLY A 532 2.28 -20.68 24.85
C GLY A 532 1.54 -19.34 24.92
N LEU A 533 1.51 -18.80 26.13
CA LEU A 533 0.62 -17.72 26.46
C LEU A 533 1.13 -16.43 25.83
N GLU A 534 2.46 -16.31 25.80
CA GLU A 534 3.12 -15.12 25.28
C GLU A 534 2.84 -15.05 23.80
N TYR A 535 2.90 -16.22 23.15
CA TYR A 535 2.55 -16.33 21.74
C TYR A 535 1.15 -15.75 21.53
N LEU A 536 0.17 -16.28 22.30
CA LEU A 536 -1.20 -15.82 22.17
C LEU A 536 -1.31 -14.33 22.47
N ARG A 537 -0.54 -13.84 23.44
CA ARG A 537 -0.58 -12.44 23.84
C ARG A 537 -0.18 -11.55 22.67
N ARG A 538 0.88 -11.95 21.94
CA ARG A 538 1.40 -11.14 20.85
C ARG A 538 0.45 -11.19 19.66
N LEU A 539 -0.17 -12.36 19.45
CA LEU A 539 -1.03 -12.64 18.32
C LEU A 539 -2.44 -12.07 18.53
N TYR A 540 -2.91 -12.12 19.79
CA TYR A 540 -4.25 -11.72 20.16
C TYR A 540 -4.67 -10.38 19.51
N PRO A 541 -3.87 -9.30 19.59
CA PRO A 541 -4.30 -8.03 19.00
C PRO A 541 -4.64 -8.14 17.52
N LEU A 542 -3.92 -9.00 16.81
CA LEU A 542 -4.06 -9.08 15.36
C LEU A 542 -5.34 -9.88 15.05
N LEU A 543 -5.58 -10.94 15.83
CA LEU A 543 -6.84 -11.66 15.68
C LEU A 543 -7.97 -10.66 15.85
N ARG A 544 -7.90 -9.85 16.92
CA ARG A 544 -8.97 -8.90 17.21
C ARG A 544 -9.11 -7.93 16.04
N ARG A 545 -7.99 -7.45 15.52
CA ARG A 545 -8.07 -6.53 14.40
C ARG A 545 -8.81 -7.20 13.23
N GLN A 546 -8.47 -8.47 12.95
CA GLN A 546 -9.12 -9.18 11.87
C GLN A 546 -10.62 -9.27 12.09
N PHE A 547 -11.01 -9.72 13.30
CA PHE A 547 -12.41 -9.80 13.69
C PHE A 547 -13.15 -8.53 13.27
N ASP A 548 -12.55 -7.38 13.63
CA ASP A 548 -13.21 -6.08 13.51
C ASP A 548 -13.29 -5.70 12.04
N TRP A 549 -12.24 -6.12 11.31
CA TRP A 549 -12.11 -5.81 9.89
C TRP A 549 -13.25 -6.48 9.11
N PHE A 550 -13.55 -7.73 9.51
CA PHE A 550 -14.69 -8.50 8.99
C PHE A 550 -15.98 -7.69 9.15
N ARG A 551 -16.19 -7.20 10.39
CA ARG A 551 -17.42 -6.52 10.79
C ARG A 551 -17.51 -5.17 10.09
N LYS A 552 -16.36 -4.59 9.73
CA LYS A 552 -16.36 -3.32 9.02
C LYS A 552 -16.58 -3.54 7.53
N THR A 553 -15.88 -4.49 6.92
CA THR A 553 -15.83 -4.53 5.48
C THR A 553 -16.85 -5.52 4.89
N GLN A 554 -17.28 -6.51 5.70
CA GLN A 554 -18.12 -7.60 5.20
C GLN A 554 -19.52 -7.58 5.83
N ALA A 555 -19.99 -6.39 6.21
CA ALA A 555 -21.23 -6.21 6.96
C ALA A 555 -22.42 -6.31 6.01
N GLY A 556 -23.49 -7.00 6.46
CA GLY A 556 -24.74 -6.99 5.71
C GLY A 556 -25.71 -5.92 6.21
N ASP A 557 -26.77 -5.70 5.41
CA ASP A 557 -27.73 -4.63 5.66
C ASP A 557 -29.00 -5.15 6.33
N ILE A 558 -29.12 -4.99 7.65
CA ILE A 558 -30.37 -5.26 8.34
C ILE A 558 -31.29 -4.03 8.34
N LYS A 559 -30.81 -2.91 8.89
CA LYS A 559 -31.61 -1.76 9.35
C LYS A 559 -32.29 -0.99 8.20
N SER A 560 -31.86 -1.17 6.96
CA SER A 560 -32.39 -0.37 5.86
C SER A 560 -33.58 -1.06 5.17
N TYR A 561 -34.01 -2.18 5.74
CA TYR A 561 -35.03 -3.00 5.08
C TYR A 561 -36.11 -3.40 6.10
N ASP A 562 -37.18 -4.01 5.58
CA ASP A 562 -38.22 -4.63 6.39
C ASP A 562 -37.71 -5.97 6.94
N ARG A 563 -36.75 -5.89 7.89
CA ARG A 563 -36.02 -7.06 8.36
C ARG A 563 -36.15 -7.10 9.89
N GLU A 564 -36.84 -8.13 10.36
CA GLU A 564 -37.05 -8.32 11.79
C GLU A 564 -36.07 -9.38 12.27
N ALA A 565 -35.38 -9.11 13.39
CA ALA A 565 -34.40 -10.03 13.91
C ALA A 565 -33.96 -9.57 15.29
N TYR A 566 -33.44 -10.51 16.08
CA TYR A 566 -33.05 -10.34 17.47
C TYR A 566 -31.99 -9.24 17.67
N SER A 567 -30.94 -9.22 16.83
CA SER A 567 -29.90 -8.20 16.90
C SER A 567 -29.93 -7.34 15.64
N THR A 568 -29.59 -6.05 15.79
CA THR A 568 -29.57 -5.17 14.63
C THR A 568 -28.18 -5.15 13.98
N LYS A 569 -27.20 -5.70 14.70
CA LYS A 569 -25.79 -5.63 14.35
C LYS A 569 -25.40 -6.74 13.36
N GLU A 570 -25.87 -7.98 13.59
CA GLU A 570 -25.21 -9.20 13.10
C GLU A 570 -25.77 -9.70 11.77
N ALA A 571 -25.08 -9.37 10.68
CA ALA A 571 -25.44 -9.86 9.37
C ALA A 571 -24.27 -9.61 8.43
N TYR A 572 -23.98 -10.60 7.56
CA TYR A 572 -22.74 -10.54 6.82
C TYR A 572 -22.97 -10.82 5.36
N ARG A 573 -22.24 -10.12 4.49
CA ARG A 573 -22.31 -10.39 3.07
C ARG A 573 -20.90 -10.30 2.49
N TRP A 574 -20.45 -11.36 1.80
CA TRP A 574 -19.15 -11.39 1.15
C TRP A 574 -19.07 -10.31 0.08
N ARG A 575 -18.06 -9.44 0.21
CA ARG A 575 -17.74 -8.56 -0.90
C ARG A 575 -17.05 -9.36 -1.98
N GLY A 576 -17.27 -8.96 -3.24
CA GLY A 576 -16.49 -9.43 -4.38
C GLY A 576 -17.30 -10.33 -5.30
N ARG A 577 -18.62 -10.37 -5.10
CA ARG A 577 -19.32 -11.40 -5.85
C ARG A 577 -19.70 -10.93 -7.25
N THR A 578 -19.58 -11.85 -8.21
CA THR A 578 -20.05 -11.58 -9.57
C THR A 578 -21.35 -12.34 -9.80
N VAL A 579 -21.92 -12.20 -11.00
CA VAL A 579 -23.16 -12.88 -11.31
C VAL A 579 -22.96 -14.37 -11.04
N SER A 580 -21.76 -14.85 -11.36
CA SER A 580 -21.51 -16.26 -11.57
C SER A 580 -20.70 -16.90 -10.44
N HIS A 581 -20.13 -16.07 -9.57
CA HIS A 581 -19.06 -16.53 -8.71
C HIS A 581 -19.09 -15.73 -7.40
N CYS A 582 -18.56 -16.38 -6.36
CA CYS A 582 -18.21 -15.71 -5.12
C CYS A 582 -16.88 -16.31 -4.63
N LEU A 583 -15.78 -15.83 -5.25
CA LEU A 583 -14.46 -16.38 -5.04
C LEU A 583 -14.04 -16.24 -3.58
N THR A 584 -14.50 -15.17 -2.91
CA THR A 584 -13.97 -14.86 -1.59
C THR A 584 -14.47 -15.86 -0.54
N SER A 585 -15.60 -16.52 -0.80
CA SER A 585 -16.17 -17.47 0.17
C SER A 585 -15.38 -18.79 0.20
N GLY A 586 -14.53 -19.00 -0.82
CA GLY A 586 -13.83 -20.26 -1.01
C GLY A 586 -14.57 -21.19 -1.96
N LEU A 587 -15.89 -20.98 -2.07
CA LEU A 587 -16.75 -21.95 -2.73
C LEU A 587 -17.20 -21.34 -4.05
N ASP A 588 -16.28 -21.38 -5.01
CA ASP A 588 -16.26 -20.46 -6.12
C ASP A 588 -17.67 -20.28 -6.69
N ASP A 589 -18.27 -21.37 -7.21
CA ASP A 589 -19.46 -21.23 -8.05
C ASP A 589 -20.65 -21.86 -7.34
N TYR A 590 -20.52 -22.09 -6.04
CA TYR A 590 -21.70 -22.56 -5.34
C TYR A 590 -22.81 -21.56 -5.62
N PRO A 591 -24.05 -22.02 -5.92
CA PRO A 591 -25.15 -21.13 -6.30
C PRO A 591 -25.52 -20.17 -5.16
N ARG A 592 -25.63 -18.89 -5.50
CA ARG A 592 -26.02 -17.85 -4.54
C ARG A 592 -27.25 -17.11 -5.08
N PRO A 593 -27.89 -16.20 -4.30
CA PRO A 593 -29.02 -15.41 -4.79
C PRO A 593 -28.70 -14.78 -6.15
N GLN A 594 -29.66 -14.85 -7.07
CA GLN A 594 -29.63 -14.13 -8.34
C GLN A 594 -30.76 -13.10 -8.36
N PRO A 595 -30.51 -11.85 -8.84
CA PRO A 595 -29.15 -11.38 -9.11
C PRO A 595 -28.42 -11.06 -7.80
N PRO A 596 -27.09 -10.87 -7.82
CA PRO A 596 -26.38 -10.48 -6.60
C PRO A 596 -26.96 -9.13 -6.22
N HIS A 597 -26.88 -8.79 -4.93
CA HIS A 597 -27.70 -7.69 -4.48
C HIS A 597 -27.20 -7.20 -3.12
N PRO A 598 -27.11 -5.86 -2.90
CA PRO A 598 -26.50 -5.35 -1.67
C PRO A 598 -27.20 -5.84 -0.41
N GLY A 599 -28.39 -6.44 -0.59
CA GLY A 599 -29.15 -6.90 0.57
C GLY A 599 -28.91 -8.36 0.93
N GLU A 600 -28.12 -9.06 0.09
CA GLU A 600 -27.71 -10.44 0.35
C GLU A 600 -27.20 -10.54 1.77
N LEU A 601 -27.52 -11.67 2.41
CA LEU A 601 -26.79 -12.15 3.57
C LEU A 601 -26.35 -13.60 3.32
N HIS A 602 -25.16 -13.94 3.80
CA HIS A 602 -24.56 -15.23 3.51
C HIS A 602 -24.37 -16.00 4.82
N VAL A 603 -24.98 -17.19 4.91
CA VAL A 603 -24.99 -17.91 6.18
C VAL A 603 -23.62 -18.53 6.47
N ASP A 604 -22.83 -18.82 5.41
CA ASP A 604 -21.46 -19.26 5.65
C ASP A 604 -20.60 -18.20 6.35
N LEU A 605 -20.61 -16.97 5.81
CA LEU A 605 -19.86 -15.85 6.38
C LEU A 605 -20.20 -15.61 7.84
N MET A 606 -21.50 -15.59 8.18
CA MET A 606 -21.94 -15.35 9.54
C MET A 606 -21.38 -16.42 10.48
N SER A 607 -21.41 -17.67 9.99
CA SER A 607 -20.89 -18.81 10.74
C SER A 607 -19.40 -18.69 10.97
N TRP A 608 -18.66 -18.24 9.96
CA TRP A 608 -17.23 -18.03 10.16
C TRP A 608 -16.99 -17.03 11.29
N VAL A 609 -17.79 -15.92 11.27
CA VAL A 609 -17.75 -14.92 12.34
C VAL A 609 -17.95 -15.55 13.70
N GLY A 610 -18.94 -16.44 13.80
CA GLY A 610 -19.10 -17.26 14.98
C GLY A 610 -17.84 -18.03 15.38
N VAL A 611 -17.15 -18.62 14.41
CA VAL A 611 -15.95 -19.39 14.69
C VAL A 611 -14.94 -18.46 15.36
N MET A 612 -14.85 -17.24 14.81
CA MET A 612 -13.83 -16.33 15.32
C MET A 612 -14.15 -15.92 16.75
N VAL A 613 -15.42 -15.56 16.99
CA VAL A 613 -15.79 -15.09 18.32
C VAL A 613 -15.49 -16.18 19.34
N LYS A 614 -15.70 -17.42 18.96
CA LYS A 614 -15.55 -18.49 19.95
C LYS A 614 -14.09 -18.60 20.38
N SER A 615 -13.15 -18.33 19.46
CA SER A 615 -11.72 -18.44 19.76
C SER A 615 -11.28 -17.20 20.53
N LEU A 616 -11.81 -16.04 20.10
CA LEU A 616 -11.56 -14.78 20.75
C LEU A 616 -11.99 -14.83 22.22
N ILE A 617 -13.10 -15.53 22.52
CA ILE A 617 -13.50 -15.81 23.90
C ILE A 617 -12.42 -16.65 24.59
N SER A 618 -12.03 -17.77 23.97
CA SER A 618 -11.12 -18.73 24.58
C SER A 618 -9.77 -18.09 24.90
N ILE A 619 -9.28 -17.25 23.98
CA ILE A 619 -7.94 -16.71 24.11
C ILE A 619 -7.99 -15.52 25.06
N GLY A 620 -8.98 -14.65 24.85
CA GLY A 620 -9.24 -13.51 25.72
C GLY A 620 -9.29 -13.91 27.20
N SER A 621 -9.98 -15.02 27.49
CA SER A 621 -10.08 -15.55 28.84
C SER A 621 -8.68 -15.85 29.37
N LEU A 622 -7.86 -16.50 28.56
CA LEU A 622 -6.53 -16.94 28.97
C LEU A 622 -5.65 -15.74 29.31
N LEU A 623 -6.01 -14.59 28.73
CA LEU A 623 -5.23 -13.37 28.89
C LEU A 623 -5.93 -12.42 29.86
N GLY A 624 -7.12 -12.82 30.33
CA GLY A 624 -7.92 -12.04 31.27
C GLY A 624 -8.38 -10.71 30.70
N ALA A 625 -8.77 -10.69 29.42
CA ALA A 625 -9.16 -9.42 28.78
C ALA A 625 -10.68 -9.27 28.85
N THR A 626 -11.16 -8.99 30.07
CA THR A 626 -12.54 -9.24 30.45
C THR A 626 -13.49 -8.32 29.71
N GLU A 627 -13.08 -7.04 29.56
CA GLU A 627 -13.84 -6.03 28.83
C GLU A 627 -14.19 -6.58 27.44
N ASP A 628 -13.20 -7.27 26.84
CA ASP A 628 -13.28 -7.90 25.52
C ASP A 628 -14.24 -9.09 25.54
N VAL A 629 -14.03 -10.00 26.50
CA VAL A 629 -14.71 -11.29 26.59
C VAL A 629 -16.22 -11.10 26.74
N GLU A 630 -16.59 -9.95 27.32
CA GLU A 630 -17.99 -9.65 27.53
C GLU A 630 -18.62 -9.20 26.22
N PHE A 631 -17.85 -8.41 25.43
CA PHE A 631 -18.32 -7.98 24.12
C PHE A 631 -18.52 -9.20 23.22
N TYR A 632 -17.54 -10.11 23.24
CA TYR A 632 -17.61 -11.34 22.45
C TYR A 632 -18.89 -12.12 22.75
N THR A 633 -19.22 -12.25 24.05
CA THR A 633 -20.33 -13.09 24.48
C THR A 633 -21.65 -12.56 23.90
N LYS A 634 -21.79 -11.24 23.82
CA LYS A 634 -23.02 -10.62 23.36
C LYS A 634 -23.14 -10.81 21.84
N VAL A 635 -22.00 -10.86 21.15
CA VAL A 635 -21.98 -11.08 19.71
C VAL A 635 -22.30 -12.55 19.41
N LEU A 636 -21.68 -13.48 20.15
CA LEU A 636 -22.02 -14.89 20.00
C LEU A 636 -23.54 -15.10 20.16
N ASP A 637 -24.07 -14.64 21.30
CA ASP A 637 -25.50 -14.68 21.61
C ASP A 637 -26.29 -14.15 20.42
N ALA A 638 -25.89 -13.00 19.88
CA ALA A 638 -26.65 -12.40 18.79
C ALA A 638 -26.58 -13.25 17.52
N ILE A 639 -25.39 -13.81 17.22
CA ILE A 639 -25.22 -14.60 16.01
C ILE A 639 -26.10 -15.86 16.10
N GLU A 640 -26.09 -16.51 17.27
CA GLU A 640 -26.94 -17.67 17.49
C GLU A 640 -28.39 -17.34 17.14
N HIS A 641 -28.92 -16.25 17.71
CA HIS A 641 -30.32 -15.93 17.49
C HIS A 641 -30.52 -15.56 16.04
N ASN A 642 -29.55 -14.80 15.52
CA ASN A 642 -29.68 -14.18 14.22
C ASN A 642 -29.59 -15.20 13.08
N LEU A 643 -28.82 -16.28 13.30
CA LEU A 643 -28.74 -17.38 12.34
C LEU A 643 -30.14 -17.97 12.15
N ASP A 644 -30.84 -18.14 13.26
CA ASP A 644 -32.21 -18.63 13.25
C ASP A 644 -33.12 -17.59 12.60
N ASP A 645 -33.00 -16.31 13.00
CA ASP A 645 -34.00 -15.31 12.62
C ASP A 645 -33.89 -15.02 11.14
N LEU A 646 -32.65 -15.02 10.62
CA LEU A 646 -32.41 -14.51 9.29
C LEU A 646 -32.13 -15.62 8.28
N HIS A 647 -31.72 -16.82 8.74
CA HIS A 647 -31.18 -17.80 7.82
C HIS A 647 -31.93 -19.13 7.80
N TRP A 648 -32.72 -19.42 8.84
CA TRP A 648 -33.38 -20.72 8.92
C TRP A 648 -34.64 -20.77 8.09
N SER A 649 -34.76 -21.82 7.24
CA SER A 649 -35.99 -22.10 6.54
C SER A 649 -36.69 -23.26 7.23
N GLU A 650 -37.79 -22.96 7.93
CA GLU A 650 -38.65 -23.99 8.50
C GLU A 650 -39.16 -24.92 7.39
N LYS A 651 -39.53 -24.36 6.23
CA LYS A 651 -40.08 -25.08 5.09
C LYS A 651 -39.09 -26.14 4.57
N GLU A 652 -37.84 -25.74 4.35
CA GLU A 652 -36.91 -26.62 3.67
C GLU A 652 -36.13 -27.46 4.69
N GLY A 653 -36.09 -27.01 5.96
CA GLY A 653 -35.39 -27.72 7.01
C GLY A 653 -33.86 -27.63 6.93
N CYS A 654 -33.35 -26.43 6.62
CA CYS A 654 -31.92 -26.17 6.61
C CYS A 654 -31.68 -24.65 6.57
N TYR A 655 -30.40 -24.25 6.65
CA TYR A 655 -30.04 -22.84 6.57
C TYR A 655 -29.98 -22.39 5.11
N CYS A 656 -30.18 -21.10 4.90
CA CYS A 656 -30.10 -20.56 3.55
C CYS A 656 -29.53 -19.16 3.57
N ASP A 657 -29.00 -18.74 2.41
CA ASP A 657 -28.63 -17.36 2.17
C ASP A 657 -29.91 -16.54 1.96
N ALA A 658 -29.86 -15.24 2.23
CA ALA A 658 -31.00 -14.36 2.00
C ALA A 658 -30.72 -13.31 0.93
N THR A 659 -31.78 -12.67 0.39
CA THR A 659 -31.65 -11.49 -0.46
C THR A 659 -32.70 -10.47 -0.04
N ILE A 660 -33.09 -9.65 -1.03
CA ILE A 660 -34.24 -8.78 -1.00
C ILE A 660 -34.93 -8.91 -2.37
N ASP A 661 -36.27 -9.02 -2.32
CA ASP A 661 -37.19 -9.28 -3.42
C ASP A 661 -37.16 -8.17 -4.46
N GLU A 662 -37.88 -8.38 -5.58
CA GLU A 662 -38.32 -7.33 -6.50
C GLU A 662 -39.12 -6.28 -5.73
N PHE A 663 -39.86 -6.70 -4.69
CA PHE A 663 -40.75 -5.81 -3.94
C PHE A 663 -40.18 -5.55 -2.55
N GLU A 664 -38.84 -5.58 -2.44
CA GLU A 664 -38.07 -5.10 -1.30
C GLU A 664 -38.31 -5.89 -0.01
N GLU A 665 -38.82 -7.13 -0.07
CA GLU A 665 -38.92 -7.93 1.16
C GLU A 665 -37.80 -8.98 1.20
N HIS A 666 -37.41 -9.38 2.41
CA HIS A 666 -36.41 -10.42 2.66
C HIS A 666 -36.91 -11.77 2.16
N LYS A 667 -36.14 -12.42 1.27
CA LYS A 667 -36.47 -13.75 0.75
C LYS A 667 -35.27 -14.65 1.09
N LEU A 668 -35.54 -15.84 1.63
CA LEU A 668 -34.58 -16.93 1.74
C LEU A 668 -34.41 -17.59 0.38
N VAL A 669 -33.17 -17.97 0.03
CA VAL A 669 -32.90 -18.71 -1.20
C VAL A 669 -32.15 -19.99 -0.83
N CYS A 670 -32.81 -21.14 -1.00
CA CYS A 670 -32.21 -22.39 -0.55
C CYS A 670 -31.66 -23.22 -1.70
N HIS A 671 -30.39 -23.54 -1.55
CA HIS A 671 -29.74 -24.48 -2.44
C HIS A 671 -29.13 -25.50 -1.50
N LYS A 672 -29.73 -26.70 -1.48
CA LYS A 672 -29.35 -27.68 -0.48
C LYS A 672 -27.95 -28.19 -0.81
N GLY A 673 -27.02 -28.01 0.13
CA GLY A 673 -25.63 -28.30 -0.14
C GLY A 673 -24.78 -27.92 1.05
N TYR A 674 -23.47 -27.71 0.81
CA TYR A 674 -22.53 -27.48 1.88
C TYR A 674 -22.93 -26.25 2.71
N ILE A 675 -23.23 -25.15 2.00
CA ILE A 675 -23.70 -23.89 2.55
C ILE A 675 -24.78 -24.16 3.59
N SER A 676 -25.75 -25.02 3.26
CA SER A 676 -26.93 -25.27 4.08
C SER A 676 -26.57 -25.78 5.46
N LEU A 677 -25.43 -26.48 5.59
CA LEU A 677 -25.03 -27.09 6.85
C LEU A 677 -24.06 -26.20 7.62
N PHE A 678 -23.75 -25.01 7.09
CA PHE A 678 -22.65 -24.26 7.68
C PHE A 678 -22.76 -24.18 9.19
N PRO A 679 -23.88 -23.72 9.79
CA PRO A 679 -23.93 -23.55 11.25
C PRO A 679 -23.45 -24.79 12.01
N PHE A 680 -23.68 -25.96 11.40
CA PHE A 680 -23.30 -27.25 11.96
C PHE A 680 -21.79 -27.48 11.79
N LEU A 681 -21.25 -27.22 10.57
CA LEU A 681 -19.88 -27.61 10.23
C LEU A 681 -18.87 -26.86 11.09
N THR A 682 -19.27 -25.67 11.53
CA THR A 682 -18.44 -24.68 12.20
C THR A 682 -18.60 -24.79 13.72
N GLY A 683 -19.49 -25.68 14.16
CA GLY A 683 -19.60 -26.09 15.55
C GLY A 683 -20.52 -25.21 16.43
N LEU A 684 -21.53 -24.56 15.83
CA LEU A 684 -22.29 -23.51 16.51
C LEU A 684 -23.60 -24.03 17.11
N LEU A 685 -24.10 -25.20 16.67
CA LEU A 685 -25.40 -25.68 17.09
C LEU A 685 -25.26 -26.55 18.34
N LYS A 686 -26.18 -26.37 19.32
CA LYS A 686 -26.16 -27.15 20.55
C LYS A 686 -26.50 -28.62 20.23
N PRO A 687 -25.87 -29.61 20.91
CA PRO A 687 -26.07 -31.03 20.61
C PRO A 687 -27.46 -31.65 20.69
N ASP A 688 -28.46 -30.84 21.09
CA ASP A 688 -29.81 -31.35 21.32
C ASP A 688 -30.78 -30.60 20.44
N SER A 689 -30.25 -29.76 19.54
CA SER A 689 -31.07 -28.86 18.74
C SER A 689 -31.95 -29.62 17.73
N PRO A 690 -33.23 -29.29 17.59
CA PRO A 690 -34.06 -29.88 16.53
C PRO A 690 -33.55 -29.50 15.14
N LYS A 691 -32.89 -28.34 15.06
CA LYS A 691 -32.36 -27.91 13.77
C LYS A 691 -31.26 -28.86 13.33
N LEU A 692 -30.39 -29.22 14.29
CA LEU A 692 -29.30 -30.17 14.09
C LEU A 692 -29.83 -31.51 13.54
N GLY A 693 -30.85 -32.04 14.23
CA GLY A 693 -31.49 -33.27 13.83
C GLY A 693 -31.96 -33.21 12.37
N LYS A 694 -32.51 -32.04 11.97
CA LYS A 694 -33.02 -31.89 10.62
C LYS A 694 -31.87 -31.89 9.62
N LEU A 695 -30.71 -31.34 10.04
CA LEU A 695 -29.52 -31.31 9.20
C LEU A 695 -28.94 -32.71 9.07
N LEU A 696 -29.02 -33.50 10.17
CA LEU A 696 -28.53 -34.86 10.13
C LEU A 696 -29.36 -35.67 9.13
N ALA A 697 -30.62 -35.29 8.99
CA ALA A 697 -31.47 -35.95 8.01
C ALA A 697 -30.97 -35.58 6.62
N LEU A 698 -30.63 -34.30 6.45
CA LEU A 698 -30.18 -33.81 5.16
C LEU A 698 -28.84 -34.45 4.76
N ILE A 699 -27.92 -34.60 5.73
CA ILE A 699 -26.61 -35.11 5.42
C ILE A 699 -26.73 -36.57 5.03
N GLY A 700 -27.63 -37.28 5.73
CA GLY A 700 -27.76 -38.73 5.58
C GLY A 700 -28.45 -39.14 4.27
N ASP A 701 -29.21 -38.22 3.68
CA ASP A 701 -30.17 -38.54 2.62
C ASP A 701 -29.46 -38.74 1.29
N GLU A 702 -29.54 -39.97 0.76
CA GLU A 702 -28.84 -40.35 -0.46
C GLU A 702 -29.32 -39.52 -1.65
N SER A 703 -30.57 -39.04 -1.59
CA SER A 703 -31.12 -38.41 -2.78
C SER A 703 -30.77 -36.92 -2.78
N GLU A 704 -30.17 -36.44 -1.68
CA GLU A 704 -29.65 -35.08 -1.55
C GLU A 704 -28.11 -35.09 -1.62
N LEU A 705 -27.44 -35.24 -0.46
CA LEU A 705 -26.01 -35.00 -0.38
C LEU A 705 -25.19 -36.29 -0.29
N TRP A 706 -25.79 -37.39 0.19
CA TRP A 706 -24.99 -38.55 0.62
C TRP A 706 -24.71 -39.46 -0.58
N SER A 707 -23.45 -39.49 -1.01
CA SER A 707 -23.06 -40.37 -2.10
C SER A 707 -22.22 -41.48 -1.50
N PRO A 708 -21.99 -42.57 -2.23
CA PRO A 708 -21.11 -43.63 -1.72
C PRO A 708 -19.71 -43.09 -1.45
N TYR A 709 -19.40 -41.92 -2.05
CA TYR A 709 -18.03 -41.43 -2.09
C TYR A 709 -17.75 -40.31 -1.10
N GLY A 710 -18.80 -39.78 -0.42
CA GLY A 710 -18.69 -38.61 0.44
C GLY A 710 -19.90 -37.71 0.22
N LEU A 711 -19.98 -36.58 0.95
CA LEU A 711 -21.08 -35.64 0.80
C LEU A 711 -20.87 -34.81 -0.46
N ARG A 712 -21.88 -34.74 -1.35
CA ARG A 712 -21.84 -33.89 -2.53
C ARG A 712 -21.89 -32.41 -2.11
N SER A 713 -21.17 -31.57 -2.87
CA SER A 713 -21.13 -30.15 -2.57
C SER A 713 -22.53 -29.54 -2.69
N LEU A 714 -23.33 -30.05 -3.62
CA LEU A 714 -24.69 -29.59 -3.84
C LEU A 714 -25.63 -30.77 -4.05
N SER A 715 -26.89 -30.62 -3.59
CA SER A 715 -27.91 -31.67 -3.71
C SER A 715 -28.23 -32.07 -5.15
N LYS A 716 -28.55 -33.35 -5.35
CA LYS A 716 -28.96 -33.79 -6.69
C LYS A 716 -30.34 -33.19 -6.99
N LYS A 717 -31.04 -32.77 -5.95
CA LYS A 717 -32.38 -32.21 -6.11
C LYS A 717 -32.31 -30.76 -6.57
N ASP A 718 -31.24 -30.04 -6.20
CA ASP A 718 -31.10 -28.65 -6.61
C ASP A 718 -31.07 -28.53 -8.13
N GLU A 719 -31.68 -27.45 -8.65
CA GLU A 719 -31.75 -27.18 -10.08
C GLU A 719 -30.36 -26.90 -10.63
N PHE A 720 -29.44 -26.50 -9.75
CA PHE A 720 -28.12 -26.08 -10.20
C PHE A 720 -27.12 -27.25 -10.18
N TYR A 721 -27.58 -28.43 -9.75
CA TYR A 721 -26.74 -29.62 -9.77
C TYR A 721 -26.06 -29.83 -11.12
N GLY A 722 -24.74 -30.02 -11.08
CA GLY A 722 -23.97 -30.38 -12.26
C GLY A 722 -24.04 -29.34 -13.37
N THR A 723 -24.36 -28.07 -13.04
CA THR A 723 -24.43 -27.05 -14.09
C THR A 723 -23.12 -26.25 -14.17
N ALA A 724 -23.02 -25.46 -15.26
CA ALA A 724 -21.93 -24.52 -15.52
C ALA A 724 -20.61 -25.25 -15.44
N GLU A 725 -19.70 -24.74 -14.61
CA GLU A 725 -18.38 -25.31 -14.53
C GLU A 725 -18.37 -26.47 -13.54
N ASN A 726 -19.50 -26.66 -12.85
CA ASN A 726 -19.69 -27.80 -11.96
C ASN A 726 -18.51 -28.00 -11.03
N TYR A 727 -18.12 -26.92 -10.35
CA TYR A 727 -16.95 -26.92 -9.50
C TYR A 727 -17.39 -27.27 -8.09
N TRP A 728 -18.26 -26.43 -7.52
CA TRP A 728 -18.81 -26.66 -6.19
C TRP A 728 -20.30 -26.93 -6.37
N ARG A 729 -20.67 -27.45 -7.53
CA ARG A 729 -22.07 -27.72 -7.76
C ARG A 729 -22.37 -29.22 -7.88
N SER A 730 -21.55 -30.06 -7.22
CA SER A 730 -21.86 -31.48 -7.07
C SER A 730 -20.65 -32.28 -6.57
N PRO A 731 -19.40 -31.99 -7.00
CA PRO A 731 -18.27 -32.82 -6.58
C PRO A 731 -18.03 -32.88 -5.05
N VAL A 732 -17.31 -33.92 -4.61
CA VAL A 732 -17.04 -34.17 -3.21
C VAL A 732 -15.70 -33.52 -2.90
N TRP A 733 -15.66 -32.67 -1.86
CA TRP A 733 -14.47 -31.92 -1.48
C TRP A 733 -14.06 -32.35 -0.08
N ILE A 734 -12.77 -32.61 0.13
CA ILE A 734 -12.36 -33.25 1.37
C ILE A 734 -12.36 -32.26 2.52
N ASN A 735 -12.04 -30.98 2.27
CA ASN A 735 -11.99 -30.00 3.37
C ASN A 735 -13.34 -29.92 4.08
N ILE A 736 -14.43 -29.79 3.32
CA ILE A 736 -15.77 -29.71 3.88
C ILE A 736 -16.23 -31.06 4.45
N ASN A 737 -15.90 -32.16 3.76
CA ASN A 737 -16.15 -33.47 4.34
C ASN A 737 -15.46 -33.62 5.70
N TYR A 738 -14.22 -33.13 5.82
CA TYR A 738 -13.47 -33.19 7.06
C TYR A 738 -14.23 -32.45 8.15
N LEU A 739 -14.77 -31.26 7.85
CA LEU A 739 -15.49 -30.53 8.88
C LEU A 739 -16.67 -31.35 9.36
N ALA A 740 -17.37 -32.00 8.44
CA ALA A 740 -18.55 -32.79 8.79
C ALA A 740 -18.14 -33.98 9.65
N ILE A 741 -17.04 -34.64 9.28
CA ILE A 741 -16.66 -35.84 10.00
C ILE A 741 -16.38 -35.49 11.45
N VAL A 742 -15.72 -34.33 11.66
CA VAL A 742 -15.34 -33.83 12.99
C VAL A 742 -16.57 -33.50 13.83
N GLN A 743 -17.54 -32.79 13.25
CA GLN A 743 -18.76 -32.46 13.96
C GLN A 743 -19.60 -33.69 14.27
N LEU A 744 -19.69 -34.66 13.35
CA LEU A 744 -20.46 -35.87 13.58
C LEU A 744 -19.87 -36.61 14.77
N TYR A 745 -18.54 -36.63 14.86
CA TYR A 745 -17.85 -37.33 15.93
C TYR A 745 -18.14 -36.67 17.28
N ASN A 746 -18.27 -35.35 17.27
CA ASN A 746 -18.54 -34.60 18.49
C ASN A 746 -19.86 -35.06 19.09
N ILE A 747 -20.89 -35.12 18.25
CA ILE A 747 -22.22 -35.50 18.67
C ILE A 747 -22.24 -36.97 19.09
N ALA A 748 -21.45 -37.80 18.39
CA ALA A 748 -21.46 -39.24 18.63
C ALA A 748 -20.89 -39.62 20.01
N THR A 749 -19.96 -38.81 20.55
CA THR A 749 -19.21 -39.16 21.74
C THR A 749 -19.71 -38.34 22.92
N GLN A 750 -21.00 -38.00 22.89
CA GLN A 750 -21.60 -37.13 23.87
C GLN A 750 -23.07 -37.55 24.01
N ASP A 751 -23.59 -37.58 25.26
CA ASP A 751 -24.97 -37.93 25.53
C ASP A 751 -25.87 -36.90 24.84
N GLY A 752 -26.97 -37.38 24.24
CA GLY A 752 -27.94 -36.52 23.59
C GLY A 752 -28.87 -37.30 22.64
N PRO A 753 -29.93 -36.67 22.09
CA PRO A 753 -30.88 -37.36 21.21
C PRO A 753 -30.34 -37.83 19.86
N TYR A 754 -29.26 -37.21 19.38
CA TYR A 754 -28.78 -37.54 18.03
C TYR A 754 -27.53 -38.42 18.07
N LYS A 755 -27.08 -38.73 19.29
CA LYS A 755 -25.86 -39.48 19.52
C LYS A 755 -25.66 -40.64 18.55
N GLU A 756 -26.60 -41.60 18.46
CA GLU A 756 -26.36 -42.86 17.74
C GLU A 756 -26.59 -42.69 16.23
N THR A 757 -27.46 -41.75 15.82
CA THR A 757 -27.53 -41.39 14.40
C THR A 757 -26.22 -40.80 13.91
N ALA A 758 -25.65 -39.87 14.70
CA ALA A 758 -24.37 -39.30 14.34
C ALA A 758 -23.30 -40.40 14.31
N ARG A 759 -23.33 -41.33 15.26
CA ARG A 759 -22.30 -42.35 15.32
C ARG A 759 -22.31 -43.14 14.02
N ASP A 760 -23.52 -43.37 13.47
CA ASP A 760 -23.70 -44.17 12.27
C ASP A 760 -23.10 -43.42 11.08
N LEU A 761 -23.48 -42.13 10.95
CA LEU A 761 -22.98 -41.25 9.89
C LEU A 761 -21.46 -41.07 9.98
N TYR A 762 -20.95 -40.75 11.18
CA TYR A 762 -19.51 -40.64 11.39
C TYR A 762 -18.82 -41.84 10.75
N THR A 763 -19.21 -43.05 11.19
CA THR A 763 -18.52 -44.28 10.87
C THR A 763 -18.45 -44.48 9.35
N ARG A 764 -19.58 -44.30 8.67
CA ARG A 764 -19.73 -44.53 7.25
C ARG A 764 -19.04 -43.44 6.44
N LEU A 765 -19.16 -42.16 6.86
CA LEU A 765 -18.53 -41.07 6.15
C LEU A 765 -17.00 -41.14 6.25
N ARG A 766 -16.46 -41.38 7.45
CA ARG A 766 -15.03 -41.57 7.57
C ARG A 766 -14.57 -42.64 6.57
N LYS A 767 -15.33 -43.75 6.56
CA LYS A 767 -14.97 -44.88 5.72
C LYS A 767 -14.93 -44.45 4.27
N ASN A 768 -15.99 -43.76 3.83
CA ASN A 768 -16.22 -43.42 2.42
C ASN A 768 -15.16 -42.47 1.88
N ILE A 769 -14.92 -41.36 2.60
CA ILE A 769 -13.93 -40.36 2.27
C ILE A 769 -12.55 -41.00 2.18
N VAL A 770 -12.13 -41.76 3.20
CA VAL A 770 -10.81 -42.35 3.16
C VAL A 770 -10.66 -43.29 1.96
N GLU A 771 -11.65 -44.17 1.73
CA GLU A 771 -11.57 -45.15 0.66
C GLU A 771 -11.54 -44.45 -0.71
N THR A 772 -12.24 -43.31 -0.81
CA THR A 772 -12.26 -42.62 -2.08
C THR A 772 -10.86 -42.07 -2.38
N VAL A 773 -10.28 -41.37 -1.40
CA VAL A 773 -8.98 -40.78 -1.60
C VAL A 773 -7.95 -41.91 -1.76
N TYR A 774 -8.14 -43.00 -1.01
CA TYR A 774 -7.17 -44.09 -1.11
C TYR A 774 -7.22 -44.83 -2.45
N ARG A 775 -8.41 -45.30 -2.89
CA ARG A 775 -8.54 -45.99 -4.17
C ARG A 775 -7.85 -45.19 -5.29
N ASN A 776 -8.11 -43.85 -5.32
CA ASN A 776 -7.61 -42.98 -6.36
C ASN A 776 -6.09 -42.85 -6.27
N TRP A 777 -5.57 -42.80 -5.04
CA TRP A 777 -4.13 -42.73 -4.82
C TRP A 777 -3.48 -44.00 -5.34
N GLU A 778 -4.08 -45.16 -4.99
CA GLU A 778 -3.61 -46.46 -5.43
C GLU A 778 -3.54 -46.53 -6.97
N GLU A 779 -4.62 -46.08 -7.64
CA GLU A 779 -4.70 -46.15 -9.09
C GLU A 779 -3.81 -45.11 -9.79
N THR A 780 -3.74 -43.87 -9.28
CA THR A 780 -3.20 -42.77 -10.09
C THR A 780 -1.89 -42.22 -9.51
N GLY A 781 -1.63 -42.52 -8.23
CA GLY A 781 -0.46 -41.97 -7.57
C GLY A 781 -0.69 -40.59 -6.95
N PHE A 782 -1.88 -40.01 -7.12
CA PHE A 782 -2.08 -38.61 -6.78
C PHE A 782 -3.20 -38.43 -5.77
N ALA A 783 -3.11 -37.32 -5.01
CA ALA A 783 -4.27 -36.75 -4.34
C ALA A 783 -4.92 -35.78 -5.31
N TRP A 784 -6.26 -35.75 -5.33
CA TRP A 784 -6.99 -34.86 -6.21
C TRP A 784 -7.72 -33.77 -5.42
N GLU A 785 -8.10 -32.70 -6.13
CA GLU A 785 -8.74 -31.50 -5.60
C GLU A 785 -10.15 -31.81 -5.12
N GLN A 786 -10.83 -32.67 -5.87
CA GLN A 786 -12.22 -33.04 -5.60
C GLN A 786 -12.47 -34.41 -6.22
N TYR A 787 -13.60 -35.03 -5.84
CA TYR A 787 -13.93 -36.38 -6.23
C TYR A 787 -15.35 -36.42 -6.78
N ASN A 788 -15.49 -37.22 -7.84
CA ASN A 788 -16.69 -37.26 -8.65
C ASN A 788 -17.72 -38.08 -7.89
N PRO A 789 -18.92 -37.55 -7.63
CA PRO A 789 -19.87 -38.25 -6.76
C PRO A 789 -20.51 -39.50 -7.41
N GLU A 790 -20.50 -39.59 -8.75
CA GLU A 790 -21.08 -40.69 -9.51
C GLU A 790 -20.08 -41.84 -9.67
N THR A 791 -18.80 -41.50 -9.93
CA THR A 791 -17.84 -42.52 -10.29
C THR A 791 -16.79 -42.69 -9.20
N GLY A 792 -16.59 -41.68 -8.36
CA GLY A 792 -15.57 -41.78 -7.33
C GLY A 792 -14.20 -41.35 -7.87
N LYS A 793 -14.13 -40.95 -9.15
CA LYS A 793 -12.85 -40.60 -9.74
C LYS A 793 -12.40 -39.23 -9.25
N GLY A 794 -11.09 -39.10 -9.06
CA GLY A 794 -10.45 -37.82 -8.80
C GLY A 794 -10.47 -36.97 -10.06
N GLN A 795 -10.78 -35.69 -9.91
CA GLN A 795 -10.84 -34.79 -11.04
C GLN A 795 -10.27 -33.43 -10.64
N ARG A 796 -10.00 -32.59 -11.63
CA ARG A 796 -9.37 -31.29 -11.50
C ARG A 796 -7.91 -31.47 -11.14
N THR A 797 -7.41 -30.59 -10.28
CA THR A 797 -5.97 -30.49 -10.02
C THR A 797 -5.45 -31.78 -9.36
N GLN A 798 -4.31 -32.26 -9.87
CA GLN A 798 -3.54 -33.31 -9.21
C GLN A 798 -2.53 -32.75 -8.21
N HIS A 799 -1.91 -33.65 -7.43
CA HIS A 799 -0.90 -33.30 -6.43
C HIS A 799 -1.47 -32.24 -5.51
N PHE A 800 -2.71 -32.45 -5.09
CA PHE A 800 -3.42 -31.51 -4.24
C PHE A 800 -3.22 -31.89 -2.76
N THR A 801 -2.04 -31.54 -2.23
CA THR A 801 -1.70 -31.74 -0.84
C THR A 801 -1.13 -30.45 -0.24
N GLY A 802 -1.97 -29.44 0.00
CA GLY A 802 -3.40 -29.48 -0.28
C GLY A 802 -4.21 -30.15 0.83
N TRP A 803 -5.46 -29.68 1.02
CA TRP A 803 -6.32 -30.11 2.11
C TRP A 803 -6.86 -31.52 1.89
N THR A 804 -6.53 -32.14 0.76
CA THR A 804 -6.96 -33.51 0.59
C THR A 804 -6.24 -34.39 1.62
N SER A 805 -5.04 -33.97 2.01
CA SER A 805 -4.21 -34.66 2.97
C SER A 805 -4.85 -34.73 4.36
N LEU A 806 -5.95 -33.99 4.62
CA LEU A 806 -6.67 -34.09 5.90
C LEU A 806 -7.06 -35.54 6.23
N VAL A 807 -7.05 -36.39 5.20
CA VAL A 807 -7.43 -37.80 5.25
C VAL A 807 -6.54 -38.55 6.27
N VAL A 808 -5.29 -38.13 6.45
CA VAL A 808 -4.41 -38.63 7.50
C VAL A 808 -5.06 -38.44 8.87
N LYS A 809 -5.67 -37.27 9.12
CA LYS A 809 -6.23 -36.98 10.44
C LYS A 809 -7.56 -37.69 10.58
N ILE A 810 -8.27 -37.92 9.45
CA ILE A 810 -9.54 -38.63 9.49
C ILE A 810 -9.27 -40.08 9.86
N MET A 811 -8.19 -40.67 9.31
CA MET A 811 -7.89 -42.07 9.55
C MET A 811 -7.47 -42.27 10.99
N SER A 812 -6.70 -41.32 11.53
CA SER A 812 -6.12 -41.50 12.85
C SER A 812 -7.15 -41.23 13.96
N GLY A 813 -8.15 -40.40 13.65
CA GLY A 813 -9.34 -40.21 14.47
C GLY A 813 -9.07 -39.68 15.88
N HIS A 814 -9.96 -40.02 16.82
CA HIS A 814 -9.89 -39.60 18.22
C HIS A 814 -9.72 -38.08 18.34
N HIS A 815 -10.63 -37.33 17.70
CA HIS A 815 -10.57 -35.87 17.62
C HIS A 815 -10.57 -35.18 19.00
N GLU B 35 -18.25 39.74 -18.68
CA GLU B 35 -19.38 40.11 -19.61
C GLU B 35 -19.16 41.55 -20.08
N SER B 36 -18.56 42.40 -19.23
CA SER B 36 -17.94 43.61 -19.74
C SER B 36 -16.64 43.28 -20.47
N ILE B 37 -16.45 43.92 -21.63
CA ILE B 37 -15.27 43.78 -22.45
C ILE B 37 -13.99 43.93 -21.63
N LEU B 38 -13.94 44.94 -20.76
CA LEU B 38 -12.70 45.17 -20.04
C LEU B 38 -12.43 43.99 -19.11
N HIS B 39 -13.44 43.62 -18.30
CA HIS B 39 -13.32 42.51 -17.37
C HIS B 39 -12.81 41.23 -18.05
N SER B 40 -13.45 40.82 -19.15
CA SER B 40 -12.98 39.72 -19.96
C SER B 40 -11.52 39.88 -20.36
N GLU B 41 -11.17 41.06 -20.86
CA GLU B 41 -9.85 41.13 -21.48
C GLU B 41 -8.79 40.93 -20.39
N ILE B 42 -8.96 41.63 -19.25
CA ILE B 42 -8.07 41.43 -18.12
C ILE B 42 -7.98 39.94 -17.79
N GLY B 43 -9.14 39.29 -17.71
CA GLY B 43 -9.25 37.86 -17.46
C GLY B 43 -8.37 37.04 -18.41
N ARG B 44 -8.48 37.31 -19.73
CA ARG B 44 -7.66 36.61 -20.71
C ARG B 44 -6.19 36.86 -20.40
N LEU B 45 -5.84 38.09 -20.02
CA LEU B 45 -4.45 38.46 -19.87
C LEU B 45 -3.88 37.76 -18.63
N ASN B 46 -4.72 37.66 -17.60
CA ASN B 46 -4.33 36.99 -16.37
C ASN B 46 -4.17 35.50 -16.62
N ASN B 47 -5.13 34.97 -17.36
CA ASN B 47 -5.19 33.60 -17.80
C ASN B 47 -3.85 33.25 -18.49
N GLN B 48 -3.45 34.04 -19.50
CA GLN B 48 -2.26 33.75 -20.29
C GLN B 48 -0.98 34.02 -19.50
N SER B 49 -1.07 34.89 -18.51
CA SER B 49 0.08 35.22 -17.69
C SER B 49 0.41 34.03 -16.80
N LEU B 50 -0.65 33.37 -16.29
CA LEU B 50 -0.52 32.48 -15.15
C LEU B 50 -0.51 31.02 -15.60
N LEU B 51 -0.63 30.77 -16.92
CA LEU B 51 -0.98 29.44 -17.40
C LEU B 51 0.07 28.40 -17.00
N TRP B 52 1.34 28.68 -17.31
CA TRP B 52 2.41 27.75 -17.06
C TRP B 52 2.98 28.01 -15.68
N GLY B 53 3.46 26.96 -15.01
CA GLY B 53 4.20 27.14 -13.79
C GLY B 53 4.73 25.82 -13.27
N PRO B 54 5.51 25.80 -12.17
CA PRO B 54 5.93 24.54 -11.55
C PRO B 54 4.80 24.12 -10.60
N TYR B 55 3.64 23.88 -11.18
CA TYR B 55 2.40 23.80 -10.44
C TYR B 55 2.14 22.43 -9.82
N ARG B 56 3.19 21.69 -9.49
CA ARG B 56 3.01 20.34 -8.96
C ARG B 56 3.80 20.29 -7.66
N PRO B 57 3.31 20.95 -6.60
CA PRO B 57 4.12 21.13 -5.39
C PRO B 57 4.42 19.83 -4.65
N ASN B 58 3.72 18.74 -5.02
CA ASN B 58 3.88 17.45 -4.37
C ASN B 58 5.21 16.81 -4.77
N ILE B 59 5.77 17.21 -5.91
CA ILE B 59 7.08 16.70 -6.31
C ILE B 59 8.16 17.77 -6.14
N TYR B 60 9.42 17.33 -5.97
CA TYR B 60 10.57 18.22 -5.97
C TYR B 60 10.54 19.21 -7.13
N PHE B 61 10.39 18.73 -8.37
CA PHE B 61 10.40 19.63 -9.51
C PHE B 61 9.66 19.05 -10.71
N GLY B 62 8.67 19.79 -11.20
CA GLY B 62 7.95 19.43 -12.41
C GLY B 62 7.01 20.57 -12.78
N THR B 63 6.54 20.57 -14.02
CA THR B 63 5.72 21.68 -14.45
C THR B 63 4.39 21.14 -14.96
N ARG B 64 3.38 22.00 -15.04
CA ARG B 64 2.18 21.68 -15.82
C ARG B 64 1.40 22.99 -16.02
N PRO B 65 0.58 23.15 -17.09
CA PRO B 65 -0.20 24.37 -17.25
C PRO B 65 -1.53 24.26 -16.50
N ARG B 66 -2.25 25.38 -16.35
CA ARG B 66 -3.55 25.31 -15.67
C ARG B 66 -4.59 24.72 -16.64
N ILE B 67 -4.34 23.50 -17.14
CA ILE B 67 -5.30 22.76 -17.94
C ILE B 67 -5.36 21.32 -17.42
N GLY B 68 -6.58 20.79 -17.28
CA GLY B 68 -6.80 19.48 -16.68
C GLY B 68 -6.06 18.35 -17.39
N LYS B 69 -6.18 18.28 -18.73
CA LYS B 69 -5.63 17.19 -19.51
C LYS B 69 -4.60 17.76 -20.45
N SER B 70 -3.32 17.62 -20.13
CA SER B 70 -2.34 18.33 -20.94
C SER B 70 -0.95 17.81 -20.63
N LEU B 71 0.07 18.64 -20.90
CA LEU B 71 1.45 18.20 -20.82
C LEU B 71 1.95 18.44 -19.39
N MET B 72 2.57 17.42 -18.78
CA MET B 72 3.14 17.53 -17.45
C MET B 72 4.58 17.03 -17.50
N THR B 73 5.43 17.59 -16.64
CA THR B 73 6.80 17.12 -16.57
C THR B 73 7.14 16.79 -15.13
N GLY B 74 8.23 16.06 -14.94
CA GLY B 74 8.77 15.86 -13.61
C GLY B 74 10.20 15.33 -13.67
N LEU B 75 10.94 15.61 -12.60
CA LEU B 75 12.36 15.32 -12.48
C LEU B 75 12.59 14.24 -11.42
N MET B 76 13.47 13.29 -11.74
CA MET B 76 13.90 12.33 -10.72
C MET B 76 15.43 12.23 -10.74
N TRP B 77 16.03 11.83 -9.60
CA TRP B 77 17.48 11.64 -9.53
C TRP B 77 17.81 10.67 -8.41
N GLY B 78 18.98 10.02 -8.52
CA GLY B 78 19.45 9.16 -7.46
C GLY B 78 20.87 8.71 -7.79
N LYS B 79 21.68 8.51 -6.74
CA LYS B 79 22.98 7.85 -6.85
C LYS B 79 22.79 6.36 -7.20
N ILE B 80 23.76 5.79 -7.94
CA ILE B 80 23.74 4.36 -8.19
C ILE B 80 25.11 3.77 -7.92
N GLU B 81 25.15 2.75 -7.05
CA GLU B 81 26.39 2.10 -6.65
C GLU B 81 26.27 0.58 -6.72
N SER B 82 25.03 0.04 -6.81
CA SER B 82 24.82 -1.40 -6.78
C SER B 82 23.63 -1.79 -7.64
N TYR B 83 23.38 -3.10 -7.75
CA TYR B 83 22.33 -3.59 -8.62
C TYR B 83 20.96 -3.34 -8.01
N THR B 84 20.92 -2.86 -6.76
CA THR B 84 19.65 -2.87 -6.03
C THR B 84 19.38 -1.58 -5.26
N ASP B 85 20.31 -0.61 -5.32
CA ASP B 85 20.24 0.52 -4.40
C ASP B 85 19.38 1.65 -4.98
N PHE B 86 19.34 1.74 -6.30
CA PHE B 86 18.68 2.84 -6.98
C PHE B 86 17.24 3.01 -6.53
N GLN B 87 16.51 1.90 -6.39
CA GLN B 87 15.13 1.98 -5.97
C GLN B 87 14.98 2.68 -4.60
N HIS B 88 16.04 2.67 -3.75
CA HIS B 88 15.96 3.29 -2.43
C HIS B 88 16.47 4.74 -2.44
N THR B 89 17.25 5.11 -3.47
CA THR B 89 17.93 6.40 -3.49
C THR B 89 17.11 7.42 -4.29
N VAL B 90 16.23 6.95 -5.17
CA VAL B 90 15.71 7.84 -6.20
C VAL B 90 14.71 8.79 -5.55
N ARG B 91 14.60 10.02 -6.09
CA ARG B 91 13.81 11.09 -5.52
C ARG B 91 12.71 11.44 -6.51
N TYR B 92 11.49 11.71 -6.03
CA TYR B 92 10.45 12.18 -6.92
C TYR B 92 9.43 13.05 -6.17
N THR B 93 8.61 12.41 -5.31
CA THR B 93 7.68 13.12 -4.44
C THR B 93 8.45 13.63 -3.22
N CYS B 94 8.09 14.86 -2.76
CA CYS B 94 8.69 15.50 -1.59
C CYS B 94 8.42 14.67 -0.34
N GLU B 95 9.46 14.49 0.50
CA GLU B 95 9.33 13.95 1.87
C GLU B 95 10.18 14.80 2.82
N GLN B 96 10.27 14.41 4.09
CA GLN B 96 11.19 15.11 4.99
C GLN B 96 11.66 14.11 6.04
N ASN B 97 12.97 13.84 6.06
CA ASN B 97 13.59 12.80 6.87
C ASN B 97 15.09 13.10 7.00
N GLU B 98 15.81 12.28 7.79
CA GLU B 98 17.27 12.36 7.99
C GLU B 98 18.02 12.42 6.65
N GLY B 99 17.44 11.85 5.59
CA GLY B 99 18.08 11.74 4.29
C GLY B 99 18.14 13.06 3.53
N MET B 100 17.31 14.03 3.93
CA MET B 100 17.18 15.32 3.28
C MET B 100 17.41 16.44 4.29
N LYS B 101 18.35 17.35 4.00
CA LYS B 101 18.63 18.49 4.88
C LYS B 101 17.48 19.48 4.76
N GLY B 102 17.11 19.87 3.54
CA GLY B 102 16.13 20.92 3.34
C GLY B 102 15.97 21.21 1.85
N TYR B 103 14.87 21.89 1.49
CA TYR B 103 14.61 22.31 0.13
C TYR B 103 13.55 23.38 0.16
N GLY B 104 13.43 24.11 -0.95
CA GLY B 104 12.45 25.16 -1.11
C GLY B 104 12.91 26.24 -2.09
N TRP B 105 12.06 27.25 -2.26
CA TRP B 105 12.37 28.30 -3.21
C TRP B 105 13.06 29.45 -2.48
N ASP B 106 14.24 29.88 -2.97
CA ASP B 106 14.96 31.02 -2.43
C ASP B 106 14.23 32.30 -2.80
N GLU B 107 13.61 32.24 -3.98
CA GLU B 107 12.94 33.36 -4.60
C GLU B 107 11.94 32.80 -5.62
N TYR B 108 10.76 33.41 -5.73
CA TYR B 108 9.86 32.92 -6.74
C TYR B 108 8.68 33.88 -6.92
N ASP B 109 8.31 34.06 -8.19
CA ASP B 109 7.09 34.78 -8.52
C ASP B 109 6.41 34.00 -9.65
N PRO B 110 5.15 33.60 -9.43
CA PRO B 110 4.38 32.83 -10.42
C PRO B 110 4.30 33.34 -11.84
N ARG B 111 4.40 34.65 -12.06
CA ARG B 111 4.44 35.19 -13.41
C ARG B 111 5.85 35.16 -14.02
N ARG B 112 6.90 35.09 -13.20
CA ARG B 112 8.23 35.30 -13.72
C ARG B 112 9.05 34.01 -13.59
N GLY B 113 8.82 33.25 -12.52
CA GLY B 113 9.63 32.09 -12.22
C GLY B 113 10.44 32.30 -10.94
N GLY B 114 11.56 31.58 -10.83
CA GLY B 114 12.33 31.62 -9.61
C GLY B 114 13.36 30.50 -9.58
N ILE B 115 13.84 30.19 -8.36
CA ILE B 115 14.99 29.34 -8.16
C ILE B 115 14.72 28.52 -6.90
N GLN B 116 14.91 27.20 -7.02
CA GLN B 116 14.72 26.26 -5.93
C GLN B 116 16.06 25.62 -5.56
N SER B 117 16.22 25.34 -4.28
CA SER B 117 17.40 24.67 -3.74
C SER B 117 16.98 23.41 -3.00
N ILE B 118 17.64 22.30 -3.36
CA ILE B 118 17.42 21.02 -2.72
C ILE B 118 18.75 20.51 -2.17
N HIS B 119 18.78 20.26 -0.86
CA HIS B 119 19.97 19.78 -0.18
C HIS B 119 19.72 18.36 0.28
N ASP B 120 20.10 17.41 -0.59
CA ASP B 120 19.84 15.99 -0.45
C ASP B 120 21.08 15.35 0.18
N ILE B 121 20.97 14.92 1.44
CA ILE B 121 22.11 14.34 2.12
C ILE B 121 22.37 12.94 1.56
N GLN B 122 21.33 12.10 1.52
CA GLN B 122 21.52 10.70 1.17
C GLN B 122 22.21 10.56 -0.19
N ASN B 123 21.96 11.48 -1.14
CA ASN B 123 22.51 11.33 -2.48
C ASN B 123 23.69 12.28 -2.68
N GLY B 124 24.07 12.97 -1.60
CA GLY B 124 25.31 13.73 -1.56
C GLY B 124 25.32 14.86 -2.57
N LEU B 125 24.15 15.48 -2.80
CA LEU B 125 23.98 16.47 -3.86
C LEU B 125 23.28 17.72 -3.31
N ASP B 126 23.68 18.88 -3.86
CA ASP B 126 22.98 20.14 -3.76
C ASP B 126 22.48 20.46 -5.17
N ILE B 127 21.16 20.57 -5.29
CA ILE B 127 20.56 20.74 -6.60
C ILE B 127 19.85 22.08 -6.66
N THR B 128 19.94 22.68 -7.85
CA THR B 128 19.35 23.94 -8.20
C THR B 128 18.38 23.72 -9.34
N THR B 129 17.13 24.13 -9.16
CA THR B 129 16.24 24.13 -10.31
C THR B 129 15.85 25.59 -10.48
N SER B 130 16.18 26.13 -11.64
CA SER B 130 15.79 27.49 -11.92
C SER B 130 14.81 27.50 -13.09
N PHE B 131 13.72 28.21 -12.90
CA PHE B 131 12.60 28.14 -13.82
C PHE B 131 12.25 29.57 -14.21
N VAL B 132 12.10 29.83 -15.51
CA VAL B 132 11.76 31.17 -15.98
C VAL B 132 10.67 30.99 -17.00
N LYS B 133 9.73 31.96 -17.03
CA LYS B 133 8.68 32.04 -18.05
C LYS B 133 8.93 33.23 -18.99
N ILE B 134 8.56 33.08 -20.26
CA ILE B 134 8.86 34.02 -21.33
C ILE B 134 7.59 34.25 -22.12
N PRO B 135 6.92 35.42 -21.97
CA PRO B 135 5.67 35.66 -22.68
C PRO B 135 5.91 35.72 -24.18
N GLY B 136 4.85 35.47 -24.96
CA GLY B 136 5.00 35.14 -26.36
C GLY B 136 3.89 34.20 -26.83
N GLY B 137 3.18 34.64 -27.87
CA GLY B 137 2.26 33.78 -28.60
C GLY B 137 0.88 33.81 -27.95
N ALA B 138 0.03 32.87 -28.39
CA ALA B 138 -1.39 32.80 -28.04
C ALA B 138 -1.66 31.75 -26.96
N HIS B 139 -0.63 31.04 -26.50
CA HIS B 139 -0.90 29.81 -25.76
C HIS B 139 -0.16 29.79 -24.43
N GLY B 140 0.06 30.98 -23.84
CA GLY B 140 0.58 31.10 -22.48
C GLY B 140 2.10 31.17 -22.42
N GLY B 141 2.73 31.39 -23.57
CA GLY B 141 4.15 31.69 -23.62
C GLY B 141 5.00 30.42 -23.55
N SER B 142 6.25 30.60 -23.15
CA SER B 142 7.25 29.56 -23.20
C SER B 142 7.87 29.58 -21.82
N TRP B 143 8.74 28.61 -21.55
CA TRP B 143 9.44 28.54 -20.29
C TRP B 143 10.75 27.79 -20.50
N ALA B 144 11.64 27.89 -19.52
CA ALA B 144 12.90 27.17 -19.52
C ALA B 144 13.19 26.82 -18.07
N ALA B 145 14.01 25.78 -17.87
CA ALA B 145 14.52 25.45 -16.55
C ALA B 145 15.95 24.92 -16.66
N ARG B 146 16.76 25.26 -15.67
CA ARG B 146 18.08 24.70 -15.63
C ARG B 146 18.17 23.82 -14.41
N ILE B 147 18.76 22.63 -14.56
CA ILE B 147 18.97 21.72 -13.46
C ILE B 147 20.47 21.58 -13.24
N LYS B 148 20.95 21.96 -12.04
CA LYS B 148 22.37 21.89 -11.70
C LYS B 148 22.61 21.00 -10.48
N GLY B 149 23.48 19.99 -10.62
CA GLY B 149 23.86 19.13 -9.52
C GLY B 149 25.32 19.32 -9.09
N THR B 150 25.55 19.48 -7.78
CA THR B 150 26.87 19.70 -7.23
C THR B 150 27.00 18.77 -6.04
N LEU B 151 28.00 17.88 -6.07
CA LEU B 151 28.25 16.98 -4.95
C LEU B 151 28.72 17.82 -3.76
N ASN B 152 28.24 17.48 -2.56
CA ASN B 152 28.75 18.00 -1.29
C ASN B 152 30.15 17.43 -1.05
N ASP B 153 30.81 17.85 0.03
CA ASP B 153 32.19 17.45 0.27
C ASP B 153 32.32 15.99 0.73
N ASP B 154 31.24 15.38 1.23
CA ASP B 154 31.26 14.03 1.79
C ASP B 154 31.06 12.97 0.72
N ALA B 155 30.57 13.37 -0.44
CA ALA B 155 30.23 12.40 -1.47
C ALA B 155 31.48 11.99 -2.23
N PRO B 156 31.62 10.70 -2.63
CA PRO B 156 32.77 10.27 -3.45
C PRO B 156 32.88 11.08 -4.75
N LYS B 157 34.07 11.56 -5.07
CA LYS B 157 34.25 12.57 -6.12
C LYS B 157 33.84 12.00 -7.48
N ASP B 158 33.77 10.67 -7.57
CA ASP B 158 33.47 9.96 -8.82
C ASP B 158 32.03 9.43 -8.83
N GLN B 159 31.18 9.90 -7.90
CA GLN B 159 29.84 9.38 -7.73
C GLN B 159 29.02 9.42 -9.03
N LYS B 160 28.32 8.32 -9.28
CA LYS B 160 27.48 8.22 -10.46
C LYS B 160 26.05 8.53 -10.06
N THR B 161 25.43 9.47 -10.80
CA THR B 161 24.07 9.91 -10.52
C THR B 161 23.22 9.72 -11.77
N ILE B 162 22.09 9.01 -11.63
CA ILE B 162 21.09 8.92 -12.69
C ILE B 162 20.12 10.09 -12.54
N VAL B 163 19.75 10.67 -13.69
CA VAL B 163 18.81 11.78 -13.75
C VAL B 163 17.80 11.54 -14.86
N VAL B 164 16.52 11.58 -14.50
CA VAL B 164 15.42 11.35 -15.42
C VAL B 164 14.53 12.60 -15.48
N PHE B 165 14.32 13.07 -16.70
CA PHE B 165 13.23 13.97 -17.01
C PHE B 165 12.08 13.17 -17.64
N TYR B 166 10.89 13.25 -17.06
CA TYR B 166 9.70 12.51 -17.47
C TYR B 166 8.64 13.48 -18.00
N VAL B 167 8.13 13.20 -19.21
CA VAL B 167 7.15 14.08 -19.84
C VAL B 167 5.91 13.26 -20.22
N SER B 168 4.74 13.79 -19.91
CA SER B 168 3.53 13.05 -20.20
C SER B 168 2.53 14.01 -20.84
N GLN B 169 1.65 13.48 -21.72
CA GLN B 169 0.60 14.30 -22.31
C GLN B 169 -0.73 13.55 -22.38
N GLU B 170 -1.71 14.03 -21.63
CA GLU B 170 -3.05 13.49 -21.65
C GLU B 170 -3.92 14.34 -22.57
N GLY B 171 -4.98 13.73 -23.11
CA GLY B 171 -6.01 14.49 -23.80
C GLY B 171 -6.19 14.08 -25.25
N GLU B 172 -7.39 14.29 -25.79
CA GLU B 172 -7.74 13.88 -27.14
C GLU B 172 -7.03 14.80 -28.13
N ASN B 173 -6.76 14.23 -29.32
CA ASN B 173 -6.19 14.96 -30.44
C ASN B 173 -4.99 15.75 -29.95
N SER B 174 -3.89 15.03 -29.74
CA SER B 174 -2.64 15.62 -29.30
C SER B 174 -1.51 14.62 -29.52
N GLU B 175 -0.42 15.08 -30.13
CA GLU B 175 0.70 14.21 -30.44
C GLU B 175 1.92 14.67 -29.65
N LEU B 176 2.84 13.75 -29.41
CA LEU B 176 4.14 14.15 -28.93
C LEU B 176 5.16 13.13 -29.43
N GLU B 177 6.31 13.62 -29.89
CA GLU B 177 7.22 12.75 -30.61
C GLU B 177 8.66 13.18 -30.35
N ALA B 178 9.51 12.19 -30.07
CA ALA B 178 10.95 12.44 -29.97
C ALA B 178 11.57 12.28 -31.35
N VAL B 179 12.41 13.24 -31.71
CA VAL B 179 13.19 13.14 -32.92
C VAL B 179 14.30 12.10 -32.70
N PRO B 180 14.42 11.07 -33.59
CA PRO B 180 15.52 10.10 -33.52
C PRO B 180 16.89 10.78 -33.47
N SER B 181 17.81 10.17 -32.73
CA SER B 181 19.19 10.64 -32.77
C SER B 181 19.82 10.27 -34.11
N GLU B 182 20.98 10.87 -34.41
CA GLU B 182 21.78 10.47 -35.56
C GLU B 182 22.59 9.20 -35.23
N ASN B 183 22.72 8.84 -33.95
CA ASN B 183 23.64 7.81 -33.47
C ASN B 183 22.92 6.51 -33.11
N GLU B 184 23.69 5.44 -32.85
CA GLU B 184 23.12 4.10 -32.82
C GLU B 184 22.29 3.87 -31.55
N PHE B 185 22.88 4.22 -30.39
CA PHE B 185 22.43 3.68 -29.12
C PHE B 185 21.84 4.77 -28.23
N GLY B 186 21.70 5.99 -28.77
CA GLY B 186 21.28 7.15 -28.02
C GLY B 186 21.80 8.46 -28.60
N TYR B 187 21.87 9.50 -27.76
CA TYR B 187 22.10 10.88 -28.20
C TYR B 187 23.40 11.42 -27.63
N GLU B 188 24.09 12.17 -28.48
CA GLU B 188 25.29 12.91 -28.13
C GLU B 188 24.90 14.35 -27.88
N GLY B 189 23.80 14.79 -28.52
CA GLY B 189 23.39 16.18 -28.50
C GLY B 189 22.16 16.42 -27.64
N ASP B 190 21.26 17.25 -28.17
CA ASP B 190 20.03 17.60 -27.47
C ASP B 190 18.98 16.57 -27.85
N VAL B 191 18.01 16.35 -26.96
CA VAL B 191 16.81 15.59 -27.28
C VAL B 191 15.72 16.59 -27.58
N ILE B 192 15.00 16.35 -28.67
CA ILE B 192 13.94 17.24 -29.10
C ILE B 192 12.63 16.47 -29.09
N LEU B 193 11.62 16.99 -28.39
CA LEU B 193 10.25 16.51 -28.50
C LEU B 193 9.41 17.54 -29.26
N LYS B 194 8.61 17.06 -30.23
CA LYS B 194 7.72 17.91 -31.00
C LYS B 194 6.28 17.46 -30.74
N GLY B 195 5.43 18.43 -30.38
CA GLY B 195 4.11 18.15 -29.86
C GLY B 195 3.10 19.17 -30.36
N ARG B 196 1.83 18.80 -30.23
CA ARG B 196 0.74 19.63 -30.68
C ARG B 196 -0.45 19.25 -29.80
N SER B 197 -1.26 20.24 -29.39
CA SER B 197 -2.55 19.96 -28.77
C SER B 197 -3.49 21.15 -29.02
N GLU B 198 -4.79 20.98 -28.75
CA GLU B 198 -5.72 22.09 -28.87
C GLU B 198 -5.28 23.22 -27.94
N ALA B 199 -4.95 22.87 -26.68
CA ALA B 199 -4.73 23.87 -25.67
C ALA B 199 -3.41 24.60 -25.91
N LEU B 200 -2.35 23.85 -26.27
CA LEU B 200 -1.03 24.44 -26.36
C LEU B 200 -0.63 24.89 -27.78
N GLY B 201 -1.33 24.39 -28.81
CA GLY B 201 -0.90 24.54 -30.20
C GLY B 201 0.31 23.64 -30.47
N ASN B 202 1.20 24.09 -31.37
CA ASN B 202 2.46 23.40 -31.63
C ASN B 202 3.50 23.91 -30.64
N TYR B 203 4.39 23.01 -30.22
CA TYR B 203 5.41 23.44 -29.28
C TYR B 203 6.61 22.53 -29.45
N LYS B 204 7.69 22.89 -28.77
CA LYS B 204 8.93 22.15 -28.91
C LYS B 204 9.50 22.09 -27.50
N LEU B 205 9.74 20.87 -26.99
CA LEU B 205 10.34 20.68 -25.67
C LEU B 205 11.71 20.05 -25.87
N VAL B 206 12.75 20.68 -25.32
CA VAL B 206 14.12 20.26 -25.61
C VAL B 206 14.86 19.99 -24.31
N VAL B 207 15.46 18.80 -24.19
CA VAL B 207 16.38 18.55 -23.09
C VAL B 207 17.78 18.64 -23.63
N THR B 208 18.52 19.63 -23.16
CA THR B 208 19.80 19.95 -23.76
C THR B 208 20.84 18.92 -23.32
N LYS B 209 21.95 18.89 -24.10
CA LYS B 209 23.06 17.97 -23.90
C LYS B 209 23.54 18.09 -22.47
N GLY B 210 23.76 19.35 -22.05
CA GLY B 210 24.21 19.70 -20.72
C GLY B 210 25.72 19.59 -20.59
N LYS B 211 26.20 19.66 -19.36
CA LYS B 211 27.62 19.80 -19.10
C LYS B 211 27.89 18.86 -17.94
N GLY B 212 29.01 18.13 -18.02
CA GLY B 212 29.44 17.14 -17.03
C GLY B 212 29.88 15.81 -17.67
N VAL B 213 30.65 15.02 -16.90
CA VAL B 213 31.24 13.78 -17.37
C VAL B 213 30.17 12.69 -17.42
N ILE B 214 30.13 12.01 -18.57
CA ILE B 214 29.31 10.83 -18.84
C ILE B 214 30.19 9.59 -18.75
N PRO B 215 30.02 8.68 -17.76
CA PRO B 215 30.94 7.54 -17.63
C PRO B 215 30.76 6.62 -18.82
N GLN B 216 31.83 5.90 -19.20
CA GLN B 216 31.79 5.02 -20.37
C GLN B 216 32.03 3.58 -19.90
N SER B 217 31.39 2.62 -20.58
CA SER B 217 31.65 1.22 -20.23
C SER B 217 32.36 0.51 -21.38
N ASP B 218 33.38 -0.30 -21.02
CA ASP B 218 34.01 -1.15 -22.04
C ASP B 218 33.63 -2.62 -21.89
N HIS B 219 32.66 -2.89 -21.01
CA HIS B 219 32.06 -4.20 -20.86
C HIS B 219 31.39 -4.65 -22.15
N ASP B 220 31.33 -5.97 -22.38
CA ASP B 220 30.80 -6.53 -23.61
C ASP B 220 29.36 -6.05 -23.87
N LEU B 221 28.61 -5.75 -22.80
CA LEU B 221 27.24 -5.26 -22.89
C LEU B 221 27.13 -4.01 -23.78
N SER B 222 28.21 -3.22 -23.86
CA SER B 222 28.23 -2.02 -24.70
C SER B 222 27.88 -2.31 -26.15
N ARG B 223 28.12 -3.54 -26.61
CA ARG B 223 27.93 -3.88 -28.02
C ARG B 223 26.45 -3.79 -28.33
N LEU B 224 25.65 -3.96 -27.27
CA LEU B 224 24.21 -3.98 -27.43
C LEU B 224 23.62 -2.63 -27.00
N ARG B 225 24.24 -2.00 -25.99
CA ARG B 225 23.61 -0.87 -25.29
C ARG B 225 24.43 0.40 -25.40
N GLY B 226 25.47 0.42 -26.26
CA GLY B 226 26.38 1.56 -26.38
C GLY B 226 27.27 1.70 -25.16
N PRO B 227 28.35 2.53 -25.20
CA PRO B 227 29.25 2.66 -24.06
C PRO B 227 28.65 3.51 -22.93
N GLY B 228 27.58 4.24 -23.25
CA GLY B 228 26.93 5.08 -22.25
C GLY B 228 26.60 6.45 -22.83
N GLN B 229 25.31 6.82 -22.79
CA GLN B 229 24.83 8.03 -23.44
C GLN B 229 23.41 8.37 -22.97
N THR B 230 22.95 9.56 -23.34
CA THR B 230 21.59 9.98 -23.12
C THR B 230 20.67 9.08 -23.92
N VAL B 231 19.50 8.76 -23.37
CA VAL B 231 18.56 7.91 -24.09
C VAL B 231 17.15 8.41 -23.84
N VAL B 232 16.25 8.10 -24.78
CA VAL B 232 14.84 8.41 -24.67
C VAL B 232 14.07 7.13 -24.93
N GLN B 233 13.05 6.88 -24.09
CA GLN B 233 12.01 5.91 -24.43
C GLN B 233 10.66 6.61 -24.57
N SER B 234 10.03 6.43 -25.72
CA SER B 234 8.72 6.98 -25.98
C SER B 234 7.70 5.85 -25.87
N LEU B 235 6.74 5.98 -24.96
CA LEU B 235 5.83 4.90 -24.66
C LEU B 235 4.41 5.41 -24.74
N THR B 236 3.45 4.48 -24.64
CA THR B 236 2.03 4.79 -24.59
C THR B 236 1.43 4.07 -23.39
N TYR B 237 0.86 4.84 -22.46
CA TYR B 237 0.21 4.25 -21.32
C TYR B 237 -1.23 4.69 -21.35
N PRO B 238 -2.16 4.04 -20.61
CA PRO B 238 -3.52 4.54 -20.54
C PRO B 238 -3.53 5.79 -19.66
N ASP B 239 -4.47 6.70 -19.95
CA ASP B 239 -4.53 8.02 -19.34
C ASP B 239 -4.55 7.95 -17.80
N GLU B 240 -5.03 6.85 -17.22
CA GLU B 240 -5.28 6.83 -15.79
C GLU B 240 -3.98 6.63 -15.01
N VAL B 241 -2.91 6.17 -15.68
CA VAL B 241 -1.69 5.84 -14.95
C VAL B 241 -0.55 6.81 -15.25
N LEU B 242 -0.79 7.83 -16.09
CA LEU B 242 0.23 8.79 -16.49
C LEU B 242 0.96 9.42 -15.29
N TRP B 243 0.23 9.67 -14.20
CA TRP B 243 0.79 10.37 -13.06
C TRP B 243 1.77 9.46 -12.32
N GLN B 244 1.66 8.13 -12.54
CA GLN B 244 2.45 7.20 -11.75
C GLN B 244 3.85 7.09 -12.33
N ALA B 245 4.59 8.20 -12.29
CA ALA B 245 5.90 8.32 -12.91
C ALA B 245 6.91 7.29 -12.40
N LYS B 246 7.16 7.23 -11.08
CA LYS B 246 8.15 6.31 -10.51
C LYS B 246 7.79 4.86 -10.89
N PRO B 247 6.56 4.37 -10.68
CA PRO B 247 6.25 3.00 -11.07
C PRO B 247 6.53 2.73 -12.55
N ILE B 248 6.21 3.72 -13.40
CA ILE B 248 6.45 3.56 -14.83
C ILE B 248 7.95 3.49 -15.11
N LEU B 249 8.75 4.35 -14.46
CA LEU B 249 10.17 4.29 -14.70
C LEU B 249 10.69 2.93 -14.25
N PHE B 250 10.23 2.46 -13.10
CA PHE B 250 10.75 1.21 -12.57
C PHE B 250 10.31 0.01 -13.41
N GLN B 251 9.12 0.10 -13.99
CA GLN B 251 8.63 -0.97 -14.84
C GLN B 251 9.54 -1.07 -16.05
N GLN B 252 9.98 0.09 -16.54
CA GLN B 252 10.83 0.15 -17.71
C GLN B 252 12.22 -0.35 -17.36
N LEU B 253 12.65 -0.12 -16.11
CA LEU B 253 14.00 -0.53 -15.74
C LEU B 253 14.02 -2.04 -15.52
N LYS B 254 12.91 -2.58 -15.00
CA LYS B 254 12.81 -4.02 -14.78
C LYS B 254 12.80 -4.73 -16.14
N ALA B 255 12.07 -4.16 -17.10
CA ALA B 255 12.02 -4.78 -18.41
C ALA B 255 13.42 -4.81 -19.03
N GLY B 256 14.19 -3.73 -18.81
CA GLY B 256 15.54 -3.58 -19.36
C GLY B 256 16.49 -4.61 -18.78
N ILE B 257 16.16 -5.10 -17.59
CA ILE B 257 17.02 -6.03 -16.89
C ILE B 257 16.67 -7.46 -17.32
N ASP B 258 15.38 -7.73 -17.53
CA ASP B 258 14.98 -9.06 -17.98
C ASP B 258 15.55 -9.36 -19.35
N TRP B 259 15.72 -8.30 -20.14
CA TRP B 259 16.18 -8.38 -21.51
C TRP B 259 17.60 -8.93 -21.54
N LEU B 260 18.36 -8.73 -20.45
CA LEU B 260 19.72 -9.21 -20.34
C LEU B 260 19.81 -10.73 -20.51
N VAL B 261 18.83 -11.47 -19.96
CA VAL B 261 18.89 -12.92 -19.95
C VAL B 261 18.39 -13.53 -21.26
N GLU B 262 17.91 -12.71 -22.20
CA GLU B 262 17.44 -13.23 -23.49
C GLU B 262 18.35 -12.72 -24.60
N ASN B 263 19.55 -12.22 -24.25
CA ASN B 263 20.38 -11.59 -25.27
C ASN B 263 21.85 -11.96 -25.12
N LYS B 264 22.54 -11.94 -26.27
CA LYS B 264 23.88 -12.45 -26.47
C LYS B 264 24.93 -11.41 -26.03
N TYR B 265 25.51 -11.61 -24.84
CA TYR B 265 26.70 -10.89 -24.43
C TYR B 265 27.39 -11.69 -23.32
N ASP B 266 28.66 -11.34 -23.02
CA ASP B 266 29.50 -12.09 -22.10
C ASP B 266 29.20 -11.69 -20.65
N VAL B 267 28.84 -12.69 -19.82
CA VAL B 267 28.34 -12.40 -18.50
C VAL B 267 29.34 -12.88 -17.46
N ALA B 268 30.59 -13.04 -17.89
CA ALA B 268 31.63 -13.51 -16.98
C ALA B 268 32.00 -12.40 -15.98
N ASP B 269 32.05 -11.14 -16.46
CA ASP B 269 32.41 -10.03 -15.58
C ASP B 269 31.19 -9.19 -15.21
N PRO B 270 31.14 -8.67 -13.97
CA PRO B 270 30.05 -7.77 -13.54
C PRO B 270 29.99 -6.50 -14.38
N PRO B 271 28.85 -6.19 -15.03
CA PRO B 271 28.72 -4.92 -15.75
C PRO B 271 28.55 -3.79 -14.74
N PRO B 272 28.87 -2.52 -15.08
CA PRO B 272 28.71 -1.42 -14.11
C PRO B 272 27.23 -1.14 -13.80
N PRO B 273 26.84 -1.01 -12.50
CA PRO B 273 25.45 -0.78 -12.12
C PRO B 273 24.71 0.28 -12.93
N TRP B 274 25.40 1.38 -13.22
CA TRP B 274 24.77 2.46 -13.94
C TRP B 274 24.38 2.03 -15.35
N GLN B 275 25.12 1.08 -15.94
CA GLN B 275 24.85 0.73 -17.34
C GLN B 275 23.69 -0.25 -17.38
N VAL B 276 23.63 -1.10 -16.38
CA VAL B 276 22.55 -2.06 -16.30
C VAL B 276 21.23 -1.34 -16.05
N TYR B 277 21.29 -0.16 -15.40
CA TYR B 277 20.12 0.70 -15.14
C TYR B 277 19.89 1.78 -16.20
N LEU B 278 20.60 1.73 -17.33
CA LEU B 278 20.48 2.71 -18.39
C LEU B 278 19.61 2.12 -19.48
N LEU B 279 18.47 2.76 -19.72
CA LEU B 279 17.43 2.20 -20.57
C LEU B 279 17.93 2.14 -22.01
N ALA B 280 17.37 1.19 -22.75
CA ALA B 280 17.60 1.12 -24.19
C ALA B 280 16.91 2.33 -24.83
N ASN B 281 17.64 3.00 -25.72
CA ASN B 281 17.08 4.04 -26.54
C ASN B 281 15.97 3.48 -27.44
N LYS B 282 14.75 4.04 -27.34
CA LYS B 282 13.63 3.69 -28.20
C LYS B 282 12.77 4.92 -28.44
N PRO B 283 13.34 5.99 -29.02
CA PRO B 283 12.60 7.25 -29.26
C PRO B 283 11.51 7.02 -30.30
N GLY B 284 10.44 7.82 -30.21
CA GLY B 284 9.39 7.86 -31.20
C GLY B 284 8.16 8.61 -30.69
N SER B 285 7.02 8.19 -31.23
CA SER B 285 5.74 8.78 -30.90
C SER B 285 5.26 8.22 -29.57
N GLY B 286 4.50 9.02 -28.79
CA GLY B 286 3.67 8.48 -27.72
C GLY B 286 3.28 9.53 -26.68
N ASN B 287 2.69 9.08 -25.57
CA ASN B 287 2.15 9.99 -24.55
C ASN B 287 3.01 9.93 -23.28
N VAL B 288 4.06 9.10 -23.27
CA VAL B 288 5.02 9.17 -22.19
C VAL B 288 6.39 9.17 -22.83
N HIS B 289 7.27 10.05 -22.37
CA HIS B 289 8.65 10.09 -22.84
C HIS B 289 9.57 10.19 -21.64
N ILE B 290 10.53 9.27 -21.55
CA ILE B 290 11.47 9.27 -20.44
C ILE B 290 12.83 9.57 -21.02
N VAL B 291 13.43 10.67 -20.58
CA VAL B 291 14.77 11.06 -20.98
C VAL B 291 15.71 10.77 -19.83
N GLN B 292 16.74 9.96 -20.09
CA GLN B 292 17.60 9.54 -19.00
C GLN B 292 19.05 9.92 -19.30
N LYS B 293 19.77 10.38 -18.26
CA LYS B 293 21.18 10.75 -18.38
C LYS B 293 21.93 10.17 -17.18
N VAL B 294 23.15 9.74 -17.43
CA VAL B 294 23.98 9.35 -16.30
C VAL B 294 25.17 10.30 -16.25
N PHE B 295 25.54 10.69 -15.03
CA PHE B 295 26.62 11.64 -14.81
C PHE B 295 27.55 11.07 -13.74
N GLU B 296 28.84 11.38 -13.90
CA GLU B 296 29.90 11.17 -12.91
C GLU B 296 30.37 12.54 -12.42
N GLY B 297 30.22 12.80 -11.11
CA GLY B 297 30.46 14.13 -10.57
C GLY B 297 29.32 15.11 -10.87
N ASP B 298 29.68 16.36 -11.13
CA ASP B 298 28.76 17.50 -11.22
C ASP B 298 28.13 17.57 -12.60
N PHE B 299 26.87 17.99 -12.67
CA PHE B 299 26.16 17.99 -13.92
C PHE B 299 25.26 19.22 -13.97
N GLU B 300 24.97 19.69 -15.18
CA GLU B 300 23.84 20.57 -15.40
C GLU B 300 23.30 20.32 -16.80
N PHE B 301 21.99 20.52 -16.93
CA PHE B 301 21.35 20.49 -18.23
C PHE B 301 20.12 21.40 -18.19
N ASP B 302 19.54 21.66 -19.36
CA ASP B 302 18.49 22.64 -19.51
C ASP B 302 17.29 21.97 -20.18
N ILE B 303 16.09 22.43 -19.81
CA ILE B 303 14.86 22.07 -20.51
C ILE B 303 14.31 23.35 -21.14
N LEU B 304 14.03 23.32 -22.44
CA LEU B 304 13.65 24.52 -23.16
C LEU B 304 12.31 24.26 -23.84
N PHE B 305 11.28 25.00 -23.42
CA PHE B 305 9.94 24.88 -23.98
C PHE B 305 9.65 26.14 -24.81
N SER B 306 9.47 25.94 -26.11
CA SER B 306 9.19 27.01 -27.03
C SER B 306 7.79 26.83 -27.61
N SER B 307 6.90 27.77 -27.29
CA SER B 307 5.57 27.88 -27.88
C SER B 307 5.75 28.29 -29.34
N GLU B 308 5.16 27.56 -30.28
CA GLU B 308 5.45 27.89 -31.67
C GLU B 308 4.89 29.25 -32.05
N SER B 309 3.69 29.58 -31.54
CA SER B 309 3.05 30.86 -31.80
C SER B 309 3.85 32.03 -31.19
N ALA B 310 4.80 31.79 -30.28
CA ALA B 310 5.67 32.85 -29.81
C ALA B 310 6.67 33.30 -30.89
N GLY B 311 6.82 32.46 -31.92
CA GLY B 311 7.58 32.75 -33.12
C GLY B 311 9.08 32.92 -32.89
N LYS B 312 9.59 32.35 -31.79
CA LYS B 312 10.99 32.53 -31.41
C LYS B 312 11.35 31.39 -30.46
N GLU B 313 12.24 30.52 -30.92
CA GLU B 313 12.71 29.39 -30.13
C GLU B 313 13.54 29.92 -28.96
N VAL B 314 13.37 29.30 -27.78
CA VAL B 314 14.01 29.73 -26.54
C VAL B 314 15.38 29.06 -26.48
N THR B 315 16.40 29.81 -26.06
CA THR B 315 17.74 29.27 -26.09
C THR B 315 18.28 29.21 -24.67
N SER B 316 19.40 28.52 -24.50
CA SER B 316 20.11 28.64 -23.23
C SER B 316 20.51 30.08 -22.87
N LYS B 317 20.84 30.93 -23.87
CA LYS B 317 21.23 32.31 -23.57
C LYS B 317 20.00 33.05 -23.03
N ASP B 318 18.86 32.88 -23.72
CA ASP B 318 17.58 33.41 -23.26
C ASP B 318 17.31 33.05 -21.80
N LEU B 319 17.53 31.76 -21.46
CA LEU B 319 17.32 31.23 -20.13
C LEU B 319 18.11 32.05 -19.12
N GLU B 320 19.42 32.21 -19.37
CA GLU B 320 20.36 32.77 -18.39
C GLU B 320 20.06 34.25 -18.18
N ARG B 321 19.67 34.93 -19.27
CA ARG B 321 19.36 36.34 -19.29
C ARG B 321 18.13 36.60 -18.40
N GLU B 322 17.10 35.74 -18.51
CA GLU B 322 15.82 35.93 -17.85
C GLU B 322 15.89 35.48 -16.39
N VAL B 323 16.73 34.50 -16.09
CA VAL B 323 16.98 34.19 -14.70
C VAL B 323 17.49 35.44 -13.98
N LYS B 324 18.50 36.11 -14.56
CA LYS B 324 19.21 37.21 -13.90
C LYS B 324 18.25 38.40 -13.73
N GLN B 325 17.45 38.64 -14.79
CA GLN B 325 16.44 39.69 -14.85
C GLN B 325 15.42 39.47 -13.73
N ALA B 326 14.88 38.26 -13.66
CA ALA B 326 13.83 37.92 -12.72
C ALA B 326 14.31 38.08 -11.28
N THR B 327 15.58 37.70 -10.99
CA THR B 327 16.14 37.81 -9.64
C THR B 327 16.28 39.27 -9.23
N GLU B 328 16.68 40.14 -10.16
CA GLU B 328 16.76 41.55 -9.84
C GLU B 328 15.36 42.09 -9.55
N VAL B 329 14.36 41.78 -10.41
CA VAL B 329 13.02 42.32 -10.28
C VAL B 329 12.37 41.85 -8.98
N PHE B 330 12.69 40.64 -8.55
CA PHE B 330 12.12 40.09 -7.33
C PHE B 330 12.64 40.84 -6.10
N GLY B 331 13.95 41.12 -6.08
CA GLY B 331 14.56 41.88 -4.98
C GLY B 331 13.93 43.27 -4.84
N GLU B 332 13.72 43.94 -5.98
CA GLU B 332 13.18 45.28 -5.97
C GLU B 332 11.75 45.22 -5.44
N ARG B 333 10.94 44.31 -6.00
CA ARG B 333 9.56 44.15 -5.55
C ARG B 333 9.45 43.79 -4.06
N PHE B 334 10.35 42.97 -3.53
CA PHE B 334 10.23 42.54 -2.15
C PHE B 334 10.47 43.71 -1.20
N ALA B 335 11.37 44.62 -1.59
CA ALA B 335 11.69 45.82 -0.83
C ALA B 335 10.48 46.76 -0.74
N ARG B 336 9.77 46.95 -1.87
CA ARG B 336 8.53 47.71 -1.92
C ARG B 336 7.44 47.04 -1.09
N VAL B 337 7.23 45.73 -1.17
CA VAL B 337 5.94 45.17 -0.73
C VAL B 337 6.03 44.73 0.72
N PHE B 338 7.22 44.27 1.13
CA PHE B 338 7.45 43.92 2.52
C PHE B 338 8.66 44.70 3.02
N ASP B 339 8.46 46.01 3.31
CA ASP B 339 9.43 46.91 3.94
C ASP B 339 9.55 46.55 5.43
N LEU B 340 10.54 45.72 5.76
CA LEU B 340 10.63 45.23 7.12
C LEU B 340 10.91 46.42 8.06
N LYS B 341 10.30 46.37 9.26
CA LYS B 341 10.33 47.47 10.22
C LYS B 341 11.09 47.01 11.46
N ALA B 342 11.52 47.97 12.29
CA ALA B 342 12.38 47.75 13.45
C ALA B 342 11.72 46.73 14.39
N PRO B 343 12.47 45.81 15.01
CA PRO B 343 13.93 45.71 14.83
C PRO B 343 14.40 44.59 13.89
N PHE B 344 13.73 44.44 12.74
CA PHE B 344 14.06 43.33 11.85
C PHE B 344 14.52 43.84 10.49
N GLN B 345 15.25 44.95 10.48
CA GLN B 345 15.74 45.48 9.23
C GLN B 345 17.10 44.86 8.88
N GLY B 346 17.63 44.01 9.77
CA GLY B 346 18.80 43.18 9.48
C GLY B 346 18.77 42.49 8.11
N ASP B 347 19.96 42.18 7.60
CA ASP B 347 20.10 41.40 6.39
C ASP B 347 19.65 39.97 6.65
N ASN B 348 19.81 39.51 7.88
CA ASN B 348 19.44 38.15 8.28
C ASN B 348 17.91 37.99 8.21
N TYR B 349 17.18 39.06 8.52
CA TYR B 349 15.73 39.04 8.51
C TYR B 349 15.17 39.14 7.08
N LYS B 350 15.83 39.92 6.21
CA LYS B 350 15.48 40.00 4.81
C LYS B 350 15.64 38.62 4.11
N LYS B 351 16.73 37.89 4.40
CA LYS B 351 16.93 36.59 3.79
C LYS B 351 15.83 35.65 4.27
N PHE B 352 15.47 35.76 5.57
CA PHE B 352 14.46 34.94 6.21
C PHE B 352 13.09 35.24 5.63
N GLY B 353 12.80 36.53 5.46
CA GLY B 353 11.54 36.97 4.91
C GLY B 353 11.35 36.44 3.48
N LYS B 354 12.40 36.56 2.67
CA LYS B 354 12.29 36.20 1.26
C LYS B 354 12.09 34.69 1.16
N SER B 355 12.66 34.00 2.13
CA SER B 355 12.56 32.55 2.15
C SER B 355 11.13 32.15 2.53
N MET B 356 10.64 32.63 3.67
CA MET B 356 9.27 32.35 4.06
C MET B 356 8.27 32.67 2.94
N PHE B 357 8.47 33.79 2.23
CA PHE B 357 7.42 34.20 1.33
C PHE B 357 7.49 33.43 0.03
N SER B 358 8.70 33.27 -0.53
CA SER B 358 8.93 32.42 -1.70
C SER B 358 8.36 31.01 -1.49
N ASN B 359 8.63 30.42 -0.32
CA ASN B 359 8.10 29.10 -0.08
C ASN B 359 6.59 29.04 -0.21
N LEU B 360 5.89 30.08 0.31
CA LEU B 360 4.44 30.15 0.36
C LEU B 360 3.90 30.28 -1.06
N ILE B 361 4.40 31.25 -1.80
CA ILE B 361 3.84 31.53 -3.12
C ILE B 361 4.33 30.47 -4.08
N GLY B 362 5.41 29.78 -3.72
CA GLY B 362 5.97 28.74 -4.55
C GLY B 362 5.27 27.40 -4.33
N GLY B 363 4.47 27.32 -3.26
CA GLY B 363 3.65 26.14 -3.03
C GLY B 363 2.44 26.09 -3.96
N ILE B 364 2.23 27.10 -4.81
CA ILE B 364 0.93 27.14 -5.48
C ILE B 364 0.84 25.94 -6.42
N GLY B 365 -0.26 25.21 -6.37
CA GLY B 365 -0.44 24.09 -7.29
C GLY B 365 -1.72 24.22 -8.12
N TYR B 366 -1.75 23.45 -9.20
CA TYR B 366 -2.96 23.28 -9.98
C TYR B 366 -3.44 21.83 -9.88
N PHE B 367 -4.72 21.65 -9.53
CA PHE B 367 -5.25 20.32 -9.29
C PHE B 367 -6.50 20.11 -10.12
N TYR B 368 -6.62 18.89 -10.67
CA TYR B 368 -7.75 18.56 -11.53
C TYR B 368 -8.13 17.11 -11.31
N GLY B 369 -9.45 16.85 -11.24
CA GLY B 369 -9.97 15.49 -11.17
C GLY B 369 -11.25 15.43 -10.37
N HIS B 370 -11.69 14.22 -10.03
CA HIS B 370 -12.92 14.02 -9.30
C HIS B 370 -12.67 14.11 -7.81
N SER B 371 -13.77 14.13 -7.06
CA SER B 371 -13.71 14.35 -5.63
C SER B 371 -14.59 13.28 -5.01
N LEU B 372 -14.32 12.89 -3.76
CA LEU B 372 -15.19 11.93 -3.11
C LEU B 372 -16.15 12.61 -2.10
N VAL B 373 -17.46 12.53 -2.37
CA VAL B 373 -18.47 13.22 -1.57
C VAL B 373 -19.58 12.24 -1.22
N ASP B 374 -20.10 12.36 0.01
CA ASP B 374 -21.32 11.67 0.42
C ASP B 374 -22.51 12.57 0.16
N ARG B 375 -23.39 12.22 -0.78
CA ARG B 375 -24.54 13.06 -1.09
C ARG B 375 -25.85 12.40 -0.63
N SER B 376 -25.80 11.64 0.45
CA SER B 376 -26.99 10.95 0.92
C SER B 376 -27.91 11.92 1.65
N TYR B 377 -27.29 12.93 2.30
CA TYR B 377 -27.97 13.87 3.18
C TYR B 377 -28.75 13.13 4.26
N ALA B 378 -28.16 12.04 4.77
CA ALA B 378 -28.76 11.19 5.78
C ALA B 378 -29.29 12.00 6.97
N PRO B 379 -30.56 11.80 7.38
CA PRO B 379 -31.12 12.44 8.58
C PRO B 379 -30.26 12.38 9.83
N GLU B 380 -29.32 11.43 9.91
CA GLU B 380 -28.42 11.33 11.05
C GLU B 380 -27.49 12.55 11.04
N TYR B 381 -27.21 13.05 9.83
CA TYR B 381 -26.27 14.15 9.64
C TYR B 381 -26.81 15.46 10.23
N ASP B 382 -28.16 15.59 10.33
CA ASP B 382 -28.84 16.71 10.96
C ASP B 382 -28.41 16.88 12.41
N GLU B 383 -28.04 15.80 13.10
CA GLU B 383 -27.39 15.86 14.42
C GLU B 383 -28.32 16.39 15.52
N GLU B 384 -29.52 15.81 15.66
CA GLU B 384 -30.55 16.34 16.55
C GLU B 384 -30.54 15.70 17.93
N ASN B 385 -30.26 14.39 18.00
CA ASN B 385 -30.37 13.63 19.24
C ASN B 385 -29.05 13.72 20.01
N GLU B 386 -29.09 13.39 21.30
CA GLU B 386 -27.87 13.10 22.03
C GLU B 386 -27.23 11.86 21.40
N GLY B 387 -25.92 11.72 21.59
CA GLY B 387 -25.15 10.69 20.92
C GLY B 387 -25.29 10.70 19.39
N PHE B 388 -25.54 11.88 18.79
CA PHE B 388 -25.68 12.08 17.35
C PHE B 388 -24.44 11.58 16.60
N TRP B 389 -23.30 11.48 17.33
CA TRP B 389 -22.05 11.05 16.73
C TRP B 389 -22.04 9.56 16.41
N GLU B 390 -22.74 8.75 17.21
CA GLU B 390 -22.91 7.33 16.89
C GLU B 390 -23.85 7.18 15.70
N ASP B 391 -24.86 8.04 15.59
CA ASP B 391 -25.82 7.98 14.48
C ASP B 391 -25.07 8.30 13.19
N ALA B 392 -24.00 9.10 13.33
CA ALA B 392 -23.20 9.59 12.21
C ALA B 392 -22.32 8.46 11.71
N ALA B 393 -21.76 7.68 12.65
CA ALA B 393 -20.96 6.50 12.31
C ALA B 393 -21.79 5.49 11.52
N GLU B 394 -23.02 5.23 11.99
CA GLU B 394 -23.96 4.39 11.27
C GLU B 394 -24.17 4.89 9.85
N ALA B 395 -24.39 6.20 9.70
CA ALA B 395 -24.71 6.72 8.37
C ALA B 395 -23.49 6.59 7.45
N ARG B 396 -22.28 6.72 8.00
CA ARG B 396 -21.09 6.62 7.16
C ARG B 396 -20.88 5.17 6.76
N ALA B 397 -21.21 4.24 7.66
CA ALA B 397 -21.05 2.81 7.43
C ALA B 397 -21.95 2.33 6.29
N ARG B 398 -22.90 3.16 5.85
CA ARG B 398 -23.77 2.78 4.75
C ARG B 398 -23.13 3.08 3.41
N HIS B 399 -21.97 3.77 3.42
CA HIS B 399 -21.08 4.03 2.28
C HIS B 399 -21.82 4.50 1.04
N GLN B 400 -22.41 5.70 1.07
CA GLN B 400 -23.13 6.25 -0.08
C GLN B 400 -22.20 7.10 -0.95
N GLU B 401 -21.01 7.46 -0.45
CA GLU B 401 -20.11 8.35 -1.19
C GLU B 401 -19.82 7.85 -2.61
N ALA B 402 -19.83 8.79 -3.58
CA ALA B 402 -19.38 8.55 -4.95
C ALA B 402 -18.34 9.60 -5.35
N LEU B 403 -17.52 9.27 -6.36
CA LEU B 403 -16.72 10.26 -7.04
C LEU B 403 -17.61 11.22 -7.82
N GLU B 404 -17.27 12.51 -7.84
CA GLU B 404 -18.01 13.47 -8.65
C GLU B 404 -17.06 14.56 -9.14
N GLY B 405 -17.47 15.22 -10.24
CA GLY B 405 -16.61 16.16 -10.92
C GLY B 405 -16.61 15.92 -12.43
N PRO B 406 -15.49 16.10 -13.17
CA PRO B 406 -14.21 16.59 -12.59
C PRO B 406 -14.24 18.04 -12.10
N TYR B 407 -13.34 18.40 -11.18
CA TYR B 407 -13.23 19.76 -10.70
C TYR B 407 -11.80 20.24 -10.89
N GLU B 408 -11.59 21.57 -10.88
CA GLU B 408 -10.23 22.10 -10.84
C GLU B 408 -10.05 23.05 -9.66
N LEU B 409 -8.79 23.24 -9.23
CA LEU B 409 -8.48 24.16 -8.14
C LEU B 409 -7.04 24.67 -8.28
N PHE B 410 -6.91 26.00 -8.35
CA PHE B 410 -5.64 26.72 -8.33
C PHE B 410 -5.48 27.40 -6.97
N THR B 411 -4.53 26.95 -6.16
CA THR B 411 -4.53 27.29 -4.75
C THR B 411 -3.12 27.10 -4.18
N SER B 412 -2.77 27.85 -3.14
CA SER B 412 -1.55 27.46 -2.46
C SER B 412 -1.88 26.39 -1.43
N ILE B 413 -0.90 25.92 -0.67
CA ILE B 413 -1.05 24.71 0.11
C ILE B 413 -0.30 24.86 1.42
N PRO B 414 -0.73 24.13 2.45
CA PRO B 414 -0.03 24.15 3.74
C PRO B 414 1.38 23.58 3.75
N SER B 415 1.62 22.48 3.03
CA SER B 415 2.92 21.83 3.11
C SER B 415 3.14 20.87 1.93
N ARG B 416 4.23 21.10 1.19
CA ARG B 416 4.55 20.30 0.03
C ARG B 416 4.63 18.81 0.38
N PRO B 417 5.45 18.40 1.37
CA PRO B 417 5.53 17.00 1.76
C PRO B 417 4.27 16.44 2.41
N PHE B 418 3.65 17.22 3.31
CA PHE B 418 2.66 16.67 4.21
C PHE B 418 1.22 16.99 3.80
N PHE B 419 0.98 18.19 3.26
CA PHE B 419 -0.39 18.57 2.90
C PHE B 419 -0.40 19.24 1.53
N PRO B 420 0.01 18.52 0.47
CA PRO B 420 0.01 19.06 -0.90
C PRO B 420 -1.39 19.15 -1.54
N ARG B 421 -2.32 19.83 -0.87
CA ARG B 421 -3.63 20.07 -1.49
C ARG B 421 -4.29 21.29 -0.85
N GLY B 422 -5.50 21.62 -1.32
CA GLY B 422 -6.24 22.78 -0.85
C GLY B 422 -6.96 22.53 0.48
N PHE B 423 -6.70 23.42 1.45
CA PHE B 423 -7.45 23.49 2.69
C PHE B 423 -8.15 24.83 2.81
N LEU B 424 -9.45 24.78 3.13
CA LEU B 424 -10.33 25.93 3.01
C LEU B 424 -9.95 27.07 3.97
N TRP B 425 -9.70 26.80 5.26
CA TRP B 425 -9.43 27.91 6.13
C TRP B 425 -7.96 28.31 6.08
N ASP B 426 -7.11 27.36 5.68
CA ASP B 426 -5.69 27.66 5.52
C ASP B 426 -5.53 28.72 4.45
N GLU B 427 -6.32 28.62 3.37
CA GLU B 427 -6.13 29.46 2.20
C GLU B 427 -6.39 30.93 2.58
N GLY B 428 -7.36 31.17 3.46
CA GLY B 428 -7.62 32.52 3.90
C GLY B 428 -6.36 33.18 4.45
N PHE B 429 -5.63 32.47 5.32
CA PHE B 429 -4.34 32.93 5.82
C PHE B 429 -3.26 33.03 4.74
N HIS B 430 -3.19 32.07 3.79
CA HIS B 430 -2.16 32.03 2.77
C HIS B 430 -2.21 33.28 1.89
N LEU B 431 -3.43 33.74 1.63
CA LEU B 431 -3.66 34.77 0.64
C LEU B 431 -3.41 36.16 1.22
N LEU B 432 -3.28 36.28 2.55
CA LEU B 432 -2.97 37.61 3.08
C LEU B 432 -1.61 38.10 2.56
N PRO B 433 -0.49 37.35 2.67
CA PRO B 433 0.79 37.80 2.09
C PRO B 433 0.80 37.80 0.55
N ILE B 434 0.14 36.81 -0.03
CA ILE B 434 0.07 36.76 -1.48
C ILE B 434 -0.67 38.00 -2.02
N ALA B 435 -1.73 38.42 -1.31
CA ALA B 435 -2.55 39.55 -1.78
C ALA B 435 -1.70 40.82 -1.82
N ASP B 436 -0.80 40.98 -0.85
CA ASP B 436 0.12 42.12 -0.79
C ASP B 436 1.01 42.14 -2.04
N TRP B 437 1.51 40.96 -2.42
CA TRP B 437 2.45 40.86 -3.50
C TRP B 437 1.76 41.02 -4.86
N ASP B 438 0.55 40.46 -5.01
CA ASP B 438 -0.07 40.30 -6.32
C ASP B 438 -1.56 40.10 -6.09
N ILE B 439 -2.31 41.22 -6.05
CA ILE B 439 -3.69 41.15 -5.63
C ILE B 439 -4.49 40.32 -6.65
N ASP B 440 -4.06 40.38 -7.91
CA ASP B 440 -4.76 39.70 -9.00
C ASP B 440 -4.65 38.18 -8.88
N LEU B 441 -3.46 37.69 -8.46
CA LEU B 441 -3.22 36.28 -8.21
C LEU B 441 -4.14 35.82 -7.10
N ALA B 442 -4.32 36.66 -6.08
CA ALA B 442 -5.10 36.23 -4.93
C ALA B 442 -6.57 36.13 -5.32
N LEU B 443 -7.02 37.06 -6.16
CA LEU B 443 -8.41 37.08 -6.60
C LEU B 443 -8.69 35.87 -7.49
N GLU B 444 -7.67 35.43 -8.26
CA GLU B 444 -7.80 34.23 -9.06
C GLU B 444 -7.97 33.01 -8.18
N ILE B 445 -7.09 32.88 -7.19
CA ILE B 445 -7.22 31.77 -6.27
C ILE B 445 -8.58 31.82 -5.57
N ILE B 446 -9.07 33.01 -5.22
CA ILE B 446 -10.36 33.09 -4.54
C ILE B 446 -11.46 32.66 -5.51
N LYS B 447 -11.34 33.05 -6.78
CA LYS B 447 -12.39 32.78 -7.73
C LYS B 447 -12.43 31.29 -7.97
N SER B 448 -11.24 30.67 -8.06
CA SER B 448 -11.05 29.22 -8.20
C SER B 448 -11.79 28.48 -7.08
N TRP B 449 -11.53 28.83 -5.81
CA TRP B 449 -12.25 28.22 -4.71
C TRP B 449 -13.77 28.42 -4.82
N TYR B 450 -14.23 29.64 -4.95
CA TYR B 450 -15.66 29.93 -5.02
C TYR B 450 -16.34 29.25 -6.21
N ASN B 451 -15.56 28.83 -7.20
CA ASN B 451 -16.11 28.09 -8.33
C ASN B 451 -16.41 26.64 -7.92
N LEU B 452 -15.89 26.17 -6.78
CA LEU B 452 -16.14 24.81 -6.35
C LEU B 452 -17.47 24.74 -5.60
N MET B 453 -17.99 25.88 -5.16
CA MET B 453 -19.15 25.87 -4.30
C MET B 453 -20.36 25.30 -5.05
N ASP B 454 -21.08 24.38 -4.40
CA ASP B 454 -22.26 23.75 -4.96
C ASP B 454 -23.47 24.70 -4.86
N GLU B 455 -24.64 24.18 -5.24
CA GLU B 455 -25.86 24.96 -5.32
C GLU B 455 -26.38 25.39 -3.94
N ASP B 456 -26.01 24.66 -2.86
CA ASP B 456 -26.53 25.07 -1.57
C ASP B 456 -25.61 26.07 -0.90
N GLY B 457 -24.36 26.17 -1.40
CA GLY B 457 -23.37 27.08 -0.86
C GLY B 457 -22.29 26.39 -0.02
N TRP B 458 -22.07 25.09 -0.28
CA TRP B 458 -21.04 24.28 0.39
C TRP B 458 -19.77 24.17 -0.47
N ILE B 459 -18.63 24.37 0.21
CA ILE B 459 -17.31 24.07 -0.32
C ILE B 459 -16.64 23.11 0.66
N ALA B 460 -16.22 21.94 0.18
CA ALA B 460 -15.56 20.95 1.01
C ALA B 460 -14.29 21.58 1.56
N ARG B 461 -13.96 21.25 2.82
CA ARG B 461 -12.90 21.93 3.53
C ARG B 461 -11.55 21.47 2.99
N GLU B 462 -11.56 20.30 2.38
CA GLU B 462 -10.32 19.72 1.93
C GLU B 462 -10.55 19.26 0.49
N GLN B 463 -9.74 19.76 -0.44
CA GLN B 463 -10.03 19.47 -1.82
C GLN B 463 -9.05 18.40 -2.30
N ILE B 464 -9.54 17.18 -2.50
CA ILE B 464 -8.66 16.10 -2.97
C ILE B 464 -9.08 15.79 -4.40
N LEU B 465 -8.41 16.40 -5.39
CA LEU B 465 -8.86 16.29 -6.77
C LEU B 465 -7.90 15.43 -7.61
N GLY B 466 -8.44 14.35 -8.18
CA GLY B 466 -7.67 13.40 -8.97
C GLY B 466 -7.01 12.29 -8.15
N ALA B 467 -6.75 11.17 -8.86
CA ALA B 467 -6.13 9.95 -8.37
C ALA B 467 -4.78 10.27 -7.73
N GLU B 468 -4.02 11.14 -8.41
CA GLU B 468 -2.71 11.53 -7.94
C GLU B 468 -2.78 12.16 -6.56
N ALA B 469 -3.73 13.07 -6.35
CA ALA B 469 -3.88 13.74 -5.07
C ALA B 469 -4.35 12.73 -4.02
N ARG B 470 -5.15 11.76 -4.47
CA ARG B 470 -5.89 10.86 -3.62
C ARG B 470 -4.93 9.81 -3.05
N SER B 471 -3.84 9.55 -3.77
CA SER B 471 -2.98 8.42 -3.45
C SER B 471 -2.10 8.73 -2.25
N LYS B 472 -2.16 9.95 -1.71
CA LYS B 472 -1.32 10.29 -0.58
C LYS B 472 -2.19 10.43 0.67
N VAL B 473 -3.48 10.14 0.52
CA VAL B 473 -4.49 10.38 1.54
C VAL B 473 -5.15 9.06 1.92
N PRO B 474 -5.00 8.61 3.18
CA PRO B 474 -5.65 7.36 3.63
C PRO B 474 -7.15 7.49 3.43
N LYS B 475 -7.78 6.41 3.00
CA LYS B 475 -9.18 6.42 2.59
C LYS B 475 -10.13 6.98 3.66
N GLU B 476 -9.89 6.72 4.95
CA GLU B 476 -10.77 7.26 5.98
C GLU B 476 -10.85 8.79 5.95
N PHE B 477 -9.95 9.45 5.22
CA PHE B 477 -10.00 10.91 5.17
C PHE B 477 -10.47 11.46 3.83
N GLN B 478 -10.75 10.63 2.83
CA GLN B 478 -11.03 11.17 1.51
C GLN B 478 -12.44 11.74 1.43
N THR B 479 -13.41 11.11 2.10
CA THR B 479 -14.81 11.47 1.87
C THR B 479 -15.13 12.85 2.45
N GLN B 480 -15.82 13.68 1.66
CA GLN B 480 -16.25 15.02 2.05
C GLN B 480 -17.76 15.04 2.30
N TYR B 481 -18.19 15.73 3.36
CA TYR B 481 -19.58 15.73 3.76
C TYR B 481 -20.16 17.14 3.66
N PRO B 482 -21.26 17.31 2.91
CA PRO B 482 -21.88 18.63 2.67
C PRO B 482 -22.42 19.39 3.89
N HIS B 483 -22.37 18.75 5.05
CA HIS B 483 -22.82 19.39 6.28
C HIS B 483 -21.59 19.87 7.07
N TYR B 484 -20.40 19.52 6.60
CA TYR B 484 -19.16 19.94 7.28
C TYR B 484 -18.69 21.31 6.80
N ALA B 485 -18.46 22.22 7.76
CA ALA B 485 -18.04 23.58 7.47
C ALA B 485 -16.56 23.75 7.77
N ASN B 486 -16.03 24.96 7.51
CA ASN B 486 -14.67 25.33 7.86
C ASN B 486 -14.67 26.84 8.04
N PRO B 487 -13.78 27.45 8.87
CA PRO B 487 -13.79 28.90 9.07
C PRO B 487 -13.64 29.67 7.76
N PRO B 488 -14.50 30.68 7.51
CA PRO B 488 -14.47 31.41 6.24
C PRO B 488 -13.38 32.50 6.18
N THR B 489 -12.14 32.08 6.42
CA THR B 489 -11.01 33.01 6.46
C THR B 489 -10.80 33.73 5.13
N LEU B 490 -11.45 33.27 4.05
CA LEU B 490 -11.24 33.93 2.75
C LEU B 490 -11.88 35.32 2.74
N PHE B 491 -12.87 35.51 3.60
CA PHE B 491 -13.45 36.83 3.79
C PHE B 491 -12.37 37.83 4.24
N LEU B 492 -11.38 37.40 5.04
CA LEU B 492 -10.40 38.32 5.56
C LEU B 492 -9.64 38.94 4.38
N VAL B 493 -9.33 38.13 3.37
CA VAL B 493 -8.62 38.65 2.22
C VAL B 493 -9.52 39.64 1.49
N LEU B 494 -10.81 39.29 1.38
CA LEU B 494 -11.69 40.19 0.67
C LEU B 494 -11.72 41.53 1.41
N ASP B 495 -11.70 41.49 2.74
CA ASP B 495 -11.70 42.68 3.55
C ASP B 495 -10.52 43.57 3.16
N ASN B 496 -9.31 42.98 3.04
CA ASN B 496 -8.12 43.73 2.68
C ASN B 496 -8.27 44.29 1.26
N PHE B 497 -8.95 43.53 0.40
CA PHE B 497 -9.15 43.97 -0.97
C PHE B 497 -10.11 45.16 -1.02
N VAL B 498 -11.26 45.08 -0.30
CA VAL B 498 -12.24 46.16 -0.25
C VAL B 498 -11.51 47.44 0.21
N GLU B 499 -10.78 47.31 1.32
CA GLU B 499 -9.94 48.35 1.88
C GLU B 499 -9.13 49.01 0.75
N ARG B 500 -8.40 48.19 -0.01
CA ARG B 500 -7.53 48.67 -1.08
C ARG B 500 -8.31 49.46 -2.15
N LEU B 501 -9.55 49.04 -2.45
CA LEU B 501 -10.41 49.73 -3.41
C LEU B 501 -10.89 51.08 -2.89
N ARG B 502 -11.05 51.22 -1.56
CA ARG B 502 -11.52 52.46 -0.97
C ARG B 502 -10.41 53.52 -0.97
N LYS B 503 -9.12 53.12 -0.98
CA LYS B 503 -8.02 54.07 -1.03
C LYS B 503 -7.92 54.83 -2.37
N THR B 520 1.28 46.56 -15.79
CA THR B 520 1.62 45.37 -14.93
C THR B 520 0.31 44.72 -14.44
N LEU B 521 0.20 43.42 -14.72
CA LEU B 521 -1.02 42.64 -14.55
C LEU B 521 -1.33 42.34 -13.08
N SER B 522 -0.33 42.45 -12.20
CA SER B 522 -0.46 42.23 -10.76
C SER B 522 -1.56 43.04 -10.08
N THR B 523 -1.85 44.25 -10.59
CA THR B 523 -2.64 45.20 -9.82
C THR B 523 -3.80 45.75 -10.63
N ALA B 524 -4.03 45.20 -11.82
CA ALA B 524 -4.98 45.73 -12.78
C ALA B 524 -6.37 45.87 -12.16
N SER B 525 -6.63 45.11 -11.09
CA SER B 525 -7.92 45.05 -10.42
C SER B 525 -8.08 46.18 -9.41
N VAL B 526 -6.98 46.80 -8.95
CA VAL B 526 -7.10 48.01 -8.14
C VAL B 526 -6.80 49.23 -9.01
N ASP B 527 -5.82 49.09 -9.92
CA ASP B 527 -5.36 50.18 -10.77
C ASP B 527 -6.53 50.81 -11.51
N ASN B 528 -7.42 49.97 -12.03
CA ASN B 528 -8.67 50.46 -12.59
C ASN B 528 -9.79 49.90 -11.73
N PRO B 529 -10.31 50.67 -10.73
CA PRO B 529 -11.33 50.16 -9.79
C PRO B 529 -12.65 49.70 -10.42
N GLU B 530 -12.84 49.98 -11.70
CA GLU B 530 -13.99 49.41 -12.40
C GLU B 530 -13.87 47.88 -12.40
N VAL B 531 -12.64 47.41 -12.61
CA VAL B 531 -12.33 46.00 -12.74
C VAL B 531 -12.59 45.32 -11.40
N GLY B 532 -12.04 45.90 -10.34
CA GLY B 532 -12.21 45.35 -9.01
C GLY B 532 -13.70 45.22 -8.68
N LEU B 533 -14.44 46.26 -9.09
CA LEU B 533 -15.82 46.39 -8.66
C LEU B 533 -16.67 45.33 -9.35
N GLU B 534 -16.37 45.07 -10.62
CA GLU B 534 -17.09 44.04 -11.34
C GLU B 534 -16.73 42.66 -10.78
N TYR B 535 -15.45 42.44 -10.52
CA TYR B 535 -15.05 41.21 -9.86
C TYR B 535 -15.96 40.94 -8.66
N LEU B 536 -16.12 41.94 -7.78
CA LEU B 536 -16.95 41.82 -6.59
C LEU B 536 -18.41 41.62 -6.96
N ARG B 537 -18.89 42.32 -8.00
CA ARG B 537 -20.27 42.16 -8.42
C ARG B 537 -20.53 40.69 -8.75
N ARG B 538 -19.54 40.05 -9.38
CA ARG B 538 -19.70 38.66 -9.79
C ARG B 538 -19.58 37.68 -8.62
N LEU B 539 -18.77 38.01 -7.59
CA LEU B 539 -18.52 37.12 -6.46
C LEU B 539 -19.55 37.29 -5.33
N TYR B 540 -20.18 38.47 -5.21
CA TYR B 540 -21.03 38.77 -4.06
C TYR B 540 -22.12 37.70 -3.87
N PRO B 541 -22.91 37.31 -4.92
CA PRO B 541 -23.94 36.29 -4.76
C PRO B 541 -23.41 34.99 -4.16
N LEU B 542 -22.20 34.58 -4.55
CA LEU B 542 -21.61 33.36 -3.99
C LEU B 542 -21.31 33.52 -2.50
N LEU B 543 -20.78 34.68 -2.11
CA LEU B 543 -20.57 35.01 -0.70
C LEU B 543 -21.90 35.00 0.06
N ARG B 544 -22.96 35.52 -0.57
CA ARG B 544 -24.26 35.58 0.10
C ARG B 544 -24.80 34.17 0.26
N ARG B 545 -24.65 33.35 -0.79
CA ARG B 545 -25.05 31.96 -0.71
C ARG B 545 -24.32 31.25 0.42
N GLN B 546 -23.03 31.55 0.58
CA GLN B 546 -22.29 30.79 1.58
C GLN B 546 -22.71 31.23 2.98
N PHE B 547 -22.93 32.55 3.14
CA PHE B 547 -23.45 33.10 4.39
C PHE B 547 -24.75 32.39 4.78
N ASP B 548 -25.71 32.41 3.83
CA ASP B 548 -26.99 31.74 3.98
C ASP B 548 -26.80 30.29 4.44
N TRP B 549 -25.95 29.53 3.69
CA TRP B 549 -25.63 28.13 3.95
C TRP B 549 -25.15 27.93 5.38
N PHE B 550 -24.31 28.85 5.88
CA PHE B 550 -23.77 28.71 7.22
C PHE B 550 -24.90 28.79 8.22
N ARG B 551 -25.77 29.80 8.05
CA ARG B 551 -26.83 30.12 8.99
C ARG B 551 -27.89 29.00 9.01
N LYS B 552 -28.06 28.32 7.86
CA LYS B 552 -28.98 27.20 7.74
C LYS B 552 -28.41 25.93 8.39
N THR B 553 -27.14 25.59 8.12
CA THR B 553 -26.68 24.23 8.39
C THR B 553 -25.89 24.17 9.69
N GLN B 554 -25.54 25.33 10.28
CA GLN B 554 -24.77 25.32 11.53
C GLN B 554 -25.54 26.02 12.65
N ALA B 555 -26.84 26.22 12.42
CA ALA B 555 -27.74 26.86 13.36
C ALA B 555 -27.65 26.17 14.72
N GLY B 556 -27.55 26.97 15.80
CA GLY B 556 -27.69 26.50 17.17
C GLY B 556 -29.14 26.57 17.68
N ASP B 557 -29.39 25.98 18.86
CA ASP B 557 -30.72 25.97 19.45
C ASP B 557 -30.82 26.91 20.66
N ILE B 558 -31.63 27.96 20.50
CA ILE B 558 -31.99 28.83 21.60
C ILE B 558 -33.42 28.48 22.06
N LYS B 559 -34.40 28.50 21.12
CA LYS B 559 -35.83 28.28 21.29
C LYS B 559 -36.15 27.12 22.22
N SER B 560 -35.67 25.93 21.88
CA SER B 560 -36.24 24.73 22.47
C SER B 560 -35.52 24.32 23.76
N TYR B 561 -34.88 25.27 24.46
CA TYR B 561 -34.41 25.00 25.81
C TYR B 561 -34.72 26.18 26.73
N ASP B 562 -34.12 26.14 27.92
CA ASP B 562 -34.26 27.15 28.96
C ASP B 562 -33.15 28.19 28.78
N ARG B 563 -33.30 29.07 27.77
CA ARG B 563 -32.23 29.97 27.38
C ARG B 563 -32.75 31.38 27.19
N GLU B 564 -32.18 32.32 27.96
CA GLU B 564 -32.47 33.73 27.78
C GLU B 564 -31.41 34.33 26.85
N ALA B 565 -31.87 35.10 25.85
CA ALA B 565 -30.98 35.79 24.95
C ALA B 565 -31.71 36.90 24.21
N TYR B 566 -30.97 37.97 23.93
CA TYR B 566 -31.44 39.15 23.24
C TYR B 566 -32.10 38.75 21.92
N SER B 567 -31.41 37.91 21.13
CA SER B 567 -31.99 37.36 19.91
C SER B 567 -32.18 35.86 20.08
N THR B 568 -33.20 35.34 19.40
CA THR B 568 -33.50 33.93 19.48
C THR B 568 -33.01 33.21 18.23
N LYS B 569 -32.47 33.99 17.26
CA LYS B 569 -32.02 33.47 15.97
C LYS B 569 -30.50 33.24 15.94
N GLU B 570 -29.72 34.07 16.65
CA GLU B 570 -28.28 34.09 16.46
C GLU B 570 -27.64 33.09 17.41
N ALA B 571 -27.38 31.89 16.90
CA ALA B 571 -26.64 30.90 17.68
C ALA B 571 -26.16 29.82 16.73
N TYR B 572 -25.04 29.18 17.09
CA TYR B 572 -24.22 28.46 16.12
C TYR B 572 -23.55 27.26 16.77
N ARG B 573 -23.67 26.12 16.06
CA ARG B 573 -23.09 24.86 16.50
C ARG B 573 -22.39 24.19 15.33
N TRP B 574 -21.09 23.92 15.48
CA TRP B 574 -20.31 23.25 14.45
C TRP B 574 -20.89 21.85 14.26
N ARG B 575 -21.42 21.58 13.06
CA ARG B 575 -21.74 20.19 12.76
C ARG B 575 -20.46 19.36 12.74
N GLY B 576 -20.57 18.07 13.07
CA GLY B 576 -19.53 17.12 12.72
C GLY B 576 -18.56 16.87 13.86
N ARG B 577 -18.95 17.19 15.08
CA ARG B 577 -18.02 16.84 16.14
C ARG B 577 -18.18 15.39 16.58
N THR B 578 -17.11 14.88 17.20
CA THR B 578 -17.03 13.56 17.78
C THR B 578 -16.55 13.80 19.20
N VAL B 579 -16.35 12.74 19.98
CA VAL B 579 -16.18 12.91 21.41
C VAL B 579 -14.96 13.77 21.75
N SER B 580 -13.83 13.59 21.06
CA SER B 580 -12.62 14.29 21.50
C SER B 580 -12.16 15.38 20.52
N HIS B 581 -12.96 15.63 19.47
CA HIS B 581 -12.47 16.37 18.32
C HIS B 581 -13.56 17.31 17.79
N CYS B 582 -13.10 18.31 17.03
CA CYS B 582 -13.93 19.19 16.22
C CYS B 582 -13.11 19.64 15.01
N LEU B 583 -13.03 18.76 14.01
CA LEU B 583 -12.22 18.95 12.82
C LEU B 583 -12.75 20.10 11.96
N THR B 584 -14.07 20.28 11.93
CA THR B 584 -14.68 21.34 11.15
C THR B 584 -14.26 22.73 11.64
N SER B 585 -14.00 22.88 12.93
CA SER B 585 -13.70 24.20 13.46
C SER B 585 -12.27 24.61 13.14
N GLY B 586 -11.47 23.64 12.64
CA GLY B 586 -10.05 23.86 12.36
C GLY B 586 -9.14 23.77 13.58
N LEU B 587 -9.69 23.77 14.80
CA LEU B 587 -8.83 23.60 15.97
C LEU B 587 -9.07 22.20 16.53
N ASP B 588 -8.41 21.19 15.91
CA ASP B 588 -8.84 19.80 15.90
C ASP B 588 -9.30 19.33 17.27
N ASP B 589 -8.48 19.56 18.30
CA ASP B 589 -8.63 18.88 19.58
C ASP B 589 -8.69 19.85 20.75
N TYR B 590 -9.03 21.12 20.45
CA TYR B 590 -9.26 22.08 21.52
C TYR B 590 -10.44 21.58 22.36
N PRO B 591 -10.30 21.54 23.71
CA PRO B 591 -11.37 21.02 24.57
C PRO B 591 -12.69 21.74 24.39
N ARG B 592 -13.74 20.99 24.03
CA ARG B 592 -15.09 21.49 23.83
C ARG B 592 -15.96 20.96 24.96
N PRO B 593 -17.29 21.17 24.96
CA PRO B 593 -18.13 20.64 26.03
C PRO B 593 -18.12 19.12 25.94
N GLN B 594 -17.87 18.43 27.08
CA GLN B 594 -17.97 16.98 27.17
C GLN B 594 -19.21 16.63 27.99
N PRO B 595 -20.18 15.85 27.46
CA PRO B 595 -20.03 15.23 26.14
C PRO B 595 -20.57 16.16 25.07
N PRO B 596 -20.38 15.82 23.77
CA PRO B 596 -21.03 16.56 22.69
C PRO B 596 -22.54 16.40 22.83
N HIS B 597 -23.29 17.43 22.45
CA HIS B 597 -24.71 17.52 22.71
C HIS B 597 -25.30 18.45 21.67
N PRO B 598 -26.51 18.20 21.13
CA PRO B 598 -27.12 19.07 20.12
C PRO B 598 -27.48 20.48 20.61
N GLY B 599 -27.28 20.73 21.91
CA GLY B 599 -27.57 22.05 22.43
C GLY B 599 -26.28 22.81 22.75
N GLU B 600 -25.16 22.29 22.22
CA GLU B 600 -23.90 23.03 22.24
C GLU B 600 -24.06 24.34 21.48
N LEU B 601 -23.26 25.33 21.90
CA LEU B 601 -23.05 26.56 21.15
C LEU B 601 -21.55 26.87 21.16
N HIS B 602 -21.01 27.14 19.97
CA HIS B 602 -19.59 27.45 19.83
C HIS B 602 -19.40 28.93 19.55
N VAL B 603 -18.56 29.58 20.35
CA VAL B 603 -18.35 31.02 20.32
C VAL B 603 -17.47 31.39 19.10
N ASP B 604 -16.53 30.48 18.74
CA ASP B 604 -15.69 30.70 17.57
C ASP B 604 -16.55 30.76 16.32
N LEU B 605 -17.56 29.86 16.21
CA LEU B 605 -18.37 29.81 15.00
C LEU B 605 -19.23 31.08 14.91
N MET B 606 -19.70 31.54 16.07
CA MET B 606 -20.52 32.73 16.05
C MET B 606 -19.68 33.90 15.55
N SER B 607 -18.47 34.03 16.12
CA SER B 607 -17.49 35.02 15.67
C SER B 607 -17.29 35.03 14.14
N TRP B 608 -17.12 33.85 13.51
CA TRP B 608 -16.96 33.76 12.06
C TRP B 608 -18.19 34.28 11.32
N VAL B 609 -19.38 34.05 11.87
CA VAL B 609 -20.57 34.59 11.20
C VAL B 609 -20.55 36.12 11.27
N GLY B 610 -20.06 36.63 12.41
CA GLY B 610 -19.79 38.05 12.55
C GLY B 610 -18.87 38.59 11.47
N VAL B 611 -17.71 37.93 11.29
CA VAL B 611 -16.76 38.31 10.26
C VAL B 611 -17.50 38.43 8.92
N MET B 612 -18.29 37.39 8.60
CA MET B 612 -18.90 37.33 7.28
C MET B 612 -19.89 38.48 7.10
N VAL B 613 -20.65 38.79 8.18
CA VAL B 613 -21.64 39.85 8.09
C VAL B 613 -20.97 41.20 7.93
N LYS B 614 -19.86 41.43 8.69
CA LYS B 614 -19.09 42.65 8.46
C LYS B 614 -18.70 42.80 6.98
N SER B 615 -18.18 41.72 6.37
CA SER B 615 -17.65 41.83 5.02
C SER B 615 -18.77 42.07 4.03
N LEU B 616 -19.90 41.35 4.21
CA LEU B 616 -21.05 41.53 3.34
C LEU B 616 -21.58 42.96 3.42
N ILE B 617 -21.52 43.57 4.63
CA ILE B 617 -21.98 44.95 4.78
C ILE B 617 -21.16 45.88 3.89
N SER B 618 -19.83 45.68 3.84
CA SER B 618 -18.94 46.56 3.08
C SER B 618 -19.11 46.34 1.58
N ILE B 619 -19.05 45.07 1.17
CA ILE B 619 -19.10 44.71 -0.23
C ILE B 619 -20.47 45.09 -0.76
N GLY B 620 -21.52 44.78 0.04
CA GLY B 620 -22.89 45.10 -0.33
C GLY B 620 -23.02 46.61 -0.52
N SER B 621 -22.45 47.36 0.42
CA SER B 621 -22.56 48.79 0.36
C SER B 621 -21.80 49.35 -0.84
N LEU B 622 -20.65 48.76 -1.16
CA LEU B 622 -19.88 49.18 -2.33
C LEU B 622 -20.66 48.93 -3.64
N LEU B 623 -21.60 47.97 -3.66
CA LEU B 623 -22.28 47.59 -4.89
C LEU B 623 -23.66 48.24 -4.96
N GLY B 624 -24.06 48.88 -3.85
CA GLY B 624 -25.36 49.53 -3.71
C GLY B 624 -26.51 48.54 -3.54
N ALA B 625 -26.26 47.46 -2.78
CA ALA B 625 -27.30 46.48 -2.49
C ALA B 625 -28.03 46.90 -1.20
N THR B 626 -28.78 47.98 -1.31
CA THR B 626 -29.41 48.62 -0.15
C THR B 626 -30.53 47.74 0.38
N GLU B 627 -31.15 46.95 -0.50
CA GLU B 627 -32.05 45.85 -0.18
C GLU B 627 -31.52 45.04 1.01
N ASP B 628 -30.25 44.59 0.95
CA ASP B 628 -29.70 43.62 1.89
C ASP B 628 -29.21 44.30 3.15
N VAL B 629 -28.92 45.61 3.06
CA VAL B 629 -28.31 46.39 4.11
C VAL B 629 -29.08 46.23 5.43
N GLU B 630 -30.41 46.25 5.37
CA GLU B 630 -31.25 46.26 6.56
C GLU B 630 -31.07 44.95 7.31
N PHE B 631 -30.90 43.88 6.54
CA PHE B 631 -30.88 42.53 7.09
C PHE B 631 -29.52 42.25 7.75
N TYR B 632 -28.44 42.69 7.10
CA TYR B 632 -27.09 42.48 7.61
C TYR B 632 -26.92 43.19 8.95
N THR B 633 -27.45 44.42 8.98
CA THR B 633 -27.48 45.29 10.14
C THR B 633 -28.10 44.57 11.35
N LYS B 634 -29.28 43.98 11.14
CA LYS B 634 -29.98 43.28 12.21
C LYS B 634 -29.16 42.09 12.71
N VAL B 635 -28.56 41.34 11.76
CA VAL B 635 -27.80 40.16 12.13
C VAL B 635 -26.60 40.59 12.97
N LEU B 636 -25.91 41.65 12.53
CA LEU B 636 -24.71 42.08 13.22
C LEU B 636 -25.05 42.52 14.64
N ASP B 637 -26.09 43.37 14.78
CA ASP B 637 -26.57 43.77 16.11
C ASP B 637 -26.88 42.55 16.99
N ALA B 638 -27.56 41.55 16.42
CA ALA B 638 -27.98 40.40 17.19
C ALA B 638 -26.77 39.62 17.68
N ILE B 639 -25.72 39.54 16.83
CA ILE B 639 -24.58 38.69 17.17
C ILE B 639 -23.84 39.35 18.32
N GLU B 640 -23.66 40.67 18.17
CA GLU B 640 -22.97 41.46 19.20
C GLU B 640 -23.60 41.20 20.56
N HIS B 641 -24.93 41.18 20.62
CA HIS B 641 -25.63 40.94 21.88
C HIS B 641 -25.54 39.48 22.32
N ASN B 642 -25.75 38.57 21.36
CA ASN B 642 -25.84 37.15 21.69
C ASN B 642 -24.50 36.61 22.18
N LEU B 643 -23.40 37.12 21.61
CA LEU B 643 -22.08 36.83 22.16
C LEU B 643 -22.06 37.06 23.66
N ASP B 644 -22.70 38.15 24.12
CA ASP B 644 -22.69 38.48 25.53
C ASP B 644 -23.68 37.59 26.28
N ASP B 645 -24.91 37.54 25.81
CA ASP B 645 -25.95 36.76 26.46
C ASP B 645 -25.54 35.29 26.56
N LEU B 646 -25.13 34.69 25.44
CA LEU B 646 -24.84 33.26 25.38
C LEU B 646 -23.44 32.83 25.80
N HIS B 647 -22.41 33.69 25.69
CA HIS B 647 -21.06 33.13 25.72
C HIS B 647 -20.13 33.83 26.69
N TRP B 648 -20.51 35.04 27.11
CA TRP B 648 -19.68 35.76 28.05
C TRP B 648 -19.79 35.16 29.45
N SER B 649 -18.63 35.01 30.10
CA SER B 649 -18.58 34.51 31.45
C SER B 649 -17.97 35.57 32.34
N GLU B 650 -18.82 36.13 33.21
CA GLU B 650 -18.40 37.14 34.16
C GLU B 650 -17.36 36.56 35.13
N LYS B 651 -17.60 35.33 35.59
CA LYS B 651 -16.69 34.66 36.52
C LYS B 651 -15.28 34.58 35.91
N GLU B 652 -15.15 33.99 34.72
CA GLU B 652 -13.86 33.61 34.15
C GLU B 652 -13.17 34.80 33.46
N GLY B 653 -13.97 35.80 33.04
CA GLY B 653 -13.41 36.99 32.42
C GLY B 653 -12.98 36.76 30.97
N CYS B 654 -13.79 36.00 30.24
CA CYS B 654 -13.54 35.69 28.84
C CYS B 654 -14.78 35.02 28.27
N TYR B 655 -14.70 34.64 26.98
CA TYR B 655 -15.81 33.99 26.31
C TYR B 655 -15.64 32.47 26.41
N CYS B 656 -16.79 31.77 26.43
CA CYS B 656 -16.88 30.32 26.56
C CYS B 656 -17.91 29.75 25.59
N ASP B 657 -17.65 28.52 25.14
CA ASP B 657 -18.66 27.67 24.53
C ASP B 657 -19.77 27.41 25.56
N ALA B 658 -20.95 27.00 25.09
CA ALA B 658 -22.09 26.70 25.96
C ALA B 658 -22.65 25.31 25.66
N THR B 659 -23.18 24.62 26.68
CA THR B 659 -23.97 23.42 26.41
C THR B 659 -25.29 23.47 27.15
N ILE B 660 -26.07 22.38 26.98
CA ILE B 660 -27.12 21.94 27.88
C ILE B 660 -26.58 20.76 28.69
N ASP B 661 -26.50 20.94 30.02
CA ASP B 661 -25.86 19.97 30.88
C ASP B 661 -26.88 18.90 31.25
N GLU B 662 -26.46 17.96 32.12
CA GLU B 662 -27.22 16.76 32.41
C GLU B 662 -28.55 17.06 33.14
N PHE B 663 -28.63 18.19 33.85
CA PHE B 663 -29.86 18.58 34.54
C PHE B 663 -30.73 19.48 33.65
N GLU B 664 -30.44 19.52 32.34
CA GLU B 664 -31.18 20.30 31.34
C GLU B 664 -30.93 21.81 31.41
N GLU B 665 -29.74 22.23 31.86
CA GLU B 665 -29.44 23.65 32.07
C GLU B 665 -28.40 24.21 31.10
N HIS B 666 -28.64 25.45 30.65
CA HIS B 666 -27.65 26.28 29.98
C HIS B 666 -26.44 26.49 30.88
N LYS B 667 -25.28 26.12 30.34
CA LYS B 667 -24.05 26.06 31.11
C LYS B 667 -22.88 26.44 30.21
N LEU B 668 -22.04 27.32 30.74
CA LEU B 668 -20.82 27.70 30.07
C LEU B 668 -19.73 26.71 30.44
N VAL B 669 -18.89 26.40 29.46
CA VAL B 669 -17.77 25.49 29.65
C VAL B 669 -16.51 26.25 29.29
N CYS B 670 -15.76 26.63 30.32
CA CYS B 670 -14.65 27.53 30.12
C CYS B 670 -13.33 26.76 30.11
N HIS B 671 -12.66 26.85 28.97
CA HIS B 671 -11.30 26.39 28.82
C HIS B 671 -10.51 27.58 28.26
N LYS B 672 -9.71 28.21 29.13
CA LYS B 672 -9.05 29.46 28.76
C LYS B 672 -7.95 29.18 27.73
N GLY B 673 -8.03 29.89 26.60
CA GLY B 673 -7.14 29.68 25.48
C GLY B 673 -7.68 30.37 24.23
N TYR B 674 -7.35 29.83 23.04
CA TYR B 674 -7.59 30.56 21.80
C TYR B 674 -9.07 30.85 21.61
N ILE B 675 -9.90 29.89 21.98
CA ILE B 675 -11.33 29.99 21.72
C ILE B 675 -11.92 31.13 22.56
N SER B 676 -11.33 31.31 23.75
CA SER B 676 -11.79 32.26 24.73
C SER B 676 -11.65 33.68 24.19
N LEU B 677 -10.80 33.84 23.16
CA LEU B 677 -10.40 35.14 22.66
C LEU B 677 -11.16 35.53 21.40
N PHE B 678 -12.07 34.66 20.94
CA PHE B 678 -12.39 34.67 19.53
C PHE B 678 -13.08 35.94 19.09
N PRO B 679 -14.14 36.43 19.78
CA PRO B 679 -14.76 37.71 19.44
C PRO B 679 -13.73 38.83 19.27
N PHE B 680 -12.59 38.70 19.97
CA PHE B 680 -11.52 39.66 19.87
C PHE B 680 -10.70 39.46 18.58
N LEU B 681 -10.19 38.23 18.38
CA LEU B 681 -9.36 37.83 17.25
C LEU B 681 -10.01 38.15 15.91
N THR B 682 -11.35 38.13 15.87
CA THR B 682 -12.05 38.30 14.62
C THR B 682 -12.50 39.75 14.49
N GLY B 683 -12.26 40.55 15.54
CA GLY B 683 -12.38 41.98 15.42
C GLY B 683 -13.82 42.44 15.62
N LEU B 684 -14.52 41.83 16.57
CA LEU B 684 -15.92 42.14 16.81
C LEU B 684 -16.11 43.09 17.99
N LEU B 685 -15.03 43.50 18.65
CA LEU B 685 -15.16 44.27 19.88
C LEU B 685 -14.80 45.73 19.64
N LYS B 686 -15.59 46.64 20.24
CA LYS B 686 -15.31 48.06 20.16
C LYS B 686 -14.13 48.37 21.11
N PRO B 687 -13.24 49.35 20.80
CA PRO B 687 -12.11 49.66 21.68
C PRO B 687 -12.41 50.13 23.11
N ASP B 688 -13.67 50.53 23.36
CA ASP B 688 -14.13 50.99 24.66
C ASP B 688 -14.83 49.86 25.42
N SER B 689 -14.63 48.61 24.99
CA SER B 689 -15.36 47.50 25.58
C SER B 689 -14.72 47.09 26.88
N PRO B 690 -15.52 46.98 27.96
CA PRO B 690 -15.00 46.52 29.24
C PRO B 690 -14.58 45.06 29.15
N LYS B 691 -15.15 44.32 28.17
CA LYS B 691 -14.84 42.92 27.98
C LYS B 691 -13.44 42.80 27.41
N LEU B 692 -13.10 43.75 26.55
CA LEU B 692 -11.85 43.73 25.83
C LEU B 692 -10.69 43.92 26.80
N GLY B 693 -10.91 44.74 27.82
CA GLY B 693 -9.89 44.99 28.82
C GLY B 693 -9.53 43.73 29.59
N LYS B 694 -10.54 42.89 29.79
CA LYS B 694 -10.39 41.66 30.56
C LYS B 694 -9.65 40.62 29.73
N LEU B 695 -9.96 40.59 28.43
CA LEU B 695 -9.32 39.67 27.51
C LEU B 695 -7.82 40.01 27.38
N LEU B 696 -7.51 41.30 27.32
CA LEU B 696 -6.13 41.72 27.25
C LEU B 696 -5.37 41.25 28.48
N ALA B 697 -6.03 41.24 29.64
CA ALA B 697 -5.29 40.87 30.84
C ALA B 697 -4.97 39.38 30.78
N LEU B 698 -5.89 38.60 30.19
CA LEU B 698 -5.71 37.16 30.03
C LEU B 698 -4.54 36.87 29.08
N ILE B 699 -4.48 37.64 28.00
CA ILE B 699 -3.51 37.51 26.95
C ILE B 699 -2.14 37.84 27.55
N GLY B 700 -2.10 38.88 28.39
CA GLY B 700 -0.86 39.40 28.91
C GLY B 700 -0.33 38.60 30.10
N ASP B 701 -1.08 37.57 30.52
CA ASP B 701 -0.85 36.84 31.76
C ASP B 701 0.08 35.65 31.51
N GLU B 702 1.29 35.71 32.11
CA GLU B 702 2.38 34.77 31.91
C GLU B 702 2.06 33.40 32.49
N SER B 703 1.10 33.33 33.43
CA SER B 703 0.69 32.08 34.06
C SER B 703 -0.44 31.43 33.29
N GLU B 704 -0.94 32.13 32.26
CA GLU B 704 -2.12 31.72 31.51
C GLU B 704 -1.74 31.40 30.06
N LEU B 705 -1.66 32.44 29.21
CA LEU B 705 -1.57 32.29 27.76
C LEU B 705 -0.21 32.74 27.23
N TRP B 706 0.38 33.73 27.89
CA TRP B 706 1.60 34.41 27.44
C TRP B 706 2.85 33.61 27.79
N SER B 707 3.46 33.01 26.76
CA SER B 707 4.79 32.42 26.86
C SER B 707 5.81 33.41 26.31
N PRO B 708 7.12 33.16 26.52
CA PRO B 708 8.17 33.96 25.86
C PRO B 708 8.17 33.84 24.33
N TYR B 709 7.32 32.93 23.83
CA TYR B 709 7.38 32.46 22.46
C TYR B 709 6.11 32.76 21.68
N GLY B 710 5.17 33.48 22.33
CA GLY B 710 3.87 33.77 21.75
C GLY B 710 2.77 33.06 22.52
N LEU B 711 1.50 33.31 22.14
CA LEU B 711 0.32 32.93 22.89
C LEU B 711 0.10 31.42 22.77
N ARG B 712 0.00 30.74 23.92
CA ARG B 712 -0.34 29.33 23.99
C ARG B 712 -1.79 29.17 23.53
N SER B 713 -2.11 28.01 22.96
CA SER B 713 -3.45 27.76 22.46
C SER B 713 -4.38 27.43 23.63
N LEU B 714 -3.80 26.84 24.69
CA LEU B 714 -4.54 26.57 25.91
C LEU B 714 -3.77 27.11 27.11
N SER B 715 -4.49 27.48 28.16
CA SER B 715 -3.87 28.08 29.34
C SER B 715 -3.19 26.99 30.17
N LYS B 716 -2.07 27.35 30.83
CA LYS B 716 -1.28 26.49 31.71
C LYS B 716 -2.15 25.93 32.84
N LYS B 717 -3.08 26.77 33.35
CA LYS B 717 -4.01 26.41 34.41
C LYS B 717 -5.14 25.47 33.93
N ASP B 718 -5.46 25.45 32.64
CA ASP B 718 -6.58 24.61 32.23
C ASP B 718 -6.20 23.15 32.47
N GLU B 719 -7.20 22.38 32.89
CA GLU B 719 -6.93 21.02 33.32
C GLU B 719 -6.53 20.16 32.14
N PHE B 720 -6.69 20.69 30.92
CA PHE B 720 -6.45 19.89 29.73
C PHE B 720 -5.10 20.21 29.09
N TYR B 721 -4.36 21.13 29.71
CA TYR B 721 -3.10 21.61 29.17
C TYR B 721 -2.13 20.45 29.02
N GLY B 722 -1.62 20.26 27.81
CA GLY B 722 -0.62 19.24 27.55
C GLY B 722 -1.21 17.87 27.22
N THR B 723 -2.54 17.70 27.35
CA THR B 723 -3.17 16.38 27.30
C THR B 723 -3.35 15.83 25.88
N ALA B 724 -3.68 14.53 25.77
CA ALA B 724 -3.92 13.78 24.53
C ALA B 724 -2.78 13.95 23.51
N GLU B 725 -3.16 14.24 22.25
CA GLU B 725 -2.18 14.45 21.20
C GLU B 725 -1.58 15.85 21.30
N ASN B 726 -2.11 16.67 22.23
CA ASN B 726 -1.59 17.99 22.55
C ASN B 726 -1.39 18.84 21.30
N TYR B 727 -2.42 18.88 20.45
CA TYR B 727 -2.36 19.59 19.17
C TYR B 727 -2.71 21.06 19.37
N TRP B 728 -3.87 21.33 19.95
CA TRP B 728 -4.30 22.70 20.21
C TRP B 728 -4.44 22.95 21.70
N ARG B 729 -3.72 22.16 22.51
CA ARG B 729 -3.88 22.15 23.95
C ARG B 729 -2.64 22.73 24.67
N SER B 730 -1.87 23.60 24.00
CA SER B 730 -0.79 24.31 24.66
C SER B 730 0.09 25.03 23.63
N PRO B 731 0.42 24.40 22.48
CA PRO B 731 1.43 24.95 21.57
C PRO B 731 1.05 26.30 20.93
N VAL B 732 2.08 27.01 20.44
CA VAL B 732 1.97 28.28 19.73
C VAL B 732 1.65 28.04 18.26
N TRP B 733 0.55 28.66 17.77
CA TRP B 733 0.21 28.62 16.35
C TRP B 733 0.26 30.03 15.77
N ILE B 734 0.84 30.15 14.57
CA ILE B 734 1.15 31.44 14.00
C ILE B 734 -0.09 32.10 13.37
N ASN B 735 -1.07 31.31 12.91
CA ASN B 735 -2.29 31.89 12.33
C ASN B 735 -3.08 32.64 13.42
N ILE B 736 -3.29 32.02 14.58
CA ILE B 736 -4.03 32.66 15.65
C ILE B 736 -3.24 33.83 16.23
N ASN B 737 -1.92 33.63 16.39
CA ASN B 737 -1.09 34.70 16.91
C ASN B 737 -1.14 35.93 15.99
N TYR B 738 -1.22 35.69 14.67
CA TYR B 738 -1.31 36.75 13.69
C TYR B 738 -2.60 37.53 13.91
N LEU B 739 -3.72 36.80 14.11
CA LEU B 739 -4.98 37.48 14.39
C LEU B 739 -4.84 38.40 15.62
N ALA B 740 -4.24 37.86 16.69
CA ALA B 740 -3.98 38.60 17.92
C ALA B 740 -3.18 39.87 17.62
N ILE B 741 -2.01 39.70 16.97
CA ILE B 741 -1.10 40.80 16.71
C ILE B 741 -1.85 41.89 15.94
N VAL B 742 -2.62 41.48 14.92
CA VAL B 742 -3.30 42.44 14.06
C VAL B 742 -4.30 43.25 14.89
N GLN B 743 -5.01 42.59 15.82
CA GLN B 743 -6.06 43.21 16.61
C GLN B 743 -5.47 44.09 17.74
N LEU B 744 -4.36 43.63 18.34
CA LEU B 744 -3.65 44.44 19.33
C LEU B 744 -3.21 45.75 18.68
N TYR B 745 -2.75 45.66 17.42
CA TYR B 745 -2.32 46.84 16.68
C TYR B 745 -3.47 47.82 16.49
N ASN B 746 -4.67 47.27 16.24
CA ASN B 746 -5.84 48.08 15.96
C ASN B 746 -6.23 48.89 17.20
N ILE B 747 -6.06 48.30 18.38
CA ILE B 747 -6.44 48.95 19.61
C ILE B 747 -5.41 50.04 19.92
N ALA B 748 -4.15 49.79 19.52
CA ALA B 748 -3.02 50.62 19.90
C ALA B 748 -2.97 51.87 19.05
N THR B 749 -3.88 51.99 18.07
CA THR B 749 -3.77 53.11 17.15
C THR B 749 -5.06 53.91 17.14
N GLN B 750 -5.86 53.76 18.18
CA GLN B 750 -6.98 54.68 18.34
C GLN B 750 -7.15 54.97 19.83
N ASP B 751 -8.06 55.91 20.10
CA ASP B 751 -8.20 56.46 21.44
C ASP B 751 -9.09 55.54 22.28
N GLY B 752 -8.60 55.22 23.48
CA GLY B 752 -9.48 54.64 24.48
C GLY B 752 -8.73 54.12 25.69
N PRO B 753 -9.42 53.54 26.70
CA PRO B 753 -8.74 53.09 27.91
C PRO B 753 -7.62 52.08 27.70
N TYR B 754 -7.61 51.36 26.56
CA TYR B 754 -6.71 50.21 26.43
C TYR B 754 -5.60 50.43 25.40
N LYS B 755 -5.56 51.64 24.81
CA LYS B 755 -4.55 51.96 23.82
C LYS B 755 -3.19 51.51 24.33
N GLU B 756 -2.79 52.06 25.47
CA GLU B 756 -1.45 51.85 26.00
C GLU B 756 -1.19 50.37 26.28
N THR B 757 -2.20 49.64 26.76
CA THR B 757 -2.01 48.23 27.08
C THR B 757 -1.72 47.44 25.80
N ALA B 758 -2.49 47.75 24.75
CA ALA B 758 -2.34 47.15 23.44
C ALA B 758 -0.96 47.43 22.83
N ARG B 759 -0.51 48.70 22.85
CA ARG B 759 0.80 49.03 22.30
C ARG B 759 1.85 48.12 22.94
N ASP B 760 1.74 47.94 24.26
CA ASP B 760 2.70 47.12 24.98
C ASP B 760 2.67 45.70 24.43
N LEU B 761 1.47 45.12 24.44
CA LEU B 761 1.31 43.72 24.06
C LEU B 761 1.66 43.54 22.59
N TYR B 762 1.25 44.51 21.76
CA TYR B 762 1.56 44.44 20.35
C TYR B 762 3.06 44.27 20.15
N THR B 763 3.85 45.18 20.71
CA THR B 763 5.28 45.25 20.47
C THR B 763 5.95 43.99 21.03
N ARG B 764 5.42 43.52 22.17
CA ARG B 764 6.05 42.41 22.85
C ARG B 764 5.78 41.11 22.10
N LEU B 765 4.51 40.88 21.70
CA LEU B 765 4.14 39.61 21.06
C LEU B 765 4.71 39.57 19.63
N ARG B 766 4.75 40.73 18.97
CA ARG B 766 5.42 40.78 17.69
C ARG B 766 6.84 40.23 17.81
N LYS B 767 7.65 40.75 18.77
CA LYS B 767 9.06 40.38 18.96
C LYS B 767 9.15 38.89 19.28
N ASN B 768 8.31 38.43 20.21
CA ASN B 768 8.34 37.03 20.58
C ASN B 768 8.16 36.13 19.35
N ILE B 769 7.11 36.38 18.55
CA ILE B 769 6.71 35.47 17.49
C ILE B 769 7.77 35.47 16.39
N VAL B 770 8.15 36.66 15.93
CA VAL B 770 9.11 36.74 14.86
C VAL B 770 10.37 35.99 15.29
N GLU B 771 10.77 36.20 16.54
CA GLU B 771 11.97 35.58 17.08
C GLU B 771 11.85 34.06 17.03
N THR B 772 10.69 33.53 17.42
CA THR B 772 10.67 32.10 17.61
C THR B 772 10.68 31.39 16.26
N VAL B 773 9.99 31.96 15.26
CA VAL B 773 9.96 31.38 13.93
C VAL B 773 11.31 31.59 13.24
N TYR B 774 11.95 32.74 13.48
CA TYR B 774 13.27 33.04 12.94
C TYR B 774 14.33 32.11 13.53
N ARG B 775 14.36 31.98 14.86
CA ARG B 775 15.45 31.25 15.51
C ARG B 775 15.43 29.81 15.03
N ASN B 776 14.23 29.32 14.72
CA ASN B 776 14.04 27.91 14.39
C ASN B 776 14.37 27.70 12.93
N TRP B 777 14.15 28.75 12.13
CA TRP B 777 14.49 28.71 10.73
C TRP B 777 16.01 28.68 10.58
N GLU B 778 16.71 29.42 11.46
CA GLU B 778 18.17 29.41 11.47
C GLU B 778 18.68 27.99 11.71
N GLU B 779 18.13 27.33 12.73
CA GLU B 779 18.73 26.09 13.18
C GLU B 779 18.28 24.90 12.35
N THR B 780 17.14 25.03 11.66
CA THR B 780 16.51 23.88 11.02
C THR B 780 16.29 24.17 9.53
N GLY B 781 16.12 25.46 9.21
CA GLY B 781 15.81 25.89 7.85
C GLY B 781 14.35 25.62 7.46
N PHE B 782 13.52 25.23 8.44
CA PHE B 782 12.12 24.93 8.21
C PHE B 782 11.20 25.96 8.86
N ALA B 783 10.05 26.19 8.22
CA ALA B 783 8.88 26.71 8.92
C ALA B 783 8.15 25.55 9.55
N TRP B 784 7.67 25.71 10.78
CA TRP B 784 6.99 24.58 11.41
C TRP B 784 5.49 24.86 11.57
N GLU B 785 4.68 23.79 11.60
CA GLU B 785 3.24 23.83 11.81
C GLU B 785 2.91 24.57 13.11
N GLN B 786 3.71 24.34 14.17
CA GLN B 786 3.50 24.91 15.50
C GLN B 786 4.81 24.90 16.29
N TYR B 787 4.79 25.57 17.44
CA TYR B 787 5.99 25.79 18.24
C TYR B 787 5.74 25.43 19.71
N ASN B 788 6.76 24.83 20.35
CA ASN B 788 6.75 24.49 21.76
C ASN B 788 6.71 25.73 22.65
N PRO B 789 5.74 25.81 23.60
CA PRO B 789 5.62 26.98 24.48
C PRO B 789 6.63 27.13 25.62
N GLU B 790 7.42 26.06 25.89
CA GLU B 790 8.41 26.03 26.96
C GLU B 790 9.81 26.32 26.44
N THR B 791 10.18 25.65 25.34
CA THR B 791 11.54 25.68 24.80
C THR B 791 11.60 26.70 23.66
N GLY B 792 10.50 26.75 22.90
CA GLY B 792 10.42 27.57 21.71
C GLY B 792 10.69 26.78 20.42
N LYS B 793 10.85 25.45 20.50
CA LYS B 793 11.28 24.68 19.34
C LYS B 793 10.09 24.30 18.45
N GLY B 794 10.29 24.47 17.12
CA GLY B 794 9.40 23.97 16.08
C GLY B 794 9.08 22.49 16.25
N GLN B 795 7.78 22.14 16.19
CA GLN B 795 7.25 20.80 16.41
C GLN B 795 6.25 20.46 15.31
N ARG B 796 5.92 19.17 15.20
CA ARG B 796 4.97 18.65 14.23
C ARG B 796 5.49 18.87 12.80
N THR B 797 4.58 19.01 11.81
CA THR B 797 4.94 18.92 10.39
C THR B 797 5.88 20.06 9.94
N GLN B 798 6.97 19.71 9.24
CA GLN B 798 7.92 20.71 8.74
C GLN B 798 7.46 21.21 7.38
N HIS B 799 8.09 22.29 6.91
CA HIS B 799 7.81 22.83 5.59
C HIS B 799 6.44 23.52 5.55
N PHE B 800 6.03 24.13 6.66
CA PHE B 800 4.64 24.57 6.78
C PHE B 800 4.48 25.98 6.22
N THR B 801 4.41 26.08 4.90
CA THR B 801 4.27 27.40 4.32
C THR B 801 3.15 27.38 3.29
N GLY B 802 1.89 27.31 3.78
CA GLY B 802 1.57 27.23 5.20
C GLY B 802 1.45 28.61 5.84
N TRP B 803 0.57 28.73 6.84
CA TRP B 803 0.26 30.03 7.39
C TRP B 803 1.39 30.57 8.24
N THR B 804 2.34 29.72 8.58
CA THR B 804 3.49 30.19 9.32
C THR B 804 4.18 31.32 8.56
N SER B 805 4.02 31.33 7.22
CA SER B 805 4.61 32.40 6.43
C SER B 805 3.98 33.75 6.74
N LEU B 806 2.93 33.76 7.59
CA LEU B 806 2.31 35.00 8.00
C LEU B 806 3.34 35.90 8.67
N VAL B 807 4.45 35.30 9.11
CA VAL B 807 5.50 36.01 9.79
C VAL B 807 6.02 37.17 8.95
N VAL B 808 6.06 36.99 7.62
CA VAL B 808 6.47 38.09 6.75
C VAL B 808 5.62 39.36 7.01
N LYS B 809 4.31 39.18 7.22
CA LYS B 809 3.46 40.36 7.36
C LYS B 809 3.70 40.94 8.76
N ILE B 810 4.00 40.06 9.72
CA ILE B 810 4.20 40.51 11.09
C ILE B 810 5.41 41.44 11.18
N MET B 811 6.41 41.23 10.31
CA MET B 811 7.59 42.07 10.29
C MET B 811 7.36 43.35 9.50
N SER B 812 6.30 43.39 8.68
CA SER B 812 6.12 44.49 7.74
C SER B 812 5.37 45.67 8.36
N GLY B 813 4.61 45.41 9.45
CA GLY B 813 3.75 46.41 10.08
C GLY B 813 2.43 46.62 9.33
N HIS B 814 1.48 47.38 9.91
CA HIS B 814 0.14 47.43 9.31
C HIS B 814 -0.18 48.84 8.83
N1 WAS C . -10.11 -22.01 -6.46
N3 WAS C . -6.58 -17.09 -11.15
C4 WAS C . -10.48 -22.48 -3.55
C5 WAS C . -10.90 -23.48 -4.64
C6 WAS C . -10.01 -23.39 -5.90
C7 WAS C . -6.70 -22.95 -3.99
C8 WAS C . -9.94 -21.98 -7.92
C10 WAS C . -7.36 -19.67 -8.52
C13 WAS C . -7.10 -17.98 -12.17
C15 WAS C . -8.96 -18.83 -13.47
C17 WAS C . -6.73 -19.65 -13.86
C1 WAS C . -8.58 -23.69 -5.45
C11 WAS C . -6.46 -17.51 -8.76
C12 WAS C . -7.27 -16.86 -9.90
C14 WAS C . -8.46 -17.98 -12.47
C16 WAS C . -8.09 -19.69 -14.17
C18 WAS C . -6.21 -18.80 -12.87
C2 WAS C . -8.16 -22.71 -4.35
C3 WAS C . -9.04 -22.76 -3.12
C9 WAS C . -9.82 -20.56 -8.44
N2 WAS C . -8.54 -20.33 -9.12
N4 WAS C . -4.77 -18.84 -12.62
N5 WAS C . -8.55 -20.61 -15.22
N6 WAS C . -7.81 -21.76 -15.62
N7 WAS C . -8.50 -22.61 -16.55
O1 WAS C . -6.57 -24.29 -3.55
O2 WAS C . -8.41 -21.43 -4.82
O3 WAS C . -8.63 -21.80 -2.18
O4 WAS C . -11.29 -22.73 -2.43
O5 WAS C . -12.26 -23.34 -4.99
O6 WAS C . -7.31 -18.36 -8.02
O7 WAS C . -6.36 -20.24 -8.46
O8 WAS C . -3.91 -19.38 -13.62
O9 WAS C . -4.22 -18.38 -11.40
C1 GOL D . -14.63 -43.46 21.33
O1 GOL D . -15.95 -43.35 21.87
C2 GOL D . -14.68 -43.62 19.82
O2 GOL D . -13.55 -43.03 19.18
C3 GOL D . -14.76 -45.06 19.38
O3 GOL D . -14.23 -45.14 18.06
S SO4 E . 10.11 -8.62 -6.73
O1 SO4 E . 8.71 -8.48 -6.33
O2 SO4 E . 10.47 -10.00 -6.83
O3 SO4 E . 10.27 -8.04 -8.04
O4 SO4 E . 10.98 -7.99 -5.77
S SO4 F . 40.28 -31.60 -10.36
O1 SO4 F . 38.93 -31.80 -9.85
O2 SO4 F . 41.18 -32.46 -9.65
O3 SO4 F . 40.68 -30.23 -10.16
O4 SO4 F . 40.31 -31.91 -11.78
S SO4 G . -1.03 -8.55 2.61
O1 SO4 G . -1.33 -9.71 3.39
O2 SO4 G . -1.74 -8.64 1.36
O3 SO4 G . -1.46 -7.36 3.35
O4 SO4 G . 0.38 -8.47 2.34
S SO4 H . 25.07 -9.51 2.04
O1 SO4 H . 24.37 -9.97 3.22
O2 SO4 H . 24.84 -10.45 0.98
O3 SO4 H . 24.60 -8.20 1.63
O4 SO4 H . 26.48 -9.44 2.31
N1 WAS I . -5.03 19.45 10.69
N3 WAS I . -5.24 13.65 7.09
C4 WAS I . -5.89 22.19 10.56
C5 WAS I . -4.73 21.73 11.46
C6 WAS I . -4.04 20.52 10.82
C7 WAS I . -3.98 21.85 7.18
C8 WAS I . -4.48 18.14 11.10
C10 WAS I . -5.96 16.05 8.33
C13 WAS I . -4.07 12.77 6.98
C15 WAS I . -2.21 11.90 5.73
C17 WAS I . -2.57 11.11 7.96
C1 WAS I . -3.49 20.88 9.44
C11 WAS I . -6.22 15.63 5.94
C12 WAS I . -6.03 14.11 5.94
C14 WAS I . -3.31 12.75 5.81
C16 WAS I . -1.82 11.07 6.79
C18 WAS I . -3.69 11.95 8.06
C2 WAS I . -4.58 21.44 8.51
C3 WAS I . -5.36 22.59 9.16
C9 WAS I . -5.47 17.05 10.67
N2 WAS I . -5.05 16.33 9.45
N4 WAS I . -4.44 11.95 9.32
N5 WAS I . -0.66 10.17 6.69
N6 WAS I . -0.39 9.38 5.52
N7 WAS I . 0.67 8.42 5.68
O1 WAS I . -2.93 22.76 7.43
O2 WAS I . -5.52 20.45 8.24
O3 WAS I . -6.48 22.88 8.38
O4 WAS I . -6.46 23.33 11.11
O5 WAS I . -5.16 21.50 12.80
O6 WAS I . -5.49 16.22 7.00
O7 WAS I . -7.09 15.70 8.50
O8 WAS I . -5.53 12.82 9.53
O9 WAS I . -4.02 11.08 10.34
C1 GOL J . -4.42 43.17 7.99
O1 GOL J . -4.24 41.79 7.66
C2 GOL J . -3.24 44.05 7.61
O2 GOL J . -2.00 43.48 8.06
C3 GOL J . -3.11 44.37 6.14
O3 GOL J . -2.12 45.36 5.96
C1 BTB K . 3.93 1.18 -24.61
O1 BTB K . 4.58 1.61 -25.80
C2 BTB K . 4.14 -0.31 -24.32
C3 BTB K . 2.99 -1.08 -25.02
O3 BTB K . 2.83 -2.43 -24.61
C4 BTB K . 5.54 -0.74 -24.80
O4 BTB K . 5.57 -1.72 -25.83
N BTB K . 4.07 -0.55 -22.78
C5 BTB K . 2.81 -0.12 -22.10
C6 BTB K . 2.01 -1.29 -21.54
O6 BTB K . 0.85 -0.82 -20.88
C7 BTB K . 5.34 -0.32 -21.99
C8 BTB K . 5.69 -1.52 -21.16
O8 BTB K . 4.75 -2.59 -21.42
S SO4 L . -9.90 11.17 -11.28
O1 SO4 L . -10.41 10.74 -10.01
O2 SO4 L . -10.48 10.39 -12.31
O3 SO4 L . -10.27 12.51 -11.55
O4 SO4 L . -8.46 11.06 -11.28
S SO4 M . 22.79 13.09 -31.85
O1 SO4 M . 21.76 12.90 -32.86
O2 SO4 M . 23.32 11.81 -31.48
O3 SO4 M . 22.25 13.73 -30.67
O4 SO4 M . 23.84 13.90 -32.39
S SO4 N . 8.14 39.32 27.49
O1 SO4 N . 7.75 39.50 28.86
O2 SO4 N . 7.85 37.97 27.09
O3 SO4 N . 7.43 40.27 26.66
O4 SO4 N . 9.55 39.57 27.37
S SO4 O . -16.80 21.06 -3.60
O1 SO4 O . -18.20 21.21 -3.91
O2 SO4 O . -16.35 19.72 -3.89
O3 SO4 O . -16.58 21.38 -2.21
O4 SO4 O . -16.03 21.97 -4.40
S SO4 P . -12.98 10.68 19.00
O1 SO4 P . -14.35 10.37 19.36
O2 SO4 P . -12.07 10.03 19.91
O3 SO4 P . -12.78 12.10 19.09
O4 SO4 P . -12.72 10.23 17.65
#